data_4KWW
#
_entry.id   4KWW
#
_cell.length_a   179.837
_cell.length_b   179.837
_cell.length_c   121.371
_cell.angle_alpha   90.00
_cell.angle_beta   90.00
_cell.angle_gamma   120.00
#
_symmetry.space_group_name_H-M   'P 32 2 1'
#
loop_
_entity.id
_entity.type
_entity.pdbx_description
1 polymer 'Nicotinate-nucleotide pyrophosphorylase [carboxylating]'
2 non-polymer 'PHTHALIC ACID'
3 water water
#
_entity_poly.entity_id   1
_entity_poly.type   'polypeptide(L)'
_entity_poly.pdbx_seq_one_letter_code
;GPGSMDAEGLALLLPPVTLAALVDSWLREDCPGLNYAALVSGAGPSQAALWAKSPGVLAGQPFFDAIFTQLNCQVSWFLP
EGSKLVPVARVAEVRGPAHCLLLGERVALNTLARCSGIASAAAAAVEAARGAGWTGHVAGTRKTTPGFRLVEKYGLLVGG
AASHRYDLGGLVMVKDNHVVAAGGVEKAVRAARQAADFTLKVEVECSSLQEAVQAAEAGADLVLLDNFKPEELHPTATVL
KAQFPSVAVEASGGITLDNLPQFCGPHIDVISMGMLTQAAPALDFSLKLFAKEVAPVPKIH
;
_entity_poly.pdbx_strand_id   A,B,C,D,E,F
#
# COMPACT_ATOMS: atom_id res chain seq x y z
N ASP A 6 -3.42 32.84 -13.66
CA ASP A 6 -1.97 32.71 -13.35
C ASP A 6 -1.65 31.26 -13.07
N ALA A 7 -0.58 30.82 -13.71
CA ALA A 7 0.02 29.50 -13.56
C ALA A 7 0.65 29.23 -12.16
N GLU A 8 1.12 30.30 -11.51
CA GLU A 8 1.69 30.19 -10.16
C GLU A 8 0.66 29.61 -9.13
N GLY A 9 -0.63 29.86 -9.36
CA GLY A 9 -1.70 29.38 -8.49
C GLY A 9 -2.13 27.94 -8.71
N LEU A 10 -1.69 27.32 -9.81
CA LEU A 10 -2.20 26.00 -10.21
C LEU A 10 -1.75 24.91 -9.24
N ALA A 11 -0.64 25.14 -8.52
CA ALA A 11 -0.12 24.15 -7.58
C ALA A 11 -1.15 23.84 -6.50
N LEU A 12 -2.05 24.78 -6.22
CA LEU A 12 -3.06 24.62 -5.20
C LEU A 12 -4.06 23.51 -5.50
N LEU A 13 -4.16 23.14 -6.78
CA LEU A 13 -5.08 22.12 -7.24
C LEU A 13 -4.67 20.72 -6.82
N LEU A 14 -3.40 20.55 -6.49
CA LEU A 14 -2.84 19.24 -6.34
C LEU A 14 -3.28 18.57 -5.02
N PRO A 15 -3.81 17.33 -5.09
CA PRO A 15 -4.09 16.55 -3.84
C PRO A 15 -2.80 16.14 -3.13
N PRO A 16 -2.52 16.67 -1.93
CA PRO A 16 -1.19 16.41 -1.32
C PRO A 16 -0.88 14.93 -0.96
N VAL A 17 -1.93 14.17 -0.60
CA VAL A 17 -1.75 12.76 -0.26
C VAL A 17 -1.31 11.98 -1.48
N THR A 18 -2.01 12.20 -2.59
CA THR A 18 -1.66 11.59 -3.89
C THR A 18 -0.24 11.98 -4.39
N LEU A 19 0.10 13.27 -4.24
CA LEU A 19 1.43 13.75 -4.55
C LEU A 19 2.54 12.99 -3.82
N ALA A 20 2.42 12.92 -2.51
CA ALA A 20 3.47 12.32 -1.64
C ALA A 20 3.70 10.84 -2.01
N ALA A 21 2.60 10.15 -2.31
CA ALA A 21 2.62 8.73 -2.68
C ALA A 21 3.27 8.52 -4.04
N LEU A 22 2.94 9.43 -4.97
CA LEU A 22 3.53 9.46 -6.29
C LEU A 22 5.06 9.58 -6.22
N VAL A 23 5.51 10.64 -5.55
CA VAL A 23 6.92 10.85 -5.30
C VAL A 23 7.61 9.61 -4.73
N ASP A 24 7.09 9.07 -3.63
CA ASP A 24 7.67 7.83 -3.07
C ASP A 24 7.77 6.72 -4.10
N SER A 25 6.70 6.48 -4.86
CA SER A 25 6.76 5.37 -5.78
C SER A 25 7.75 5.60 -6.91
N TRP A 26 7.99 6.85 -7.27
CA TRP A 26 9.01 7.15 -8.29
C TRP A 26 10.42 6.88 -7.83
N LEU A 27 10.71 7.28 -6.59
CA LEU A 27 12.02 7.04 -6.05
C LEU A 27 12.27 5.56 -5.83
N ARG A 28 11.25 4.85 -5.33
CA ARG A 28 11.34 3.40 -5.20
C ARG A 28 11.62 2.71 -6.54
N GLU A 29 11.01 3.21 -7.60
CA GLU A 29 11.20 2.64 -8.91
C GLU A 29 12.62 2.79 -9.36
N ASP A 30 13.19 3.98 -9.14
CA ASP A 30 14.58 4.30 -9.60
C ASP A 30 15.69 3.67 -8.73
N CYS A 31 15.44 3.48 -7.43
CA CYS A 31 16.40 2.82 -6.58
C CYS A 31 15.75 1.94 -5.47
N PRO A 32 15.40 0.68 -5.80
CA PRO A 32 14.70 -0.16 -4.78
C PRO A 32 15.61 -0.65 -3.67
N GLY A 33 16.89 -0.92 -3.96
CA GLY A 33 17.84 -1.44 -2.95
C GLY A 33 18.99 -0.49 -2.63
N LEU A 34 20.18 -1.05 -2.44
CA LEU A 34 21.40 -0.29 -2.12
C LEU A 34 21.79 0.64 -3.25
N ASN A 35 22.21 1.88 -2.90
CA ASN A 35 22.72 2.84 -3.90
C ASN A 35 24.24 3.06 -3.76
N TYR A 36 25.04 2.22 -4.42
CA TYR A 36 26.49 2.30 -4.20
C TYR A 36 27.11 3.64 -4.61
N ALA A 37 26.57 4.27 -5.65
CA ALA A 37 27.04 5.58 -6.10
C ALA A 37 27.06 6.65 -4.96
N ALA A 38 26.21 6.51 -3.96
CA ALA A 38 26.15 7.50 -2.91
C ALA A 38 27.50 7.65 -2.22
N LEU A 39 28.27 6.56 -2.08
CA LEU A 39 29.62 6.67 -1.49
C LEU A 39 30.61 7.46 -2.36
N VAL A 40 30.33 7.58 -3.66
CA VAL A 40 31.18 8.35 -4.53
C VAL A 40 31.01 9.85 -4.26
N SER A 41 29.79 10.29 -4.02
CA SER A 41 29.50 11.73 -3.83
C SER A 41 29.59 12.18 -2.38
N GLY A 42 29.28 11.28 -1.44
CA GLY A 42 29.37 11.62 -0.02
C GLY A 42 28.18 12.49 0.40
N ALA A 43 28.25 13.04 1.61
CA ALA A 43 27.12 13.77 2.18
C ALA A 43 27.39 15.26 2.32
N GLY A 44 28.54 15.69 1.79
CA GLY A 44 28.88 17.11 1.83
C GLY A 44 27.78 17.99 1.22
N PRO A 45 27.43 19.10 1.90
CA PRO A 45 26.45 20.02 1.33
C PRO A 45 26.91 20.46 -0.05
N SER A 46 25.98 20.56 -1.00
CA SER A 46 26.29 20.93 -2.37
C SER A 46 25.17 21.74 -3.05
N GLN A 47 25.43 22.18 -4.28
CA GLN A 47 24.54 23.06 -5.00
C GLN A 47 24.62 22.63 -6.43
N ALA A 48 23.46 22.65 -7.10
CA ALA A 48 23.38 22.27 -8.49
C ALA A 48 22.50 23.28 -9.17
N ALA A 49 22.85 23.61 -10.41
CA ALA A 49 22.11 24.55 -11.23
C ALA A 49 21.21 23.75 -12.18
N LEU A 50 19.97 24.21 -12.31
CA LEU A 50 19.04 23.63 -13.26
C LEU A 50 19.02 24.46 -14.54
N TRP A 51 19.31 23.77 -15.65
CA TRP A 51 19.44 24.38 -16.97
C TRP A 51 18.36 23.94 -17.90
N ALA A 52 17.73 24.93 -18.53
CA ALA A 52 16.78 24.66 -19.59
C ALA A 52 17.54 24.73 -20.92
N LYS A 53 17.55 23.63 -21.63
CA LYS A 53 18.13 23.63 -22.94
C LYS A 53 17.17 23.60 -24.12
N SER A 54 15.86 23.74 -23.85
CA SER A 54 14.85 23.68 -24.91
C SER A 54 13.96 24.90 -24.84
N PRO A 55 13.44 25.34 -25.98
CA PRO A 55 12.42 26.41 -25.88
C PRO A 55 11.08 25.80 -25.47
N GLY A 56 10.16 26.61 -24.98
CA GLY A 56 8.80 26.18 -24.62
C GLY A 56 8.39 26.76 -23.27
N VAL A 57 7.57 26.01 -22.52
CA VAL A 57 6.98 26.49 -21.28
C VAL A 57 7.45 25.64 -20.09
N LEU A 58 7.89 26.32 -19.02
CA LEU A 58 8.26 25.63 -17.80
C LEU A 58 7.03 25.18 -17.01
N ALA A 59 6.97 23.89 -16.68
CA ALA A 59 5.87 23.33 -15.85
C ALA A 59 6.33 22.10 -15.08
N GLY A 60 5.86 21.95 -13.84
CA GLY A 60 6.24 20.82 -13.00
C GLY A 60 6.96 21.20 -11.71
N GLN A 61 7.17 22.48 -11.46
CA GLN A 61 7.80 22.88 -10.19
C GLN A 61 7.31 22.14 -8.93
N PRO A 62 5.96 22.02 -8.70
CA PRO A 62 5.50 21.32 -7.48
C PRO A 62 6.01 19.91 -7.39
N PHE A 63 6.15 19.24 -8.52
CA PHE A 63 6.59 17.87 -8.50
C PHE A 63 8.09 17.80 -8.23
N PHE A 64 8.84 18.59 -8.99
CA PHE A 64 10.28 18.77 -8.80
C PHE A 64 10.58 19.08 -7.32
N ASP A 65 9.83 20.02 -6.75
CA ASP A 65 10.02 20.37 -5.33
C ASP A 65 9.72 19.20 -4.42
N ALA A 66 8.57 18.54 -4.60
CA ALA A 66 8.20 17.46 -3.70
C ALA A 66 9.25 16.31 -3.75
N ILE A 67 9.83 16.03 -4.93
CA ILE A 67 10.92 15.04 -5.01
C ILE A 67 12.08 15.46 -4.14
N PHE A 68 12.52 16.70 -4.27
CA PHE A 68 13.69 17.15 -3.54
C PHE A 68 13.49 17.38 -2.05
N THR A 69 12.28 17.78 -1.66
CA THR A 69 11.93 17.90 -0.24
C THR A 69 11.99 16.53 0.48
N GLN A 70 11.44 15.49 -0.15
CA GLN A 70 11.60 14.14 0.36
C GLN A 70 13.06 13.82 0.63
N LEU A 71 13.96 14.31 -0.23
CA LEU A 71 15.35 13.94 -0.12
C LEU A 71 16.15 15.01 0.66
N ASN A 72 15.45 15.85 1.42
CA ASN A 72 16.06 16.90 2.28
C ASN A 72 16.90 17.90 1.51
N CYS A 73 16.43 18.27 0.33
CA CYS A 73 17.07 19.29 -0.49
C CYS A 73 16.10 20.43 -0.67
N GLN A 74 16.62 21.62 -0.93
CA GLN A 74 15.78 22.80 -1.17
C GLN A 74 16.00 23.28 -2.59
N VAL A 75 14.98 23.93 -3.13
CA VAL A 75 15.02 24.42 -4.48
C VAL A 75 14.72 25.93 -4.45
N SER A 76 15.47 26.71 -5.23
CA SER A 76 15.11 28.11 -5.54
C SER A 76 14.89 28.31 -7.04
N TRP A 77 13.72 28.82 -7.37
CA TRP A 77 13.33 29.04 -8.73
C TRP A 77 13.70 30.46 -9.09
N PHE A 78 14.32 30.63 -10.24
CA PHE A 78 14.54 31.97 -10.82
C PHE A 78 13.49 32.35 -11.87
N LEU A 79 12.64 31.40 -12.24
CA LEU A 79 11.53 31.66 -13.13
C LEU A 79 10.26 31.10 -12.50
N PRO A 80 9.15 31.86 -12.55
CA PRO A 80 7.89 31.29 -12.05
C PRO A 80 7.33 30.17 -12.98
N GLU A 81 6.56 29.25 -12.38
CA GLU A 81 5.82 28.22 -13.09
C GLU A 81 5.10 28.87 -14.28
N GLY A 82 5.29 28.33 -15.49
CA GLY A 82 4.57 28.89 -16.62
C GLY A 82 5.36 29.83 -17.50
N SER A 83 6.52 30.29 -17.05
CA SER A 83 7.41 31.15 -17.87
C SER A 83 7.81 30.53 -19.18
N LYS A 84 8.06 31.39 -20.18
CA LYS A 84 8.53 30.95 -21.48
C LYS A 84 9.99 30.58 -21.22
N LEU A 85 10.48 29.57 -21.89
CA LEU A 85 11.87 29.17 -21.73
C LEU A 85 12.60 29.53 -23.00
N VAL A 86 13.69 30.30 -22.81
CA VAL A 86 14.62 30.64 -23.89
C VAL A 86 15.97 30.05 -23.55
N PRO A 87 16.32 28.94 -24.20
CA PRO A 87 17.58 28.22 -23.89
C PRO A 87 18.82 29.09 -24.25
N VAL A 88 19.98 28.88 -23.64
CA VAL A 88 20.16 28.05 -22.46
C VAL A 88 19.96 28.89 -21.20
N ALA A 89 18.97 28.56 -20.37
CA ALA A 89 18.64 29.41 -19.22
C ALA A 89 18.85 28.73 -17.87
N ARG A 90 19.33 29.49 -16.91
CA ARG A 90 19.47 29.04 -15.54
C ARG A 90 18.11 29.26 -14.87
N VAL A 91 17.43 28.14 -14.57
CA VAL A 91 16.05 28.13 -14.12
C VAL A 91 15.97 28.02 -12.61
N ALA A 92 16.91 27.34 -12.01
CA ALA A 92 16.78 27.12 -10.57
C ALA A 92 18.08 26.68 -9.97
N GLU A 93 18.09 26.67 -8.63
CA GLU A 93 19.22 26.14 -7.90
C GLU A 93 18.69 25.17 -6.88
N VAL A 94 19.37 24.02 -6.76
CA VAL A 94 19.00 22.98 -5.79
C VAL A 94 20.13 22.79 -4.80
N ARG A 95 19.81 22.69 -3.52
CA ARG A 95 20.84 22.53 -2.46
C ARG A 95 20.54 21.38 -1.52
N GLY A 96 21.58 20.69 -1.06
CA GLY A 96 21.42 19.62 -0.05
C GLY A 96 22.64 18.75 -0.09
N PRO A 97 22.65 17.66 0.69
CA PRO A 97 23.74 16.69 0.70
C PRO A 97 23.91 16.15 -0.69
N ALA A 98 25.16 16.01 -1.12
CA ALA A 98 25.51 15.66 -2.50
C ALA A 98 24.80 14.37 -2.97
N HIS A 99 24.82 13.32 -2.16
CA HIS A 99 24.23 12.07 -2.61
C HIS A 99 22.70 12.19 -2.75
N CYS A 100 22.06 12.96 -1.88
CA CYS A 100 20.65 13.27 -2.05
C CYS A 100 20.36 13.99 -3.39
N LEU A 101 21.21 14.94 -3.77
CA LEU A 101 20.95 15.68 -5.01
C LEU A 101 21.02 14.71 -6.14
N LEU A 102 22.03 13.85 -6.10
CA LEU A 102 22.32 12.95 -7.23
C LEU A 102 21.31 11.78 -7.31
N LEU A 103 20.74 11.43 -6.16
CA LEU A 103 19.71 10.44 -6.11
C LEU A 103 18.42 10.96 -6.73
N GLY A 104 18.09 12.22 -6.51
CA GLY A 104 16.86 12.77 -7.06
C GLY A 104 16.92 13.31 -8.47
N GLU A 105 18.13 13.58 -8.94
CA GLU A 105 18.36 14.25 -10.19
C GLU A 105 17.52 13.68 -11.37
N ARG A 106 17.69 12.40 -11.67
CA ARG A 106 17.08 11.84 -12.87
C ARG A 106 15.55 11.84 -12.84
N VAL A 107 14.99 11.43 -11.73
CA VAL A 107 13.55 11.42 -11.55
C VAL A 107 12.97 12.82 -11.61
N ALA A 108 13.65 13.78 -10.99
CA ALA A 108 13.15 15.15 -11.01
C ALA A 108 13.21 15.75 -12.41
N LEU A 109 14.29 15.49 -13.15
CA LEU A 109 14.42 16.02 -14.51
C LEU A 109 13.42 15.32 -15.41
N ASN A 110 13.23 14.01 -15.22
CA ASN A 110 12.27 13.26 -16.02
C ASN A 110 10.87 13.83 -15.87
N THR A 111 10.50 14.18 -14.63
CA THR A 111 9.18 14.72 -14.37
C THR A 111 9.04 16.11 -15.03
N LEU A 112 10.07 16.94 -14.88
CA LEU A 112 9.96 18.33 -15.30
C LEU A 112 9.98 18.36 -16.82
N ALA A 113 10.75 17.46 -17.39
CA ALA A 113 10.89 17.38 -18.83
C ALA A 113 9.51 17.08 -19.49
N ARG A 114 8.77 16.13 -18.91
CA ARG A 114 7.55 15.68 -19.53
C ARG A 114 6.46 16.71 -19.30
N CYS A 115 6.39 17.18 -18.05
CA CYS A 115 5.37 18.16 -17.67
C CYS A 115 5.54 19.41 -18.56
N SER A 116 6.78 19.84 -18.71
CA SER A 116 7.12 20.98 -19.54
C SER A 116 6.89 20.73 -21.01
N GLY A 117 7.20 19.53 -21.47
CA GLY A 117 6.91 19.11 -22.86
C GLY A 117 5.42 19.24 -23.19
N ILE A 118 4.57 18.74 -22.29
CA ILE A 118 3.10 18.83 -22.44
C ILE A 118 2.60 20.27 -22.36
N ALA A 119 3.04 21.00 -21.34
CA ALA A 119 2.67 22.44 -21.27
C ALA A 119 3.11 23.20 -22.53
N SER A 120 4.25 22.86 -23.11
CA SER A 120 4.72 23.55 -24.32
C SER A 120 3.80 23.31 -25.53
N ALA A 121 3.48 22.04 -25.75
CA ALA A 121 2.55 21.68 -26.80
C ALA A 121 1.15 22.32 -26.55
N ALA A 122 0.69 22.34 -25.31
CA ALA A 122 -0.60 22.99 -25.03
C ALA A 122 -0.56 24.50 -25.39
N ALA A 123 0.52 25.17 -25.00
CA ALA A 123 0.65 26.60 -25.22
C ALA A 123 0.73 26.90 -26.72
N ALA A 124 1.37 26.01 -27.48
CA ALA A 124 1.50 26.26 -28.94
C ALA A 124 0.10 26.15 -29.54
N ALA A 125 -0.64 25.13 -29.10
CA ALA A 125 -2.01 24.95 -29.55
C ALA A 125 -2.88 26.13 -29.13
N VAL A 126 -2.75 26.61 -27.90
CA VAL A 126 -3.55 27.78 -27.46
C VAL A 126 -3.20 29.05 -28.28
N GLU A 127 -1.93 29.19 -28.61
CA GLU A 127 -1.47 30.31 -29.39
C GLU A 127 -2.04 30.25 -30.83
N ALA A 128 -1.92 29.10 -31.50
CA ALA A 128 -2.49 28.94 -32.83
C ALA A 128 -4.00 29.20 -32.88
N ALA A 129 -4.77 28.70 -31.89
CA ALA A 129 -6.20 29.02 -31.78
C ALA A 129 -6.49 30.51 -31.59
N ARG A 130 -5.72 31.16 -30.71
CA ARG A 130 -5.91 32.58 -30.45
C ARG A 130 -5.63 33.32 -31.77
N GLY A 131 -4.53 32.95 -32.44
CA GLY A 131 -4.18 33.57 -33.70
C GLY A 131 -5.21 33.39 -34.81
N ALA A 132 -6.08 32.39 -34.69
CA ALA A 132 -7.14 32.18 -35.66
C ALA A 132 -8.45 32.80 -35.16
N GLY A 133 -8.35 33.67 -34.15
CA GLY A 133 -9.53 34.37 -33.63
C GLY A 133 -10.46 33.58 -32.70
N TRP A 134 -10.07 32.36 -32.33
CA TRP A 134 -10.93 31.47 -31.56
C TRP A 134 -10.83 31.66 -30.06
N THR A 135 -11.99 31.76 -29.41
CA THR A 135 -12.05 32.00 -27.94
C THR A 135 -12.25 30.76 -27.02
N GLY A 136 -12.67 29.61 -27.55
CA GLY A 136 -12.99 28.44 -26.72
C GLY A 136 -11.80 27.77 -26.03
N HIS A 137 -12.04 26.58 -25.50
CA HIS A 137 -11.06 25.82 -24.74
C HIS A 137 -10.37 24.78 -25.58
N VAL A 138 -9.06 24.87 -25.59
CA VAL A 138 -8.24 23.77 -26.04
C VAL A 138 -8.11 22.79 -24.87
N ALA A 139 -8.34 21.52 -25.15
CA ALA A 139 -8.43 20.52 -24.09
C ALA A 139 -7.61 19.22 -24.39
N GLY A 140 -7.24 18.51 -23.34
CA GLY A 140 -6.60 17.21 -23.47
C GLY A 140 -7.67 16.14 -23.45
N THR A 141 -7.24 14.91 -23.18
CA THR A 141 -8.08 13.77 -23.30
C THR A 141 -7.67 12.83 -22.19
N ARG A 142 -8.14 11.59 -22.23
CA ARG A 142 -7.71 10.57 -21.28
C ARG A 142 -6.57 9.78 -21.85
N LYS A 143 -5.97 10.31 -22.91
CA LYS A 143 -4.83 9.60 -23.55
C LYS A 143 -3.51 9.95 -22.87
N THR A 144 -3.38 9.52 -21.63
CA THR A 144 -2.30 9.91 -20.78
C THR A 144 -1.45 8.69 -20.41
N THR A 145 -0.21 8.88 -19.99
CA THR A 145 0.56 7.72 -19.59
C THR A 145 0.00 7.17 -18.28
N PRO A 146 -0.41 5.89 -18.30
CA PRO A 146 -0.93 5.31 -17.04
C PRO A 146 -0.04 5.58 -15.82
N GLY A 147 -0.63 5.92 -14.69
CA GLY A 147 0.10 6.18 -13.47
C GLY A 147 0.64 7.59 -13.39
N PHE A 148 0.58 8.36 -14.47
CA PHE A 148 1.26 9.62 -14.55
C PHE A 148 0.26 10.69 -14.94
N ARG A 149 -1.04 10.38 -14.88
CA ARG A 149 -2.02 11.38 -15.25
C ARG A 149 -1.88 12.75 -14.53
N LEU A 150 -1.53 12.73 -13.24
CA LEU A 150 -1.61 13.92 -12.44
C LEU A 150 -0.67 14.97 -13.05
N VAL A 151 0.49 14.52 -13.47
CA VAL A 151 1.53 15.42 -13.96
C VAL A 151 1.12 15.95 -15.33
N GLU A 152 0.56 15.05 -16.15
CA GLU A 152 0.19 15.33 -17.49
C GLU A 152 -0.97 16.29 -17.55
N LYS A 153 -2.02 16.07 -16.77
CA LYS A 153 -3.15 17.00 -16.76
C LYS A 153 -2.72 18.34 -16.17
N TYR A 154 -1.80 18.34 -15.22
CA TYR A 154 -1.38 19.57 -14.63
C TYR A 154 -0.55 20.37 -15.65
N GLY A 155 0.29 19.65 -16.41
CA GLY A 155 1.05 20.27 -17.53
C GLY A 155 0.18 20.98 -18.55
N LEU A 156 -0.91 20.33 -18.96
CA LEU A 156 -1.93 20.93 -19.81
C LEU A 156 -2.42 22.27 -19.23
N LEU A 157 -2.77 22.26 -17.95
CA LEU A 157 -3.29 23.48 -17.34
C LEU A 157 -2.25 24.60 -17.37
N VAL A 158 -0.99 24.23 -17.13
CA VAL A 158 0.06 25.22 -17.08
C VAL A 158 0.16 25.84 -18.47
N GLY A 159 -0.07 25.03 -19.50
CA GLY A 159 0.07 25.52 -20.89
C GLY A 159 -1.11 26.35 -21.37
N GLY A 160 -2.11 26.53 -20.52
CA GLY A 160 -3.33 27.23 -20.88
C GLY A 160 -4.43 26.33 -21.52
N ALA A 161 -4.23 25.02 -21.59
CA ALA A 161 -5.28 24.20 -22.09
C ALA A 161 -6.17 23.72 -20.94
N ALA A 162 -7.42 23.34 -21.22
CA ALA A 162 -8.24 22.68 -20.19
C ALA A 162 -7.83 21.24 -20.12
N SER A 163 -8.00 20.63 -18.96
CA SER A 163 -7.55 19.27 -18.81
C SER A 163 -8.58 18.27 -19.34
N HIS A 164 -9.82 18.74 -19.51
CA HIS A 164 -10.97 17.85 -19.75
C HIS A 164 -11.21 16.99 -18.50
N ARG A 165 -12.21 16.09 -18.49
CA ARG A 165 -12.49 15.29 -17.29
C ARG A 165 -11.20 14.62 -16.81
N TYR A 166 -10.97 14.69 -15.50
CA TYR A 166 -9.78 14.09 -14.94
C TYR A 166 -9.78 12.52 -15.03
N ASP A 167 -10.94 11.91 -14.83
CA ASP A 167 -11.09 10.44 -14.86
C ASP A 167 -12.55 10.08 -15.14
N LEU A 168 -12.88 8.79 -15.09
CA LEU A 168 -14.26 8.32 -15.38
C LEU A 168 -15.32 8.87 -14.48
N GLY A 169 -14.92 9.41 -13.32
CA GLY A 169 -15.85 9.87 -12.29
C GLY A 169 -16.31 11.31 -12.46
N GLY A 170 -15.65 12.05 -13.36
CA GLY A 170 -15.82 13.51 -13.55
C GLY A 170 -16.94 13.95 -14.50
N LEU A 171 -17.35 13.06 -15.41
CA LEU A 171 -18.28 13.38 -16.46
C LEU A 171 -18.67 11.98 -16.98
N VAL A 172 -19.85 11.86 -17.59
CA VAL A 172 -20.25 10.57 -18.17
C VAL A 172 -20.12 10.82 -19.65
N MET A 173 -19.28 10.00 -20.28
CA MET A 173 -19.01 10.15 -21.70
C MET A 173 -19.51 8.93 -22.46
N VAL A 174 -20.55 9.11 -23.27
CA VAL A 174 -21.06 8.04 -24.12
C VAL A 174 -20.27 8.04 -25.41
N LYS A 175 -19.67 6.92 -25.74
CA LYS A 175 -18.88 6.82 -26.96
C LYS A 175 -19.50 5.78 -27.88
N ASP A 176 -18.92 5.65 -29.08
CA ASP A 176 -19.36 4.69 -30.08
C ASP A 176 -19.60 3.31 -29.45
N ASN A 177 -18.67 2.87 -28.62
CA ASN A 177 -18.81 1.58 -27.98
C ASN A 177 -20.00 1.50 -27.03
N HIS A 178 -20.33 2.60 -26.36
CA HIS A 178 -21.53 2.61 -25.52
C HIS A 178 -22.77 2.51 -26.37
N VAL A 179 -22.77 3.26 -27.49
CA VAL A 179 -23.89 3.29 -28.42
C VAL A 179 -24.14 1.87 -28.95
N VAL A 180 -23.09 1.21 -29.40
CA VAL A 180 -23.23 -0.16 -29.79
C VAL A 180 -23.77 -1.06 -28.67
N ALA A 181 -23.18 -0.99 -27.49
CA ALA A 181 -23.65 -1.88 -26.42
C ALA A 181 -25.10 -1.61 -25.99
N ALA A 182 -25.55 -0.36 -26.05
CA ALA A 182 -26.89 -0.04 -25.59
C ALA A 182 -27.90 -0.30 -26.71
N GLY A 183 -27.42 -0.45 -27.94
CA GLY A 183 -28.30 -0.71 -29.08
C GLY A 183 -28.74 0.54 -29.81
N GLY A 184 -28.10 1.69 -29.62
CA GLY A 184 -28.51 2.92 -30.34
C GLY A 184 -28.30 4.19 -29.53
N VAL A 185 -28.13 5.32 -30.23
CA VAL A 185 -27.81 6.57 -29.59
C VAL A 185 -28.82 7.00 -28.54
N GLU A 186 -30.11 6.98 -28.90
CA GLU A 186 -31.12 7.41 -27.97
C GLU A 186 -31.12 6.53 -26.66
N LYS A 187 -30.98 5.23 -26.82
CA LYS A 187 -31.02 4.35 -25.67
C LYS A 187 -29.82 4.58 -24.75
N ALA A 188 -28.65 4.73 -25.37
CA ALA A 188 -27.42 5.06 -24.69
C ALA A 188 -27.50 6.38 -23.89
N VAL A 189 -27.98 7.45 -24.54
CA VAL A 189 -28.08 8.74 -23.88
C VAL A 189 -29.14 8.76 -22.79
N ARG A 190 -30.30 8.19 -23.06
CA ARG A 190 -31.31 8.13 -22.00
C ARG A 190 -30.75 7.32 -20.81
N ALA A 191 -30.11 6.17 -21.07
CA ALA A 191 -29.52 5.38 -19.95
C ALA A 191 -28.42 6.21 -19.22
N ALA A 192 -27.57 6.89 -19.99
CA ALA A 192 -26.53 7.72 -19.39
C ALA A 192 -27.10 8.77 -18.48
N ARG A 193 -28.15 9.45 -18.95
CA ARG A 193 -28.79 10.52 -18.23
C ARG A 193 -29.48 10.02 -16.99
N GLN A 194 -30.11 8.84 -17.06
CA GLN A 194 -30.86 8.28 -15.93
C GLN A 194 -29.85 7.82 -14.92
N ALA A 195 -28.73 7.29 -15.41
CA ALA A 195 -27.75 6.67 -14.49
C ALA A 195 -26.88 7.74 -13.80
N ALA A 196 -26.41 8.71 -14.58
CA ALA A 196 -25.55 9.74 -14.02
C ALA A 196 -26.22 10.54 -12.92
N ASP A 197 -25.49 10.70 -11.82
CA ASP A 197 -25.92 11.62 -10.78
C ASP A 197 -26.28 12.99 -11.37
N PHE A 198 -27.31 13.63 -10.85
CA PHE A 198 -27.75 14.95 -11.36
C PHE A 198 -26.62 15.98 -11.35
N THR A 199 -25.60 15.78 -10.50
CA THR A 199 -24.46 16.70 -10.46
C THR A 199 -23.54 16.59 -11.70
N LEU A 200 -23.62 15.46 -12.41
CA LEU A 200 -22.69 15.20 -13.53
C LEU A 200 -23.30 15.63 -14.85
N LYS A 201 -22.45 15.99 -15.78
CA LYS A 201 -22.83 16.24 -17.16
C LYS A 201 -22.72 14.95 -17.96
N VAL A 202 -23.48 14.89 -19.05
CA VAL A 202 -23.34 13.80 -20.03
C VAL A 202 -22.87 14.37 -21.36
N GLU A 203 -21.75 13.82 -21.85
CA GLU A 203 -21.23 14.14 -23.18
C GLU A 203 -21.34 12.92 -24.12
N VAL A 204 -21.73 13.17 -25.36
CA VAL A 204 -21.93 12.11 -26.33
C VAL A 204 -21.06 12.27 -27.59
N GLU A 205 -20.25 11.25 -27.83
CA GLU A 205 -19.43 11.23 -29.02
C GLU A 205 -20.31 10.89 -30.26
N CYS A 206 -20.29 11.75 -31.28
CA CYS A 206 -21.18 11.62 -32.42
C CYS A 206 -20.39 11.70 -33.71
N SER A 207 -20.68 10.80 -34.64
CA SER A 207 -19.89 10.75 -35.89
C SER A 207 -20.67 11.36 -37.05
N SER A 208 -21.87 11.83 -36.78
CA SER A 208 -22.66 12.53 -37.80
C SER A 208 -23.62 13.53 -37.15
N LEU A 209 -24.20 14.39 -37.96
CA LEU A 209 -25.17 15.34 -37.49
C LEU A 209 -26.44 14.66 -36.98
N GLN A 210 -26.88 13.59 -37.64
CA GLN A 210 -28.08 12.86 -37.22
C GLN A 210 -27.85 12.42 -35.73
N GLU A 211 -26.73 11.73 -35.46
CA GLU A 211 -26.40 11.34 -34.09
C GLU A 211 -26.41 12.52 -33.12
N ALA A 212 -25.73 13.61 -33.48
CA ALA A 212 -25.68 14.79 -32.61
C ALA A 212 -27.07 15.30 -32.29
N VAL A 213 -27.93 15.38 -33.29
CA VAL A 213 -29.30 15.83 -33.00
C VAL A 213 -29.98 14.89 -32.05
N GLN A 214 -29.87 13.59 -32.31
CA GLN A 214 -30.51 12.59 -31.45
C GLN A 214 -30.00 12.72 -30.00
N ALA A 215 -28.67 12.91 -29.87
CA ALA A 215 -28.04 13.05 -28.57
C ALA A 215 -28.52 14.26 -27.83
N ALA A 216 -28.56 15.42 -28.50
CA ALA A 216 -29.10 16.65 -27.89
C ALA A 216 -30.54 16.43 -27.48
N GLU A 217 -31.36 15.82 -28.36
CA GLU A 217 -32.81 15.57 -28.04
C GLU A 217 -32.97 14.69 -26.81
N ALA A 218 -32.07 13.73 -26.66
CA ALA A 218 -32.15 12.85 -25.48
C ALA A 218 -31.51 13.42 -24.19
N GLY A 219 -31.02 14.66 -24.23
CA GLY A 219 -30.56 15.27 -22.98
C GLY A 219 -29.05 15.47 -22.73
N ALA A 220 -28.20 15.24 -23.73
CA ALA A 220 -26.80 15.55 -23.65
C ALA A 220 -26.52 17.02 -23.31
N ASP A 221 -25.56 17.22 -22.40
CA ASP A 221 -25.03 18.56 -22.09
C ASP A 221 -23.99 18.96 -23.13
N LEU A 222 -23.25 17.98 -23.65
CA LEU A 222 -22.19 18.26 -24.58
C LEU A 222 -22.26 17.22 -25.64
N VAL A 223 -21.94 17.65 -26.86
CA VAL A 223 -21.83 16.77 -27.98
C VAL A 223 -20.41 16.90 -28.54
N LEU A 224 -19.79 15.74 -28.76
CA LEU A 224 -18.46 15.72 -29.27
C LEU A 224 -18.49 15.18 -30.65
N LEU A 225 -18.14 16.05 -31.57
CA LEU A 225 -18.12 15.74 -32.99
C LEU A 225 -16.79 15.09 -33.36
N ASP A 226 -16.84 13.79 -33.57
CA ASP A 226 -15.67 12.98 -33.67
C ASP A 226 -15.23 12.70 -35.10
N ASN A 227 -13.99 13.09 -35.44
CA ASN A 227 -13.36 12.74 -36.75
C ASN A 227 -14.05 13.31 -37.99
N PHE A 228 -14.62 14.50 -37.86
CA PHE A 228 -15.21 15.23 -38.96
C PHE A 228 -14.09 15.92 -39.70
N LYS A 229 -14.26 16.03 -41.02
CA LYS A 229 -13.38 16.88 -41.83
C LYS A 229 -13.94 18.29 -41.51
N PRO A 230 -13.06 19.30 -41.43
CA PRO A 230 -13.56 20.65 -41.07
C PRO A 230 -14.77 21.15 -41.91
N GLU A 231 -14.78 20.85 -43.22
CA GLU A 231 -15.87 21.26 -44.14
C GLU A 231 -17.27 20.72 -43.72
N GLU A 232 -17.34 19.52 -43.12
CA GLU A 232 -18.63 19.04 -42.58
C GLU A 232 -18.80 19.49 -41.10
N LEU A 233 -17.67 19.73 -40.42
CA LEU A 233 -17.73 20.09 -39.00
C LEU A 233 -18.50 21.38 -38.73
N HIS A 234 -18.15 22.46 -39.44
CA HIS A 234 -18.75 23.78 -39.15
C HIS A 234 -20.22 23.84 -39.48
N PRO A 235 -20.62 23.38 -40.67
CA PRO A 235 -22.04 23.32 -40.90
C PRO A 235 -22.79 22.48 -39.86
N THR A 236 -22.20 21.39 -39.41
CA THR A 236 -22.86 20.55 -38.38
C THR A 236 -23.00 21.33 -37.07
N ALA A 237 -21.91 21.97 -36.65
CA ALA A 237 -21.95 22.68 -35.38
C ALA A 237 -22.93 23.83 -35.42
N THR A 238 -22.97 24.54 -36.57
CA THR A 238 -23.91 25.65 -36.80
C THR A 238 -25.36 25.23 -36.60
N VAL A 239 -25.76 24.12 -37.16
CA VAL A 239 -27.13 23.68 -36.98
C VAL A 239 -27.47 23.34 -35.54
N LEU A 240 -26.57 22.66 -34.88
CA LEU A 240 -26.75 22.19 -33.53
C LEU A 240 -26.87 23.29 -32.55
N LYS A 241 -26.08 24.30 -32.74
CA LYS A 241 -26.16 25.47 -31.94
C LYS A 241 -27.42 26.26 -32.21
N ALA A 242 -27.95 26.15 -33.41
CA ALA A 242 -29.16 26.91 -33.73
C ALA A 242 -30.33 26.19 -33.10
N GLN A 243 -30.40 24.87 -33.26
CA GLN A 243 -31.52 24.12 -32.72
C GLN A 243 -31.37 23.82 -31.22
N PHE A 244 -30.13 23.78 -30.71
CA PHE A 244 -29.89 23.50 -29.29
C PHE A 244 -28.86 24.42 -28.66
N PRO A 245 -29.23 25.67 -28.36
CA PRO A 245 -28.16 26.63 -27.96
C PRO A 245 -27.54 26.30 -26.60
N SER A 246 -28.19 25.42 -25.84
CA SER A 246 -27.73 24.97 -24.49
C SER A 246 -26.60 23.99 -24.54
N VAL A 247 -26.51 23.26 -25.62
CA VAL A 247 -25.57 22.19 -25.73
C VAL A 247 -24.21 22.73 -26.13
N ALA A 248 -23.17 22.36 -25.38
CA ALA A 248 -21.81 22.70 -25.79
C ALA A 248 -21.28 21.76 -26.87
N VAL A 249 -20.41 22.26 -27.73
CA VAL A 249 -19.95 21.49 -28.84
C VAL A 249 -18.44 21.37 -28.77
N GLU A 250 -17.98 20.13 -28.90
CA GLU A 250 -16.57 19.83 -28.84
C GLU A 250 -16.19 19.19 -30.14
N ALA A 251 -15.05 19.56 -30.68
CA ALA A 251 -14.48 18.86 -31.81
C ALA A 251 -13.26 18.01 -31.38
N SER A 252 -13.13 16.82 -31.98
CA SER A 252 -12.00 15.98 -31.66
C SER A 252 -11.80 14.90 -32.76
N GLY A 253 -10.58 14.40 -32.87
CA GLY A 253 -10.22 13.33 -33.79
C GLY A 253 -9.31 13.85 -34.89
N GLY A 254 -8.05 13.46 -34.86
CA GLY A 254 -7.06 13.87 -35.87
C GLY A 254 -6.69 15.35 -35.88
N ILE A 255 -6.89 16.07 -34.78
CA ILE A 255 -6.57 17.48 -34.75
C ILE A 255 -5.12 17.64 -34.31
N THR A 256 -4.37 18.41 -35.08
CA THR A 256 -2.95 18.58 -34.88
C THR A 256 -2.66 20.07 -34.75
N LEU A 257 -1.48 20.41 -34.23
CA LEU A 257 -1.07 21.80 -34.18
C LEU A 257 -1.18 22.43 -35.60
N ASP A 258 -0.82 21.67 -36.61
CA ASP A 258 -0.88 22.20 -37.96
C ASP A 258 -2.30 22.49 -38.47
N ASN A 259 -3.21 21.53 -38.34
CA ASN A 259 -4.57 21.73 -38.86
C ASN A 259 -5.54 22.42 -37.88
N LEU A 260 -5.11 22.62 -36.64
CA LEU A 260 -6.00 23.20 -35.63
C LEU A 260 -6.79 24.47 -36.07
N PRO A 261 -6.17 25.39 -36.83
CA PRO A 261 -6.95 26.60 -37.21
C PRO A 261 -8.17 26.32 -38.09
N GLN A 262 -8.10 25.27 -38.88
CA GLN A 262 -9.26 24.86 -39.68
C GLN A 262 -10.40 24.30 -38.83
N PHE A 263 -10.10 23.80 -37.63
CA PHE A 263 -11.14 23.26 -36.76
C PHE A 263 -11.76 24.35 -35.88
N CYS A 264 -11.04 25.47 -35.69
CA CYS A 264 -11.66 26.59 -34.95
C CYS A 264 -12.84 27.18 -35.71
N GLY A 265 -13.87 27.55 -34.96
CA GLY A 265 -15.07 28.08 -35.56
C GLY A 265 -15.94 28.71 -34.47
N PRO A 266 -16.88 29.59 -34.87
CA PRO A 266 -17.64 30.31 -33.85
C PRO A 266 -18.60 29.38 -33.07
N HIS A 267 -18.91 28.19 -33.60
CA HIS A 267 -19.86 27.31 -32.94
C HIS A 267 -19.22 26.09 -32.31
N ILE A 268 -17.89 26.09 -32.25
CA ILE A 268 -17.16 25.05 -31.53
C ILE A 268 -16.73 25.66 -30.19
N ASP A 269 -17.09 25.02 -29.08
CA ASP A 269 -16.73 25.48 -27.72
C ASP A 269 -15.44 24.90 -27.16
N VAL A 270 -15.11 23.69 -27.60
CA VAL A 270 -13.96 22.96 -27.06
C VAL A 270 -13.31 22.21 -28.19
N ILE A 271 -11.97 22.20 -28.23
CA ILE A 271 -11.24 21.37 -29.16
C ILE A 271 -10.26 20.55 -28.34
N SER A 272 -10.33 19.21 -28.44
CA SER A 272 -9.46 18.36 -27.67
C SER A 272 -8.52 17.63 -28.55
N MET A 273 -7.29 17.40 -28.04
CA MET A 273 -6.18 16.89 -28.84
C MET A 273 -5.40 15.81 -28.13
N GLY A 274 -5.48 14.58 -28.64
CA GLY A 274 -4.62 13.48 -28.13
C GLY A 274 -3.14 13.79 -28.20
N MET A 275 -2.74 14.55 -29.21
CA MET A 275 -1.31 14.84 -29.40
C MET A 275 -0.66 15.63 -28.26
N LEU A 276 -1.45 16.46 -27.58
CA LEU A 276 -0.93 17.24 -26.49
C LEU A 276 -0.29 16.40 -25.39
N THR A 277 -0.73 15.14 -25.23
CA THR A 277 -0.17 14.22 -24.27
C THR A 277 0.49 13.02 -24.96
N GLN A 278 0.00 12.52 -26.08
CA GLN A 278 0.66 11.36 -26.72
C GLN A 278 1.89 11.64 -27.56
N ALA A 279 2.02 12.88 -28.03
CA ALA A 279 3.11 13.17 -28.93
C ALA A 279 3.79 14.48 -28.55
N ALA A 280 3.85 14.79 -27.28
CA ALA A 280 4.61 15.97 -26.91
C ALA A 280 6.01 15.54 -26.50
N PRO A 281 7.02 15.93 -27.28
CA PRO A 281 8.38 15.58 -26.82
C PRO A 281 8.77 16.28 -25.51
N ALA A 282 9.50 15.56 -24.67
CA ALA A 282 10.00 16.11 -23.44
C ALA A 282 11.01 17.24 -23.69
N LEU A 283 10.99 18.31 -22.89
CA LEU A 283 12.07 19.29 -22.95
C LEU A 283 13.37 18.75 -22.40
N ASP A 284 14.46 19.37 -22.80
CA ASP A 284 15.78 19.01 -22.37
C ASP A 284 16.20 19.90 -21.18
N PHE A 285 16.43 19.28 -20.03
CA PHE A 285 16.92 19.96 -18.85
C PHE A 285 18.14 19.21 -18.30
N SER A 286 19.05 19.91 -17.62
CA SER A 286 20.10 19.20 -16.91
C SER A 286 20.26 19.84 -15.53
N LEU A 287 20.92 19.10 -14.66
CA LEU A 287 21.21 19.59 -13.33
C LEU A 287 22.73 19.44 -13.07
N LYS A 288 23.46 20.55 -13.09
CA LYS A 288 24.94 20.46 -13.06
C LYS A 288 25.38 20.90 -11.66
N LEU A 289 26.00 20.00 -10.93
CA LEU A 289 26.64 20.30 -9.65
C LEU A 289 27.80 21.32 -9.80
N PHE A 290 27.80 22.40 -9.01
CA PHE A 290 28.79 23.48 -9.16
C PHE A 290 29.24 23.94 -7.77
N ASP B 6 14.40 -13.51 -29.23
CA ASP B 6 13.04 -13.57 -29.80
C ASP B 6 11.99 -12.89 -28.87
N ALA B 7 11.18 -12.02 -29.45
CA ALA B 7 10.24 -11.13 -28.72
C ALA B 7 9.10 -11.83 -27.93
N GLU B 8 8.59 -12.97 -28.44
CA GLU B 8 7.51 -13.72 -27.77
C GLU B 8 7.93 -14.25 -26.36
N GLY B 9 9.22 -14.49 -26.18
CA GLY B 9 9.75 -14.93 -24.90
C GLY B 9 10.00 -13.83 -23.87
N LEU B 10 9.93 -12.56 -24.28
CA LEU B 10 10.35 -11.46 -23.44
C LEU B 10 9.40 -11.29 -22.25
N ALA B 11 8.15 -11.69 -22.42
CA ALA B 11 7.20 -11.63 -21.31
C ALA B 11 7.72 -12.33 -20.02
N LEU B 12 8.51 -13.37 -20.16
CA LEU B 12 9.02 -14.11 -19.03
C LEU B 12 9.87 -13.27 -18.08
N LEU B 13 10.52 -12.23 -18.61
CA LEU B 13 11.32 -11.26 -17.85
C LEU B 13 10.54 -10.48 -16.76
N LEU B 14 9.23 -10.41 -16.87
CA LEU B 14 8.42 -9.51 -16.06
C LEU B 14 8.17 -10.03 -14.65
N PRO B 15 8.53 -9.23 -13.62
CA PRO B 15 8.22 -9.59 -12.21
C PRO B 15 6.71 -9.55 -11.98
N PRO B 16 6.05 -10.71 -11.77
CA PRO B 16 4.56 -10.73 -11.75
C PRO B 16 3.90 -9.91 -10.60
N VAL B 17 4.57 -9.80 -9.46
CA VAL B 17 4.01 -9.05 -8.34
C VAL B 17 3.97 -7.58 -8.72
N THR B 18 5.09 -7.07 -9.24
CA THR B 18 5.20 -5.67 -9.70
C THR B 18 4.15 -5.36 -10.80
N LEU B 19 3.91 -6.32 -11.68
CA LEU B 19 2.94 -6.17 -12.76
C LEU B 19 1.50 -5.97 -12.25
N ALA B 20 1.08 -6.86 -11.36
CA ALA B 20 -0.28 -6.83 -10.85
C ALA B 20 -0.54 -5.51 -10.09
N ALA B 21 0.48 -5.02 -9.37
CA ALA B 21 0.32 -3.79 -8.59
C ALA B 21 0.20 -2.61 -9.56
N LEU B 22 1.00 -2.64 -10.61
CA LEU B 22 1.04 -1.64 -11.63
C LEU B 22 -0.36 -1.50 -12.25
N VAL B 23 -0.90 -2.62 -12.73
CA VAL B 23 -2.26 -2.68 -13.29
C VAL B 23 -3.35 -2.16 -12.36
N ASP B 24 -3.28 -2.53 -11.09
CA ASP B 24 -4.21 -2.01 -10.10
C ASP B 24 -4.12 -0.52 -10.03
N SER B 25 -2.91 -0.01 -9.97
CA SER B 25 -2.77 1.41 -9.74
C SER B 25 -3.22 2.20 -10.98
N TRP B 26 -3.10 1.62 -12.16
CA TRP B 26 -3.62 2.30 -13.34
C TRP B 26 -5.09 2.31 -13.37
N LEU B 27 -5.72 1.24 -12.91
CA LEU B 27 -7.18 1.25 -12.95
C LEU B 27 -7.74 2.16 -11.85
N ARG B 28 -7.06 2.16 -10.70
CA ARG B 28 -7.43 3.10 -9.66
C ARG B 28 -7.28 4.57 -10.11
N GLU B 29 -6.22 4.86 -10.84
CA GLU B 29 -6.05 6.18 -11.36
C GLU B 29 -7.20 6.58 -12.29
N ASP B 30 -7.66 5.65 -13.13
CA ASP B 30 -8.64 6.02 -14.15
C ASP B 30 -10.06 6.06 -13.61
N CYS B 31 -10.33 5.24 -12.58
CA CYS B 31 -11.67 5.25 -11.99
C CYS B 31 -11.65 5.00 -10.48
N PRO B 32 -11.43 6.06 -9.68
CA PRO B 32 -11.28 5.83 -8.23
C PRO B 32 -12.59 5.55 -7.53
N GLY B 33 -13.70 6.10 -8.04
CA GLY B 33 -15.03 5.96 -7.40
C GLY B 33 -16.09 5.26 -8.27
N LEU B 34 -17.36 5.70 -8.20
CA LEU B 34 -18.45 5.15 -9.04
C LEU B 34 -18.24 5.37 -10.54
N ASN B 35 -18.62 4.37 -11.32
CA ASN B 35 -18.47 4.43 -12.76
C ASN B 35 -19.85 4.38 -13.42
N TYR B 36 -20.46 5.54 -13.53
CA TYR B 36 -21.86 5.60 -14.01
C TYR B 36 -22.04 5.10 -15.42
N ALA B 37 -21.04 5.27 -16.27
CA ALA B 37 -21.11 4.76 -17.64
C ALA B 37 -21.39 3.24 -17.71
N ALA B 38 -21.02 2.50 -16.68
CA ALA B 38 -21.18 1.06 -16.73
C ALA B 38 -22.68 0.71 -16.92
N LEU B 39 -23.59 1.54 -16.39
CA LEU B 39 -25.01 1.26 -16.58
C LEU B 39 -25.44 1.46 -18.04
N VAL B 40 -24.65 2.18 -18.80
CA VAL B 40 -25.00 2.42 -20.17
C VAL B 40 -24.74 1.16 -20.99
N SER B 41 -23.65 0.47 -20.71
CA SER B 41 -23.28 -0.71 -21.48
C SER B 41 -23.89 -1.99 -20.99
N GLY B 42 -24.04 -2.12 -19.66
CA GLY B 42 -24.59 -3.34 -19.08
C GLY B 42 -23.50 -4.38 -18.96
N ALA B 43 -23.89 -5.58 -18.54
CA ALA B 43 -22.90 -6.66 -18.32
C ALA B 43 -22.91 -7.75 -19.40
N GLY B 44 -23.68 -7.53 -20.46
CA GLY B 44 -23.83 -8.54 -21.49
C GLY B 44 -22.47 -8.93 -22.03
N PRO B 45 -22.26 -10.23 -22.30
CA PRO B 45 -20.98 -10.62 -22.92
C PRO B 45 -20.80 -9.88 -24.25
N SER B 46 -19.57 -9.51 -24.58
CA SER B 46 -19.30 -8.67 -25.74
C SER B 46 -17.94 -8.96 -26.30
N GLN B 47 -17.66 -8.39 -27.48
CA GLN B 47 -16.44 -8.62 -28.22
C GLN B 47 -16.03 -7.36 -28.82
N ALA B 48 -14.72 -7.15 -28.87
CA ALA B 48 -14.21 -5.89 -29.44
C ALA B 48 -12.97 -6.24 -30.22
N ALA B 49 -12.79 -5.55 -31.34
CA ALA B 49 -11.63 -5.78 -32.17
C ALA B 49 -10.57 -4.73 -31.87
N LEU B 50 -9.34 -5.16 -31.80
CA LEU B 50 -8.26 -4.23 -31.68
C LEU B 50 -7.59 -3.92 -33.01
N TRP B 51 -7.47 -2.65 -33.33
CA TRP B 51 -7.09 -2.17 -34.61
C TRP B 51 -5.85 -1.40 -34.54
N ALA B 52 -4.87 -1.73 -35.37
CA ALA B 52 -3.65 -0.95 -35.45
C ALA B 52 -3.71 0.09 -36.54
N LYS B 53 -3.63 1.37 -36.21
CA LYS B 53 -3.71 2.39 -37.24
C LYS B 53 -2.38 3.11 -37.48
N SER B 54 -1.27 2.60 -36.96
CA SER B 54 0.02 3.20 -37.20
C SER B 54 1.00 2.14 -37.66
N PRO B 55 1.95 2.53 -38.51
CA PRO B 55 3.05 1.58 -38.77
C PRO B 55 3.98 1.52 -37.57
N GLY B 56 4.66 0.40 -37.41
CA GLY B 56 5.67 0.28 -36.37
C GLY B 56 5.72 -1.14 -35.86
N VAL B 57 6.11 -1.29 -34.59
CA VAL B 57 6.31 -2.60 -33.97
C VAL B 57 5.33 -2.77 -32.84
N LEU B 58 4.63 -3.91 -32.81
CA LEU B 58 3.67 -4.23 -31.73
C LEU B 58 4.42 -4.61 -30.45
N ALA B 59 4.13 -3.92 -29.33
CA ALA B 59 4.75 -4.23 -28.02
C ALA B 59 3.83 -3.90 -26.87
N GLY B 60 3.79 -4.78 -25.86
CA GLY B 60 3.00 -4.53 -24.65
C GLY B 60 1.89 -5.53 -24.38
N GLN B 61 1.83 -6.59 -25.18
CA GLN B 61 0.80 -7.62 -24.98
C GLN B 61 0.63 -8.03 -23.50
N PRO B 62 1.75 -8.30 -22.79
CA PRO B 62 1.57 -8.78 -21.39
C PRO B 62 0.88 -7.78 -20.48
N PHE B 63 1.08 -6.48 -20.74
CA PHE B 63 0.45 -5.45 -19.95
C PHE B 63 -1.04 -5.37 -20.29
N PHE B 64 -1.35 -5.37 -21.59
CA PHE B 64 -2.69 -5.32 -22.14
C PHE B 64 -3.44 -6.51 -21.58
N ASP B 65 -2.84 -7.69 -21.62
CA ASP B 65 -3.50 -8.87 -21.07
C ASP B 65 -3.77 -8.73 -19.58
N ALA B 66 -2.77 -8.30 -18.81
CA ALA B 66 -2.94 -8.23 -17.39
C ALA B 66 -4.09 -7.26 -16.99
N ILE B 67 -4.22 -6.16 -17.75
CA ILE B 67 -5.33 -5.20 -17.51
C ILE B 67 -6.68 -5.91 -17.74
N PHE B 68 -6.78 -6.65 -18.82
CA PHE B 68 -8.07 -7.25 -19.09
C PHE B 68 -8.40 -8.49 -18.27
N THR B 69 -7.38 -9.28 -17.94
CA THR B 69 -7.54 -10.36 -16.99
C THR B 69 -8.07 -9.90 -15.63
N GLN B 70 -7.48 -8.85 -15.02
CA GLN B 70 -8.07 -8.23 -13.85
C GLN B 70 -9.55 -7.92 -13.97
N LEU B 71 -10.01 -7.60 -15.17
CA LEU B 71 -11.38 -7.18 -15.36
C LEU B 71 -12.17 -8.30 -15.97
N ASN B 72 -11.70 -9.53 -15.77
CA ASN B 72 -12.43 -10.72 -16.25
C ASN B 72 -12.74 -10.80 -17.74
N CYS B 73 -11.85 -10.26 -18.56
CA CYS B 73 -11.94 -10.36 -19.99
C CYS B 73 -10.81 -11.25 -20.51
N GLN B 74 -10.95 -11.68 -21.75
CA GLN B 74 -9.94 -12.57 -22.35
C GLN B 74 -9.49 -11.86 -23.62
N VAL B 75 -8.24 -12.12 -24.03
CA VAL B 75 -7.69 -11.55 -25.25
C VAL B 75 -7.18 -12.67 -26.15
N SER B 76 -7.49 -12.59 -27.45
CA SER B 76 -6.78 -13.42 -28.45
C SER B 76 -6.01 -12.51 -29.39
N TRP B 77 -4.73 -12.82 -29.54
CA TRP B 77 -3.83 -12.10 -30.43
C TRP B 77 -3.74 -12.77 -31.76
N PHE B 78 -3.80 -11.96 -32.82
CA PHE B 78 -3.62 -12.49 -34.16
C PHE B 78 -2.23 -12.18 -34.66
N LEU B 79 -1.50 -11.35 -33.91
CA LEU B 79 -0.14 -10.99 -34.25
C LEU B 79 0.74 -11.23 -33.03
N PRO B 80 1.92 -11.89 -33.21
CA PRO B 80 2.79 -12.12 -32.05
C PRO B 80 3.45 -10.82 -31.60
N GLU B 81 3.83 -10.77 -30.32
CA GLU B 81 4.56 -9.65 -29.76
C GLU B 81 5.77 -9.39 -30.65
N GLY B 82 5.99 -8.15 -31.04
CA GLY B 82 7.18 -7.87 -31.86
C GLY B 82 6.90 -7.77 -33.34
N SER B 83 5.73 -8.20 -33.81
CA SER B 83 5.33 -8.06 -35.25
C SER B 83 5.43 -6.65 -35.79
N LYS B 84 5.79 -6.52 -37.09
CA LYS B 84 5.69 -5.25 -37.80
C LYS B 84 4.20 -4.95 -37.97
N LEU B 85 3.80 -3.69 -37.80
CA LEU B 85 2.41 -3.33 -37.96
C LEU B 85 2.22 -2.59 -39.24
N VAL B 86 1.36 -3.14 -40.09
CA VAL B 86 0.95 -2.44 -41.31
C VAL B 86 -0.50 -2.04 -41.17
N PRO B 87 -0.76 -0.76 -40.94
CA PRO B 87 -2.12 -0.27 -40.77
C PRO B 87 -2.94 -0.44 -42.06
N VAL B 88 -4.24 -0.65 -41.98
CA VAL B 88 -5.02 -0.77 -40.75
C VAL B 88 -5.17 -2.26 -40.49
N ALA B 89 -4.67 -2.74 -39.34
CA ALA B 89 -4.60 -4.17 -39.12
C ALA B 89 -5.35 -4.61 -37.89
N ARG B 90 -6.05 -5.73 -38.02
CA ARG B 90 -6.77 -6.34 -36.94
C ARG B 90 -5.75 -7.14 -36.15
N VAL B 91 -5.44 -6.64 -34.95
CA VAL B 91 -4.37 -7.14 -34.10
C VAL B 91 -4.85 -8.16 -33.09
N ALA B 92 -6.07 -7.99 -32.59
CA ALA B 92 -6.57 -8.84 -31.48
C ALA B 92 -8.03 -8.75 -31.32
N GLU B 93 -8.53 -9.63 -30.50
CA GLU B 93 -9.96 -9.63 -30.11
C GLU B 93 -10.00 -9.71 -28.57
N VAL B 94 -10.86 -8.92 -27.96
CA VAL B 94 -11.09 -8.88 -26.52
C VAL B 94 -12.54 -9.23 -26.28
N ARG B 95 -12.81 -9.93 -25.20
CA ARG B 95 -14.10 -10.46 -24.89
C ARG B 95 -14.39 -10.41 -23.41
N GLY B 96 -15.58 -10.00 -23.04
CA GLY B 96 -15.92 -9.98 -21.65
C GLY B 96 -17.22 -9.30 -21.46
N PRO B 97 -17.64 -9.07 -20.22
CA PRO B 97 -18.85 -8.27 -20.00
C PRO B 97 -18.62 -6.86 -20.54
N ALA B 98 -19.63 -6.29 -21.19
CA ALA B 98 -19.47 -5.01 -21.90
C ALA B 98 -18.81 -3.96 -21.00
N HIS B 99 -19.30 -3.77 -19.77
CA HIS B 99 -18.80 -2.68 -18.95
C HIS B 99 -17.34 -2.90 -18.55
N CYS B 100 -16.93 -4.17 -18.39
CA CYS B 100 -15.55 -4.46 -18.11
C CYS B 100 -14.63 -4.10 -19.30
N LEU B 101 -15.08 -4.43 -20.53
CA LEU B 101 -14.29 -4.11 -21.69
C LEU B 101 -14.11 -2.61 -21.76
N LEU B 102 -15.22 -1.88 -21.53
CA LEU B 102 -15.21 -0.41 -21.70
C LEU B 102 -14.44 0.28 -20.60
N LEU B 103 -14.42 -0.33 -19.43
CA LEU B 103 -13.64 0.16 -18.33
C LEU B 103 -12.14 0.06 -18.60
N GLY B 104 -11.69 -1.01 -19.25
CA GLY B 104 -10.25 -1.20 -19.43
C GLY B 104 -9.69 -0.60 -20.69
N GLU B 105 -10.56 -0.20 -21.57
CA GLU B 105 -10.17 0.16 -22.89
C GLU B 105 -9.11 1.22 -23.01
N ARG B 106 -9.29 2.33 -22.35
CA ARG B 106 -8.41 3.45 -22.48
C ARG B 106 -7.07 3.23 -21.83
N VAL B 107 -7.06 2.54 -20.72
CA VAL B 107 -5.84 2.25 -20.02
C VAL B 107 -5.05 1.23 -20.78
N ALA B 108 -5.72 0.23 -21.30
CA ALA B 108 -5.09 -0.79 -22.13
C ALA B 108 -4.48 -0.18 -23.42
N LEU B 109 -5.25 0.66 -24.11
CA LEU B 109 -4.76 1.28 -25.35
C LEU B 109 -3.63 2.21 -25.03
N ASN B 110 -3.76 2.98 -23.93
CA ASN B 110 -2.67 3.88 -23.53
C ASN B 110 -1.35 3.14 -23.33
N THR B 111 -1.42 1.98 -22.66
CA THR B 111 -0.23 1.23 -22.34
C THR B 111 0.34 0.69 -23.64
N LEU B 112 -0.52 0.09 -24.48
CA LEU B 112 -0.08 -0.54 -25.71
C LEU B 112 0.55 0.46 -26.69
N ALA B 113 -0.07 1.64 -26.76
CA ALA B 113 0.34 2.72 -27.62
C ALA B 113 1.74 3.19 -27.26
N ARG B 114 1.99 3.41 -25.97
CA ARG B 114 3.31 3.92 -25.57
C ARG B 114 4.39 2.85 -25.70
N CYS B 115 4.08 1.66 -25.21
CA CYS B 115 5.03 0.56 -25.31
C CYS B 115 5.42 0.34 -26.79
N SER B 116 4.40 0.27 -27.66
CA SER B 116 4.58 0.12 -29.11
C SER B 116 5.33 1.26 -29.76
N GLY B 117 5.01 2.48 -29.35
CA GLY B 117 5.75 3.69 -29.77
C GLY B 117 7.23 3.57 -29.49
N ILE B 118 7.58 3.16 -28.28
CA ILE B 118 8.96 2.98 -27.89
C ILE B 118 9.69 1.88 -28.69
N ALA B 119 9.07 0.71 -28.74
CA ALA B 119 9.59 -0.41 -29.53
C ALA B 119 9.81 0.01 -30.99
N SER B 120 8.85 0.76 -31.57
CA SER B 120 9.00 1.22 -32.93
C SER B 120 10.27 2.05 -33.11
N ALA B 121 10.46 3.04 -32.25
CA ALA B 121 11.62 3.91 -32.33
C ALA B 121 12.88 3.06 -32.14
N ALA B 122 12.82 2.11 -31.20
CA ALA B 122 13.97 1.23 -30.96
C ALA B 122 14.35 0.44 -32.24
N ALA B 123 13.35 -0.14 -32.91
CA ALA B 123 13.59 -0.96 -34.11
C ALA B 123 14.11 -0.09 -35.25
N ALA B 124 13.63 1.17 -35.34
CA ALA B 124 14.07 2.07 -36.40
C ALA B 124 15.56 2.33 -36.18
N ALA B 125 15.93 2.61 -34.92
CA ALA B 125 17.33 2.80 -34.56
C ALA B 125 18.19 1.54 -34.84
N VAL B 126 17.68 0.35 -34.52
CA VAL B 126 18.45 -0.86 -34.74
C VAL B 126 18.61 -1.09 -36.23
N GLU B 127 17.57 -0.77 -37.02
CA GLU B 127 17.61 -0.95 -38.49
C GLU B 127 18.65 0.00 -39.11
N ALA B 128 18.66 1.26 -38.70
CA ALA B 128 19.65 2.23 -39.19
C ALA B 128 21.09 1.84 -38.86
N ALA B 129 21.32 1.28 -37.67
CA ALA B 129 22.65 0.83 -37.29
C ALA B 129 23.07 -0.41 -38.08
N ARG B 130 22.18 -1.39 -38.22
CA ARG B 130 22.47 -2.59 -39.03
C ARG B 130 22.84 -2.16 -40.47
N GLY B 131 22.07 -1.22 -41.01
CA GLY B 131 22.28 -0.65 -42.34
C GLY B 131 23.57 0.15 -42.51
N ALA B 132 24.15 0.61 -41.42
CA ALA B 132 25.47 1.22 -41.47
C ALA B 132 26.56 0.22 -41.08
N GLY B 133 26.25 -1.07 -41.15
CA GLY B 133 27.22 -2.14 -40.84
C GLY B 133 27.61 -2.34 -39.37
N TRP B 134 26.91 -1.70 -38.44
CA TRP B 134 27.28 -1.77 -37.03
C TRP B 134 26.68 -2.94 -36.26
N THR B 135 27.50 -3.66 -35.49
CA THR B 135 27.03 -4.86 -34.77
C THR B 135 26.63 -4.68 -33.29
N GLY B 136 27.04 -3.58 -32.66
CA GLY B 136 26.83 -3.40 -31.22
C GLY B 136 25.40 -3.24 -30.73
N HIS B 137 25.23 -2.87 -29.46
CA HIS B 137 23.92 -2.66 -28.84
C HIS B 137 23.45 -1.23 -28.91
N VAL B 138 22.30 -1.02 -29.52
CA VAL B 138 21.58 0.22 -29.30
C VAL B 138 20.85 0.08 -27.97
N ALA B 139 20.92 1.12 -27.17
CA ALA B 139 20.39 1.04 -25.81
C ALA B 139 19.61 2.26 -25.37
N GLY B 140 18.81 2.06 -24.33
CA GLY B 140 18.03 3.13 -23.75
C GLY B 140 18.82 3.76 -22.63
N THR B 141 18.11 4.48 -21.77
CA THR B 141 18.71 5.29 -20.71
C THR B 141 17.75 5.24 -19.53
N ARG B 142 18.02 6.05 -18.52
CA ARG B 142 17.09 6.14 -17.39
C ARG B 142 16.09 7.31 -17.62
N LYS B 143 16.11 7.86 -18.82
CA LYS B 143 15.18 8.94 -19.14
C LYS B 143 13.78 8.40 -19.48
N THR B 144 13.13 7.86 -18.46
CA THR B 144 11.86 7.17 -18.63
C THR B 144 10.76 7.91 -17.86
N THR B 145 9.50 7.61 -18.18
CA THR B 145 8.42 8.30 -17.46
C THR B 145 8.34 7.72 -16.05
N PRO B 146 8.48 8.58 -15.03
CA PRO B 146 8.44 8.03 -13.65
C PRO B 146 7.23 7.11 -13.44
N GLY B 147 7.42 5.98 -12.76
CA GLY B 147 6.28 5.09 -12.49
C GLY B 147 5.93 4.13 -13.62
N PHE B 148 6.57 4.29 -14.76
CA PHE B 148 6.25 3.56 -15.97
C PHE B 148 7.51 2.93 -16.57
N ARG B 149 8.61 2.92 -15.84
CA ARG B 149 9.81 2.38 -16.38
C ARG B 149 9.67 0.94 -16.92
N LEU B 150 8.87 0.11 -16.25
CA LEU B 150 8.78 -1.30 -16.61
C LEU B 150 8.28 -1.45 -18.04
N VAL B 151 7.26 -0.67 -18.38
CA VAL B 151 6.66 -0.76 -19.70
C VAL B 151 7.63 -0.23 -20.78
N GLU B 152 8.29 0.87 -20.43
CA GLU B 152 9.24 1.51 -21.32
C GLU B 152 10.47 0.64 -21.59
N LYS B 153 11.08 0.07 -20.55
CA LYS B 153 12.27 -0.77 -20.76
C LYS B 153 11.87 -2.02 -21.52
N TYR B 154 10.71 -2.57 -21.21
CA TYR B 154 10.25 -3.75 -21.91
C TYR B 154 10.03 -3.41 -23.39
N GLY B 155 9.50 -2.22 -23.68
CA GLY B 155 9.29 -1.80 -25.08
C GLY B 155 10.63 -1.79 -25.84
N LEU B 156 11.68 -1.29 -25.20
CA LEU B 156 12.96 -1.17 -25.82
C LEU B 156 13.39 -2.54 -26.22
N LEU B 157 13.19 -3.53 -25.34
CA LEU B 157 13.63 -4.89 -25.61
C LEU B 157 12.86 -5.45 -26.81
N VAL B 158 11.57 -5.18 -26.87
CA VAL B 158 10.79 -5.75 -27.93
C VAL B 158 11.25 -5.17 -29.26
N GLY B 159 11.72 -3.91 -29.25
CA GLY B 159 12.20 -3.28 -30.49
C GLY B 159 13.61 -3.67 -30.90
N GLY B 160 14.25 -4.54 -30.11
CA GLY B 160 15.60 -5.01 -30.37
C GLY B 160 16.71 -4.17 -29.76
N ALA B 161 16.37 -3.13 -28.99
CA ALA B 161 17.38 -2.38 -28.26
C ALA B 161 17.67 -3.01 -26.88
N ALA B 162 18.83 -2.72 -26.31
CA ALA B 162 19.11 -3.13 -24.94
C ALA B 162 18.47 -2.09 -24.04
N SER B 163 18.07 -2.54 -22.87
CA SER B 163 17.46 -1.63 -21.96
C SER B 163 18.42 -0.71 -21.25
N HIS B 164 19.69 -1.12 -21.15
CA HIS B 164 20.65 -0.49 -20.24
C HIS B 164 20.30 -0.80 -18.81
N ARG B 165 21.08 -0.34 -17.83
CA ARG B 165 20.75 -0.65 -16.44
C ARG B 165 19.28 -0.31 -16.17
N TYR B 166 18.62 -1.20 -15.44
CA TYR B 166 17.20 -1.02 -15.12
C TYR B 166 16.94 0.12 -14.12
N ASP B 167 17.85 0.26 -13.16
CA ASP B 167 17.74 1.27 -12.14
C ASP B 167 19.14 1.49 -11.54
N LEU B 168 19.22 2.25 -10.43
CA LEU B 168 20.51 2.60 -9.82
C LEU B 168 21.25 1.42 -9.18
N GLY B 169 20.54 0.31 -8.93
CA GLY B 169 21.13 -0.88 -8.33
C GLY B 169 21.81 -1.87 -9.27
N GLY B 170 21.72 -1.67 -10.59
CA GLY B 170 22.14 -2.67 -11.59
C GLY B 170 23.55 -2.44 -12.13
N LEU B 171 24.09 -1.26 -11.89
CA LEU B 171 25.37 -0.83 -12.41
C LEU B 171 25.72 0.39 -11.55
N VAL B 172 27.00 0.73 -11.48
CA VAL B 172 27.41 1.94 -10.78
C VAL B 172 27.89 2.78 -11.96
N MET B 173 27.25 3.93 -12.14
CA MET B 173 27.56 4.87 -13.21
C MET B 173 28.11 6.18 -12.64
N VAL B 174 29.38 6.48 -12.91
CA VAL B 174 30.01 7.70 -12.41
C VAL B 174 29.82 8.74 -13.47
N LYS B 175 29.17 9.85 -13.11
CA LYS B 175 28.85 10.94 -14.07
C LYS B 175 29.58 12.23 -13.70
N ASP B 176 29.49 13.24 -14.57
CA ASP B 176 30.14 14.53 -14.34
C ASP B 176 29.87 15.04 -12.93
N ASN B 177 28.65 14.86 -12.45
CA ASN B 177 28.34 15.25 -11.09
C ASN B 177 29.07 14.47 -10.01
N HIS B 178 29.26 13.17 -10.21
CA HIS B 178 30.05 12.37 -9.26
C HIS B 178 31.49 12.81 -9.29
N VAL B 179 31.99 13.14 -10.49
CA VAL B 179 33.38 13.58 -10.65
C VAL B 179 33.61 14.89 -9.88
N VAL B 180 32.73 15.87 -10.09
CA VAL B 180 32.76 17.07 -9.32
C VAL B 180 32.71 16.80 -7.82
N ALA B 181 31.76 16.01 -7.36
CA ALA B 181 31.64 15.80 -5.91
C ALA B 181 32.84 15.09 -5.27
N ALA B 182 33.48 14.19 -6.00
CA ALA B 182 34.57 13.40 -5.45
C ALA B 182 35.91 14.17 -5.55
N GLY B 183 35.89 15.27 -6.33
CA GLY B 183 37.07 16.08 -6.57
C GLY B 183 37.98 15.61 -7.71
N GLY B 184 37.47 14.79 -8.63
CA GLY B 184 38.24 14.40 -9.83
C GLY B 184 37.99 12.99 -10.30
N VAL B 185 38.31 12.74 -11.57
CA VAL B 185 38.01 11.47 -12.21
C VAL B 185 38.55 10.24 -11.47
N GLU B 186 39.84 10.27 -11.15
CA GLU B 186 40.52 9.14 -10.51
C GLU B 186 39.93 8.84 -9.12
N LYS B 187 39.66 9.89 -8.34
CA LYS B 187 39.09 9.72 -7.01
C LYS B 187 37.71 9.09 -7.07
N ALA B 188 36.93 9.58 -8.03
CA ALA B 188 35.56 9.12 -8.29
C ALA B 188 35.51 7.64 -8.64
N VAL B 189 36.34 7.26 -9.62
CA VAL B 189 36.38 5.88 -10.08
C VAL B 189 36.95 4.96 -9.04
N ARG B 190 37.98 5.43 -8.32
CA ARG B 190 38.56 4.56 -7.27
C ARG B 190 37.49 4.34 -6.16
N ALA B 191 36.76 5.40 -5.79
CA ALA B 191 35.67 5.28 -4.81
C ALA B 191 34.51 4.40 -5.31
N ALA B 192 34.18 4.54 -6.60
CA ALA B 192 33.12 3.72 -7.17
C ALA B 192 33.51 2.25 -7.08
N ARG B 193 34.75 1.94 -7.49
CA ARG B 193 35.22 0.55 -7.52
C ARG B 193 35.30 -0.06 -6.10
N GLN B 194 35.74 0.75 -5.14
CA GLN B 194 35.90 0.26 -3.76
C GLN B 194 34.51 0.02 -3.16
N ALA B 195 33.61 0.96 -3.43
CA ALA B 195 32.24 0.93 -2.90
C ALA B 195 31.36 -0.16 -3.53
N ALA B 196 31.36 -0.29 -4.86
CA ALA B 196 30.51 -1.25 -5.57
C ALA B 196 30.83 -2.68 -5.14
N ASP B 197 29.83 -3.43 -4.71
CA ASP B 197 29.91 -4.90 -4.67
C ASP B 197 30.51 -5.56 -5.92
N PHE B 198 31.47 -6.48 -5.68
CA PHE B 198 32.29 -7.09 -6.75
C PHE B 198 31.43 -7.62 -7.93
N THR B 199 30.15 -7.91 -7.65
CA THR B 199 29.24 -8.38 -8.72
C THR B 199 28.84 -7.29 -9.74
N LEU B 200 29.07 -6.02 -9.41
CA LEU B 200 28.64 -4.90 -10.25
C LEU B 200 29.77 -4.39 -11.14
N LYS B 201 29.40 -3.89 -12.32
CA LYS B 201 30.33 -3.17 -13.16
C LYS B 201 30.34 -1.70 -12.78
N VAL B 202 31.42 -1.02 -13.15
CA VAL B 202 31.46 0.44 -13.03
C VAL B 202 31.62 1.02 -14.43
N GLU B 203 30.75 1.98 -14.75
CA GLU B 203 30.83 2.73 -15.99
C GLU B 203 31.10 4.22 -15.68
N VAL B 204 31.89 4.88 -16.53
CA VAL B 204 32.28 6.27 -16.28
C VAL B 204 31.99 7.17 -17.45
N GLU B 205 31.19 8.19 -17.19
CA GLU B 205 30.87 9.18 -18.21
C GLU B 205 32.06 10.13 -18.40
N CYS B 206 32.61 10.16 -19.61
CA CYS B 206 33.81 10.94 -19.92
C CYS B 206 33.60 11.90 -21.09
N SER B 207 33.91 13.20 -20.87
CA SER B 207 33.70 14.23 -21.91
C SER B 207 34.95 14.49 -22.77
N SER B 208 36.06 13.80 -22.49
CA SER B 208 37.30 13.96 -23.26
C SER B 208 38.09 12.67 -23.21
N LEU B 209 39.06 12.55 -24.12
CA LEU B 209 39.97 11.39 -24.15
C LEU B 209 40.89 11.28 -22.92
N GLN B 210 41.36 12.41 -22.37
CA GLN B 210 42.11 12.41 -21.12
C GLN B 210 41.31 11.69 -19.98
N GLU B 211 40.05 12.11 -19.78
CA GLU B 211 39.14 11.48 -18.78
C GLU B 211 38.98 10.00 -19.04
N ALA B 212 38.67 9.65 -20.28
CA ALA B 212 38.50 8.25 -20.64
C ALA B 212 39.72 7.40 -20.24
N VAL B 213 40.92 7.91 -20.51
CA VAL B 213 42.15 7.18 -20.18
C VAL B 213 42.30 7.06 -18.66
N GLN B 214 42.05 8.15 -17.94
CA GLN B 214 42.10 8.13 -16.48
C GLN B 214 41.11 7.09 -15.91
N ALA B 215 39.90 7.08 -16.49
CA ALA B 215 38.87 6.16 -16.04
C ALA B 215 39.22 4.70 -16.29
N ALA B 216 39.72 4.41 -17.48
CA ALA B 216 40.21 3.06 -17.80
C ALA B 216 41.30 2.61 -16.84
N GLU B 217 42.29 3.49 -16.62
CA GLU B 217 43.38 3.20 -15.73
C GLU B 217 42.95 2.95 -14.29
N ALA B 218 41.93 3.65 -13.82
CA ALA B 218 41.48 3.46 -12.45
C ALA B 218 40.53 2.27 -12.32
N GLY B 219 40.31 1.54 -13.42
CA GLY B 219 39.53 0.28 -13.40
C GLY B 219 38.09 0.23 -13.90
N ALA B 220 37.66 1.25 -14.65
CA ALA B 220 36.33 1.24 -15.23
C ALA B 220 36.11 0.01 -16.12
N ASP B 221 34.92 -0.58 -16.04
CA ASP B 221 34.53 -1.65 -16.95
C ASP B 221 34.05 -1.10 -18.25
N LEU B 222 33.45 0.09 -18.20
CA LEU B 222 32.90 0.71 -19.38
C LEU B 222 33.23 2.18 -19.28
N VAL B 223 33.41 2.76 -20.46
CA VAL B 223 33.60 4.17 -20.56
C VAL B 223 32.51 4.68 -21.49
N LEU B 224 31.81 5.70 -21.03
CA LEU B 224 30.79 6.29 -21.87
C LEU B 224 31.33 7.62 -22.33
N LEU B 225 31.50 7.75 -23.63
CA LEU B 225 31.91 9.01 -24.26
C LEU B 225 30.71 9.88 -24.51
N ASP B 226 30.61 10.94 -23.72
CA ASP B 226 29.43 11.77 -23.63
C ASP B 226 29.56 13.04 -24.49
N ASN B 227 28.61 13.25 -25.41
CA ASN B 227 28.51 14.50 -26.19
C ASN B 227 29.70 14.85 -27.06
N PHE B 228 30.30 13.83 -27.67
CA PHE B 228 31.35 14.02 -28.65
C PHE B 228 30.71 14.30 -29.99
N LYS B 229 31.35 15.14 -30.81
CA LYS B 229 31.03 15.21 -32.24
C LYS B 229 31.66 13.93 -32.84
N PRO B 230 31.01 13.32 -33.85
CA PRO B 230 31.49 12.01 -34.32
C PRO B 230 32.96 12.02 -34.74
N GLU B 231 33.41 13.15 -35.31
CA GLU B 231 34.81 13.34 -35.78
C GLU B 231 35.85 13.12 -34.64
N GLU B 232 35.54 13.61 -33.43
CA GLU B 232 36.36 13.38 -32.22
C GLU B 232 36.06 12.00 -31.57
N LEU B 233 34.83 11.53 -31.71
CA LEU B 233 34.43 10.27 -31.08
C LEU B 233 35.26 9.09 -31.53
N HIS B 234 35.35 8.86 -32.83
CA HIS B 234 35.99 7.65 -33.34
C HIS B 234 37.49 7.56 -33.11
N PRO B 235 38.23 8.66 -33.32
CA PRO B 235 39.65 8.62 -32.93
C PRO B 235 39.84 8.31 -31.44
N THR B 236 39.00 8.90 -30.58
CA THR B 236 39.04 8.63 -29.16
C THR B 236 38.76 7.16 -28.87
N ALA B 237 37.72 6.61 -29.49
CA ALA B 237 37.37 5.22 -29.23
C ALA B 237 38.50 4.29 -29.64
N THR B 238 39.13 4.63 -30.77
CA THR B 238 40.22 3.84 -31.40
C THR B 238 41.44 3.72 -30.48
N VAL B 239 41.84 4.86 -29.94
CA VAL B 239 42.93 4.89 -28.97
C VAL B 239 42.62 4.08 -27.72
N LEU B 240 41.44 4.36 -27.13
CA LEU B 240 40.98 3.64 -25.95
C LEU B 240 41.00 2.12 -26.16
N LYS B 241 40.44 1.64 -27.26
CA LYS B 241 40.38 0.19 -27.53
C LYS B 241 41.76 -0.43 -27.73
N ALA B 242 42.68 0.37 -28.28
CA ALA B 242 44.05 -0.07 -28.52
C ALA B 242 44.80 -0.24 -27.20
N GLN B 243 44.72 0.76 -26.31
CA GLN B 243 45.39 0.71 -25.00
C GLN B 243 44.65 -0.16 -23.98
N PHE B 244 43.32 -0.24 -24.08
CA PHE B 244 42.50 -0.93 -23.08
C PHE B 244 41.44 -1.81 -23.73
N PRO B 245 41.84 -2.96 -24.30
CA PRO B 245 40.86 -3.75 -25.06
C PRO B 245 39.77 -4.37 -24.17
N SER B 246 40.00 -4.43 -22.87
CA SER B 246 39.00 -4.93 -21.91
C SER B 246 37.81 -4.03 -21.69
N VAL B 247 37.99 -2.75 -22.02
CA VAL B 247 37.04 -1.75 -21.66
C VAL B 247 35.99 -1.57 -22.77
N ALA B 248 34.72 -1.71 -22.43
CA ALA B 248 33.66 -1.47 -23.40
C ALA B 248 33.43 0.03 -23.58
N VAL B 249 33.07 0.41 -24.80
CA VAL B 249 32.91 1.82 -25.07
C VAL B 249 31.48 2.10 -25.49
N GLU B 250 30.91 3.10 -24.83
CA GLU B 250 29.54 3.47 -25.10
C GLU B 250 29.57 4.92 -25.56
N ALA B 251 28.73 5.24 -26.55
CA ALA B 251 28.58 6.64 -27.01
C ALA B 251 27.19 7.10 -26.64
N SER B 252 27.07 8.35 -26.22
CA SER B 252 25.77 8.91 -25.84
C SER B 252 25.80 10.41 -25.84
N GLY B 253 24.65 11.04 -26.07
CA GLY B 253 24.49 12.50 -26.03
C GLY B 253 24.14 13.06 -27.41
N GLY B 254 22.87 13.51 -27.57
CA GLY B 254 22.40 14.15 -28.78
C GLY B 254 22.35 13.21 -29.96
N ILE B 255 22.29 11.90 -29.71
CA ILE B 255 22.23 10.92 -30.81
C ILE B 255 20.79 10.73 -31.20
N THR B 256 20.50 10.87 -32.48
CA THR B 256 19.12 10.79 -33.00
C THR B 256 19.05 9.73 -34.06
N LEU B 257 17.84 9.38 -34.47
CA LEU B 257 17.66 8.41 -35.56
C LEU B 257 18.39 8.92 -36.83
N ASP B 258 18.31 10.22 -37.10
CA ASP B 258 19.00 10.81 -38.24
C ASP B 258 20.54 10.73 -38.23
N ASN B 259 21.17 11.17 -37.15
CA ASN B 259 22.64 11.16 -37.08
C ASN B 259 23.27 9.87 -36.57
N LEU B 260 22.46 8.90 -36.18
CA LEU B 260 22.99 7.66 -35.59
C LEU B 260 24.08 6.94 -36.44
N PRO B 261 23.96 6.94 -37.74
CA PRO B 261 24.94 6.21 -38.53
C PRO B 261 26.31 6.83 -38.38
N GLN B 262 26.36 8.12 -38.13
CA GLN B 262 27.59 8.82 -37.85
C GLN B 262 28.26 8.41 -36.57
N PHE B 263 27.50 7.86 -35.64
CA PHE B 263 28.05 7.49 -34.37
C PHE B 263 28.40 6.03 -34.35
N CYS B 264 27.93 5.24 -35.29
CA CYS B 264 28.43 3.84 -35.41
C CYS B 264 29.89 3.80 -35.85
N GLY B 265 30.63 2.83 -35.33
CA GLY B 265 32.03 2.72 -35.62
C GLY B 265 32.51 1.41 -35.07
N PRO B 266 33.66 0.94 -35.55
CA PRO B 266 34.08 -0.41 -35.15
C PRO B 266 34.54 -0.50 -33.69
N HIS B 267 34.83 0.65 -33.08
CA HIS B 267 35.27 0.67 -31.68
C HIS B 267 34.27 1.13 -30.65
N ILE B 268 33.03 1.33 -31.10
CA ILE B 268 31.91 1.64 -30.22
C ILE B 268 31.12 0.36 -29.98
N ASP B 269 30.99 -0.04 -28.73
CA ASP B 269 30.23 -1.24 -28.38
C ASP B 269 28.73 -1.01 -28.14
N VAL B 270 28.38 0.20 -27.67
CA VAL B 270 27.02 0.52 -27.23
C VAL B 270 26.67 1.96 -27.60
N ILE B 271 25.46 2.17 -28.13
CA ILE B 271 25.00 3.52 -28.41
C ILE B 271 23.67 3.72 -27.73
N SER B 272 23.60 4.68 -26.83
CA SER B 272 22.37 4.89 -26.06
C SER B 272 21.71 6.20 -26.43
N MET B 273 20.38 6.19 -26.42
CA MET B 273 19.62 7.29 -26.96
C MET B 273 18.44 7.63 -26.05
N GLY B 274 18.47 8.82 -25.48
CA GLY B 274 17.35 9.35 -24.73
C GLY B 274 16.05 9.45 -25.50
N MET B 275 16.17 9.77 -26.79
CA MET B 275 15.01 9.91 -27.66
C MET B 275 14.10 8.65 -27.79
N LEU B 276 14.68 7.47 -27.67
CA LEU B 276 13.91 6.25 -27.75
C LEU B 276 12.79 6.17 -26.72
N THR B 277 12.96 6.88 -25.58
CA THR B 277 11.92 6.97 -24.56
C THR B 277 11.38 8.39 -24.40
N GLN B 278 12.18 9.42 -24.56
CA GLN B 278 11.67 10.78 -24.39
C GLN B 278 10.93 11.38 -25.57
N ALA B 279 11.15 10.85 -26.76
CA ALA B 279 10.54 11.44 -27.95
C ALA B 279 9.98 10.38 -28.90
N ALA B 280 9.53 9.27 -28.35
CA ALA B 280 8.88 8.28 -29.19
C ALA B 280 7.37 8.53 -29.18
N PRO B 281 6.79 8.93 -30.32
CA PRO B 281 5.32 9.17 -30.26
C PRO B 281 4.56 7.83 -30.13
N ALA B 282 3.48 7.86 -29.36
CA ALA B 282 2.61 6.71 -29.16
C ALA B 282 1.99 6.24 -30.47
N LEU B 283 1.84 4.94 -30.69
CA LEU B 283 1.07 4.47 -31.87
C LEU B 283 -0.43 4.66 -31.68
N ASP B 284 -1.14 4.70 -32.79
CA ASP B 284 -2.57 4.85 -32.76
C ASP B 284 -3.23 3.45 -32.81
N PHE B 285 -3.95 3.10 -31.76
CA PHE B 285 -4.76 1.85 -31.72
C PHE B 285 -6.18 2.26 -31.35
N SER B 286 -7.17 1.44 -31.73
CA SER B 286 -8.50 1.62 -31.19
C SER B 286 -9.11 0.27 -30.88
N LEU B 287 -10.20 0.28 -30.13
CA LEU B 287 -10.78 -0.96 -29.67
C LEU B 287 -12.25 -0.80 -29.93
N LYS B 288 -12.74 -1.43 -31.01
CA LYS B 288 -14.10 -1.17 -31.49
C LYS B 288 -15.01 -2.38 -31.12
N LEU B 289 -15.98 -2.17 -30.24
CA LEU B 289 -17.02 -3.18 -29.89
C LEU B 289 -17.87 -3.59 -31.09
N PHE B 290 -18.01 -4.87 -31.35
CA PHE B 290 -18.70 -5.31 -32.57
C PHE B 290 -19.58 -6.48 -32.23
N ASP C 6 -33.24 0.91 -11.27
CA ASP C 6 -33.25 -0.58 -11.11
C ASP C 6 -32.04 -1.15 -10.32
N ALA C 7 -32.34 -1.59 -9.10
CA ALA C 7 -31.33 -1.91 -8.09
C ALA C 7 -30.35 -3.06 -8.41
N GLU C 8 -30.81 -4.11 -9.08
CA GLU C 8 -29.94 -5.26 -9.39
C GLU C 8 -28.77 -4.82 -10.34
N GLY C 9 -28.99 -3.76 -11.13
CA GLY C 9 -27.98 -3.28 -12.06
C GLY C 9 -26.94 -2.39 -11.40
N LEU C 10 -27.22 -1.89 -10.20
CA LEU C 10 -26.37 -0.86 -9.58
C LEU C 10 -24.98 -1.40 -9.26
N ALA C 11 -24.85 -2.71 -9.05
CA ALA C 11 -23.53 -3.30 -8.77
C ALA C 11 -22.49 -2.98 -9.81
N LEU C 12 -22.92 -2.74 -11.06
CA LEU C 12 -22.03 -2.46 -12.19
C LEU C 12 -21.25 -1.15 -11.98
N LEU C 13 -21.82 -0.24 -11.20
CA LEU C 13 -21.21 1.07 -10.91
C LEU C 13 -19.89 0.97 -10.16
N LEU C 14 -19.69 -0.14 -9.46
CA LEU C 14 -18.60 -0.28 -8.52
C LEU C 14 -17.23 -0.48 -9.17
N PRO C 15 -16.25 0.37 -8.81
CA PRO C 15 -14.87 0.23 -9.33
C PRO C 15 -14.21 -1.04 -8.71
N PRO C 16 -13.96 -2.09 -9.51
CA PRO C 16 -13.49 -3.40 -8.93
C PRO C 16 -12.17 -3.37 -8.16
N VAL C 17 -11.25 -2.52 -8.58
CA VAL C 17 -9.97 -2.41 -7.86
C VAL C 17 -10.17 -1.80 -6.46
N THR C 18 -10.91 -0.70 -6.38
CA THR C 18 -11.19 -0.09 -5.10
C THR C 18 -11.97 -1.04 -4.18
N LEU C 19 -12.90 -1.83 -4.76
CA LEU C 19 -13.69 -2.81 -4.03
C LEU C 19 -12.82 -3.86 -3.34
N ALA C 20 -12.01 -4.57 -4.12
CA ALA C 20 -11.06 -5.56 -3.59
C ALA C 20 -10.13 -4.99 -2.48
N ALA C 21 -9.63 -3.77 -2.66
CA ALA C 21 -8.76 -3.17 -1.66
C ALA C 21 -9.49 -2.87 -0.35
N LEU C 22 -10.72 -2.40 -0.47
CA LEU C 22 -11.66 -2.16 0.62
C LEU C 22 -11.84 -3.45 1.44
N VAL C 23 -12.23 -4.52 0.76
CA VAL C 23 -12.49 -5.81 1.38
C VAL C 23 -11.27 -6.33 2.14
N ASP C 24 -10.11 -6.26 1.50
CA ASP C 24 -8.85 -6.58 2.19
C ASP C 24 -8.66 -5.77 3.46
N SER C 25 -8.89 -4.47 3.36
CA SER C 25 -8.54 -3.66 4.51
C SER C 25 -9.52 -3.92 5.65
N TRP C 26 -10.77 -4.26 5.30
CA TRP C 26 -11.72 -4.68 6.34
C TRP C 26 -11.36 -5.96 7.03
N LEU C 27 -10.89 -6.95 6.29
CA LEU C 27 -10.51 -8.20 6.92
C LEU C 27 -9.21 -8.06 7.76
N ARG C 28 -8.26 -7.28 7.26
CA ARG C 28 -7.05 -6.96 8.02
C ARG C 28 -7.38 -6.23 9.33
N GLU C 29 -8.31 -5.28 9.28
CA GLU C 29 -8.74 -4.60 10.49
C GLU C 29 -9.32 -5.58 11.52
N ASP C 30 -10.12 -6.56 11.08
CA ASP C 30 -10.82 -7.45 12.03
C ASP C 30 -9.92 -8.58 12.54
N CYS C 31 -8.94 -8.97 11.75
CA CYS C 31 -8.00 -9.99 12.19
C CYS C 31 -6.60 -9.81 11.65
N PRO C 32 -5.79 -8.96 12.27
CA PRO C 32 -4.43 -8.71 11.72
C PRO C 32 -3.43 -9.87 11.90
N GLY C 33 -3.56 -10.66 12.97
CA GLY C 33 -2.61 -11.73 13.27
C GLY C 33 -3.29 -13.11 13.30
N LEU C 34 -2.84 -13.97 14.20
CA LEU C 34 -3.39 -15.36 14.31
C LEU C 34 -4.86 -15.34 14.70
N ASN C 35 -5.64 -16.27 14.15
CA ASN C 35 -7.07 -16.40 14.52
C ASN C 35 -7.35 -17.74 15.24
N TYR C 36 -7.15 -17.76 16.55
CA TYR C 36 -7.22 -19.05 17.31
C TYR C 36 -8.57 -19.68 17.24
N ALA C 37 -9.63 -18.86 17.14
CA ALA C 37 -10.99 -19.40 16.95
C ALA C 37 -11.16 -20.33 15.74
N ALA C 38 -10.32 -20.16 14.71
CA ALA C 38 -10.46 -21.05 13.55
C ALA C 38 -10.35 -22.53 13.94
N LEU C 39 -9.47 -22.86 14.91
CA LEU C 39 -9.29 -24.27 15.33
C LEU C 39 -10.54 -24.82 15.99
N VAL C 40 -11.39 -23.95 16.52
CA VAL C 40 -12.60 -24.42 17.12
C VAL C 40 -13.64 -24.87 16.06
N SER C 41 -13.70 -24.20 14.92
CA SER C 41 -14.65 -24.57 13.90
C SER C 41 -14.11 -25.62 12.92
N GLY C 42 -12.83 -25.58 12.61
CA GLY C 42 -12.27 -26.51 11.63
C GLY C 42 -12.56 -26.03 10.22
N ALA C 43 -12.19 -26.83 9.24
CA ALA C 43 -12.29 -26.47 7.83
C ALA C 43 -13.42 -27.23 7.10
N GLY C 44 -14.23 -27.97 7.84
CA GLY C 44 -15.25 -28.78 7.19
C GLY C 44 -16.24 -27.91 6.46
N PRO C 45 -16.60 -28.29 5.23
CA PRO C 45 -17.64 -27.54 4.47
C PRO C 45 -18.88 -27.28 5.33
N SER C 46 -19.42 -26.07 5.31
CA SER C 46 -20.60 -25.73 6.07
C SER C 46 -21.48 -24.75 5.32
N GLN C 47 -22.67 -24.53 5.90
CA GLN C 47 -23.67 -23.65 5.35
C GLN C 47 -24.24 -22.84 6.46
N ALA C 48 -24.62 -21.61 6.13
CA ALA C 48 -25.18 -20.68 7.12
C ALA C 48 -26.29 -19.94 6.42
N ALA C 49 -27.32 -19.60 7.19
CA ALA C 49 -28.44 -18.88 6.67
C ALA C 49 -28.32 -17.43 7.12
N LEU C 50 -28.62 -16.52 6.20
CA LEU C 50 -28.63 -15.09 6.48
C LEU C 50 -30.06 -14.67 6.75
N TRP C 51 -30.28 -14.12 7.94
CA TRP C 51 -31.59 -13.68 8.40
C TRP C 51 -31.72 -12.22 8.53
N ALA C 52 -32.81 -11.68 8.01
CA ALA C 52 -33.15 -10.29 8.18
C ALA C 52 -34.11 -10.13 9.34
N LYS C 53 -33.66 -9.45 10.37
CA LYS C 53 -34.52 -9.22 11.52
C LYS C 53 -35.05 -7.78 11.62
N SER C 54 -34.92 -6.95 10.58
CA SER C 54 -35.43 -5.57 10.60
C SER C 54 -36.23 -5.30 9.38
N PRO C 55 -37.26 -4.44 9.47
CA PRO C 55 -37.91 -4.05 8.22
C PRO C 55 -36.99 -3.05 7.50
N GLY C 56 -37.15 -2.89 6.19
CA GLY C 56 -36.51 -1.83 5.42
C GLY C 56 -36.13 -2.40 4.05
N VAL C 57 -34.96 -1.99 3.52
CA VAL C 57 -34.57 -2.29 2.15
C VAL C 57 -33.22 -3.00 2.14
N LEU C 58 -33.12 -4.07 1.35
CA LEU C 58 -31.92 -4.86 1.36
C LEU C 58 -30.91 -4.17 0.43
N ALA C 59 -29.72 -3.84 0.94
CA ALA C 59 -28.66 -3.28 0.11
C ALA C 59 -27.26 -3.67 0.59
N GLY C 60 -26.38 -4.01 -0.36
CA GLY C 60 -25.00 -4.36 -0.04
C GLY C 60 -24.52 -5.69 -0.50
N GLN C 61 -25.39 -6.41 -1.18
CA GLN C 61 -24.97 -7.73 -1.74
C GLN C 61 -23.57 -7.75 -2.36
N PRO C 62 -23.22 -6.77 -3.24
CA PRO C 62 -21.88 -6.87 -3.90
C PRO C 62 -20.71 -6.84 -2.91
N PHE C 63 -20.89 -6.09 -1.82
CA PHE C 63 -19.89 -6.02 -0.75
C PHE C 63 -19.81 -7.34 0.00
N PHE C 64 -20.97 -7.81 0.45
CA PHE C 64 -21.12 -9.07 1.16
C PHE C 64 -20.53 -10.19 0.30
N ASP C 65 -20.81 -10.20 -1.01
CA ASP C 65 -20.24 -11.24 -1.89
C ASP C 65 -18.75 -11.11 -1.97
N ALA C 66 -18.24 -9.89 -2.17
CA ALA C 66 -16.78 -9.73 -2.29
C ALA C 66 -16.06 -10.21 -1.03
N ILE C 67 -16.60 -9.92 0.15
CA ILE C 67 -16.00 -10.40 1.39
C ILE C 67 -15.90 -11.92 1.39
N PHE C 68 -17.01 -12.60 1.11
CA PHE C 68 -17.00 -14.05 1.11
C PHE C 68 -16.20 -14.75 0.02
N THR C 69 -16.22 -14.19 -1.21
CA THR C 69 -15.40 -14.66 -2.29
C THR C 69 -13.91 -14.67 -1.95
N GLN C 70 -13.41 -13.60 -1.30
CA GLN C 70 -12.04 -13.57 -0.83
C GLN C 70 -11.79 -14.71 0.11
N LEU C 71 -12.78 -15.12 0.88
CA LEU C 71 -12.56 -16.18 1.86
C LEU C 71 -13.05 -17.53 1.32
N ASN C 72 -13.12 -17.68 -0.02
CA ASN C 72 -13.47 -18.94 -0.70
C ASN C 72 -14.84 -19.47 -0.28
N CYS C 73 -15.77 -18.58 0.02
CA CYS C 73 -17.15 -18.94 0.25
C CYS C 73 -18.04 -18.45 -0.89
N GLN C 74 -19.19 -19.10 -1.06
CA GLN C 74 -20.13 -18.76 -2.09
C GLN C 74 -21.40 -18.29 -1.37
N VAL C 75 -22.18 -17.45 -2.06
CA VAL C 75 -23.43 -16.91 -1.58
C VAL C 75 -24.56 -17.13 -2.59
N SER C 76 -25.73 -17.58 -2.12
CA SER C 76 -26.93 -17.56 -2.94
C SER C 76 -27.96 -16.65 -2.30
N TRP C 77 -28.47 -15.71 -3.09
CA TRP C 77 -29.47 -14.76 -2.62
C TRP C 77 -30.83 -15.25 -2.94
N PHE C 78 -31.75 -15.17 -1.97
CA PHE C 78 -33.14 -15.53 -2.17
C PHE C 78 -33.95 -14.28 -2.42
N LEU C 79 -33.35 -13.11 -2.19
CA LEU C 79 -33.99 -11.84 -2.46
C LEU C 79 -33.06 -11.01 -3.29
N PRO C 80 -33.58 -10.38 -4.35
CA PRO C 80 -32.70 -9.46 -5.12
C PRO C 80 -32.33 -8.15 -4.33
N GLU C 81 -31.21 -7.56 -4.68
CA GLU C 81 -30.75 -6.30 -4.12
C GLU C 81 -31.88 -5.32 -4.24
N GLY C 82 -32.18 -4.60 -3.17
CA GLY C 82 -33.24 -3.60 -3.21
C GLY C 82 -34.60 -4.03 -2.72
N SER C 83 -34.76 -5.33 -2.45
CA SER C 83 -36.01 -5.90 -1.93
C SER C 83 -36.46 -5.27 -0.63
N LYS C 84 -37.79 -5.16 -0.45
CA LYS C 84 -38.34 -4.77 0.85
C LYS C 84 -38.09 -5.98 1.77
N LEU C 85 -37.69 -5.71 3.01
CA LEU C 85 -37.44 -6.72 4.00
C LEU C 85 -38.59 -6.74 5.00
N VAL C 86 -39.21 -7.90 5.11
CA VAL C 86 -40.22 -8.11 6.13
C VAL C 86 -39.67 -9.18 7.04
N PRO C 87 -39.23 -8.78 8.24
CA PRO C 87 -38.63 -9.71 9.22
C PRO C 87 -39.67 -10.76 9.73
N VAL C 88 -39.25 -11.95 10.16
CA VAL C 88 -37.89 -12.44 10.07
C VAL C 88 -37.78 -13.21 8.76
N ALA C 89 -36.92 -12.77 7.84
CA ALA C 89 -36.83 -13.40 6.50
C ALA C 89 -35.46 -14.02 6.22
N ARG C 90 -35.53 -15.15 5.51
CA ARG C 90 -34.38 -15.87 5.10
C ARG C 90 -33.93 -15.21 3.81
N VAL C 91 -32.77 -14.57 3.84
CA VAL C 91 -32.36 -13.70 2.76
C VAL C 91 -31.35 -14.41 1.85
N ALA C 92 -30.56 -15.30 2.43
CA ALA C 92 -29.46 -15.83 1.66
C ALA C 92 -28.91 -17.05 2.35
N GLU C 93 -28.03 -17.73 1.62
CA GLU C 93 -27.27 -18.86 2.11
C GLU C 93 -25.81 -18.66 1.74
N VAL C 94 -24.92 -18.97 2.68
CA VAL C 94 -23.50 -18.83 2.45
C VAL C 94 -22.90 -20.20 2.71
N ARG C 95 -21.93 -20.59 1.87
CA ARG C 95 -21.30 -21.92 1.95
C ARG C 95 -19.79 -21.82 1.83
N GLY C 96 -19.06 -22.62 2.59
CA GLY C 96 -17.62 -22.73 2.43
C GLY C 96 -17.11 -23.39 3.70
N PRO C 97 -15.77 -23.41 3.85
CA PRO C 97 -15.18 -24.05 5.03
C PRO C 97 -15.61 -23.29 6.24
N ALA C 98 -15.90 -24.02 7.32
CA ALA C 98 -16.44 -23.44 8.54
C ALA C 98 -15.67 -22.20 9.04
N HIS C 99 -14.35 -22.28 9.09
CA HIS C 99 -13.60 -21.18 9.70
C HIS C 99 -13.62 -19.93 8.83
N CYS C 100 -13.65 -20.11 7.50
CA CYS C 100 -13.83 -19.03 6.56
C CYS C 100 -15.18 -18.36 6.74
N LEU C 101 -16.26 -19.13 6.90
CA LEU C 101 -17.55 -18.48 7.12
C LEU C 101 -17.52 -17.64 8.38
N LEU C 102 -16.95 -18.18 9.44
CA LEU C 102 -17.02 -17.52 10.72
C LEU C 102 -16.02 -16.34 10.78
N LEU C 103 -14.96 -16.39 9.96
CA LEU C 103 -14.06 -15.28 9.84
C LEU C 103 -14.73 -14.07 9.16
N GLY C 104 -15.52 -14.31 8.13
CA GLY C 104 -16.10 -13.19 7.38
C GLY C 104 -17.39 -12.68 7.95
N GLU C 105 -17.99 -13.45 8.84
CA GLU C 105 -19.36 -13.19 9.31
C GLU C 105 -19.59 -11.74 9.78
N ARG C 106 -18.81 -11.29 10.74
CA ARG C 106 -19.11 -10.04 11.39
C ARG C 106 -18.93 -8.87 10.38
N VAL C 107 -17.85 -8.92 9.62
CA VAL C 107 -17.53 -7.82 8.73
C VAL C 107 -18.57 -7.80 7.63
N ALA C 108 -18.97 -8.98 7.14
CA ALA C 108 -20.03 -9.02 6.12
C ALA C 108 -21.33 -8.49 6.69
N LEU C 109 -21.70 -8.91 7.90
CA LEU C 109 -22.95 -8.37 8.53
C LEU C 109 -22.85 -6.88 8.75
N ASN C 110 -21.71 -6.43 9.20
CA ASN C 110 -21.55 -5.03 9.49
C ASN C 110 -21.78 -4.19 8.22
N THR C 111 -21.26 -4.68 7.10
CA THR C 111 -21.38 -3.98 5.87
C THR C 111 -22.85 -3.96 5.39
N LEU C 112 -23.47 -5.13 5.40
CA LEU C 112 -24.79 -5.27 4.88
C LEU C 112 -25.75 -4.44 5.76
N ALA C 113 -25.53 -4.49 7.06
CA ALA C 113 -26.34 -3.77 8.04
C ALA C 113 -26.33 -2.28 7.80
N ARG C 114 -25.15 -1.71 7.55
CA ARG C 114 -25.08 -0.23 7.39
C ARG C 114 -25.61 0.18 6.00
N CYS C 115 -25.23 -0.58 4.96
CA CYS C 115 -25.68 -0.29 3.61
C CYS C 115 -27.20 -0.32 3.54
N SER C 116 -27.79 -1.36 4.11
CA SER C 116 -29.20 -1.57 4.16
C SER C 116 -29.88 -0.48 5.02
N GLY C 117 -29.24 -0.11 6.13
CA GLY C 117 -29.75 0.97 6.97
C GLY C 117 -29.92 2.27 6.20
N ILE C 118 -28.89 2.62 5.43
CA ILE C 118 -28.91 3.84 4.63
C ILE C 118 -29.95 3.75 3.51
N ALA C 119 -29.98 2.61 2.79
CA ALA C 119 -30.98 2.37 1.76
C ALA C 119 -32.41 2.45 2.31
N SER C 120 -32.60 2.00 3.54
CA SER C 120 -33.95 2.03 4.13
C SER C 120 -34.36 3.49 4.41
N ALA C 121 -33.45 4.27 5.02
CA ALA C 121 -33.75 5.66 5.27
C ALA C 121 -34.01 6.38 3.92
N ALA C 122 -33.15 6.17 2.93
CA ALA C 122 -33.37 6.76 1.59
C ALA C 122 -34.74 6.42 1.02
N ALA C 123 -35.17 5.14 1.14
CA ALA C 123 -36.45 4.73 0.55
C ALA C 123 -37.63 5.34 1.29
N ALA C 124 -37.53 5.43 2.61
CA ALA C 124 -38.53 6.14 3.42
C ALA C 124 -38.62 7.61 2.99
N ALA C 125 -37.47 8.24 2.72
CA ALA C 125 -37.50 9.62 2.26
C ALA C 125 -38.12 9.77 0.86
N VAL C 126 -37.77 8.88 -0.06
CA VAL C 126 -38.31 8.90 -1.41
C VAL C 126 -39.83 8.68 -1.40
N GLU C 127 -40.30 7.77 -0.55
CA GLU C 127 -41.71 7.48 -0.37
C GLU C 127 -42.47 8.72 0.16
N ALA C 128 -41.96 9.38 1.19
CA ALA C 128 -42.62 10.52 1.75
C ALA C 128 -42.72 11.65 0.72
N ALA C 129 -41.63 11.89 -0.02
CA ALA C 129 -41.68 12.86 -1.12
C ALA C 129 -42.73 12.49 -2.20
N ARG C 130 -42.74 11.22 -2.62
CA ARG C 130 -43.63 10.79 -3.68
C ARG C 130 -45.06 11.03 -3.21
N GLY C 131 -45.31 10.66 -1.94
CA GLY C 131 -46.59 10.88 -1.24
C GLY C 131 -47.04 12.33 -1.11
N ALA C 132 -46.10 13.26 -1.16
CA ALA C 132 -46.45 14.69 -1.18
C ALA C 132 -46.47 15.24 -2.57
N GLY C 133 -46.49 14.37 -3.58
CA GLY C 133 -46.60 14.80 -4.97
C GLY C 133 -45.35 15.27 -5.63
N TRP C 134 -44.20 15.14 -4.97
CA TRP C 134 -42.93 15.67 -5.49
C TRP C 134 -42.14 14.72 -6.38
N THR C 135 -41.75 15.22 -7.55
CA THR C 135 -41.01 14.39 -8.55
C THR C 135 -39.46 14.45 -8.50
N GLY C 136 -38.89 15.44 -7.82
CA GLY C 136 -37.43 15.65 -7.87
C GLY C 136 -36.57 14.57 -7.23
N HIS C 137 -35.27 14.82 -7.17
CA HIS C 137 -34.29 13.92 -6.53
C HIS C 137 -34.11 14.17 -5.08
N VAL C 138 -34.33 13.14 -4.27
CA VAL C 138 -33.81 13.07 -2.90
C VAL C 138 -32.36 12.65 -2.98
N ALA C 139 -31.49 13.41 -2.29
CA ALA C 139 -30.04 13.18 -2.39
C ALA C 139 -29.33 13.11 -1.04
N GLY C 140 -28.17 12.48 -1.04
CA GLY C 140 -27.31 12.46 0.10
C GLY C 140 -26.37 13.64 0.02
N THR C 141 -25.25 13.54 0.75
CA THR C 141 -24.31 14.65 0.98
C THR C 141 -22.96 14.02 1.06
N ARG C 142 -21.93 14.81 1.37
CA ARG C 142 -20.65 14.26 1.71
C ARG C 142 -20.50 13.92 3.18
N LYS C 143 -21.62 13.88 3.91
CA LYS C 143 -21.55 13.54 5.38
C LYS C 143 -21.53 12.03 5.61
N THR C 144 -20.43 11.41 5.23
CA THR C 144 -20.34 9.98 5.17
C THR C 144 -19.24 9.54 6.12
N THR C 145 -19.23 8.26 6.47
CA THR C 145 -18.20 7.78 7.38
C THR C 145 -16.94 7.69 6.63
N PRO C 146 -15.89 8.36 7.07
CA PRO C 146 -14.59 8.33 6.30
C PRO C 146 -14.14 6.92 6.03
N GLY C 147 -13.71 6.66 4.81
CA GLY C 147 -13.16 5.36 4.45
C GLY C 147 -14.27 4.44 3.96
N PHE C 148 -15.53 4.85 4.09
CA PHE C 148 -16.64 3.94 3.86
C PHE C 148 -17.64 4.60 2.88
N ARG C 149 -17.22 5.66 2.18
CA ARG C 149 -18.11 6.36 1.27
C ARG C 149 -18.74 5.46 0.20
N LEU C 150 -17.93 4.56 -0.37
CA LEU C 150 -18.39 3.76 -1.45
C LEU C 150 -19.67 2.99 -1.08
N VAL C 151 -19.71 2.44 0.13
CA VAL C 151 -20.79 1.62 0.58
C VAL C 151 -21.99 2.48 0.88
N GLU C 152 -21.73 3.68 1.40
CA GLU C 152 -22.77 4.61 1.82
C GLU C 152 -23.47 5.26 0.64
N LYS C 153 -22.70 5.73 -0.34
CA LYS C 153 -23.30 6.29 -1.56
C LYS C 153 -24.04 5.21 -2.34
N TYR C 154 -23.49 4.00 -2.37
CA TYR C 154 -24.17 2.89 -3.03
C TYR C 154 -25.53 2.61 -2.33
N GLY C 155 -25.51 2.62 -1.00
CA GLY C 155 -26.73 2.39 -0.22
C GLY C 155 -27.80 3.40 -0.59
N LEU C 156 -27.40 4.66 -0.76
CA LEU C 156 -28.34 5.70 -1.14
C LEU C 156 -29.01 5.33 -2.44
N LEU C 157 -28.22 4.90 -3.42
CA LEU C 157 -28.75 4.60 -4.74
C LEU C 157 -29.69 3.42 -4.68
N VAL C 158 -29.32 2.37 -3.95
CA VAL C 158 -30.23 1.27 -3.83
C VAL C 158 -31.57 1.70 -3.23
N GLY C 159 -31.57 2.69 -2.33
CA GLY C 159 -32.85 3.13 -1.76
C GLY C 159 -33.63 4.08 -2.65
N GLY C 160 -33.12 4.41 -3.84
CA GLY C 160 -33.78 5.32 -4.75
C GLY C 160 -33.40 6.79 -4.60
N ALA C 161 -32.48 7.12 -3.71
CA ALA C 161 -31.93 8.50 -3.62
C ALA C 161 -30.79 8.69 -4.57
N ALA C 162 -30.59 9.91 -5.02
CA ALA C 162 -29.33 10.25 -5.74
C ALA C 162 -28.20 10.38 -4.71
N SER C 163 -26.98 10.06 -5.14
CA SER C 163 -25.87 10.09 -4.27
C SER C 163 -25.33 11.51 -4.04
N HIS C 164 -25.62 12.44 -4.94
CA HIS C 164 -24.94 13.72 -4.99
C HIS C 164 -23.51 13.53 -5.43
N ARG C 165 -22.72 14.60 -5.51
CA ARG C 165 -21.34 14.43 -5.97
C ARG C 165 -20.70 13.35 -5.10
N TYR C 166 -19.96 12.44 -5.73
CA TYR C 166 -19.25 11.40 -5.04
C TYR C 166 -18.08 11.92 -4.19
N ASP C 167 -17.37 12.93 -4.66
CA ASP C 167 -16.25 13.53 -3.93
C ASP C 167 -15.98 14.97 -4.45
N LEU C 168 -14.93 15.62 -3.94
CA LEU C 168 -14.59 16.99 -4.38
C LEU C 168 -14.32 17.14 -5.89
N GLY C 169 -14.02 16.02 -6.57
CA GLY C 169 -13.70 15.97 -8.01
C GLY C 169 -14.90 16.04 -8.94
N GLY C 170 -16.09 15.78 -8.42
CA GLY C 170 -17.30 15.58 -9.24
C GLY C 170 -18.10 16.84 -9.56
N LEU C 171 -17.88 17.91 -8.82
CA LEU C 171 -18.66 19.09 -8.96
C LEU C 171 -17.86 20.10 -8.16
N VAL C 172 -18.03 21.38 -8.46
CA VAL C 172 -17.38 22.43 -7.71
C VAL C 172 -18.51 23.04 -6.91
N MET C 173 -18.38 22.95 -5.59
CA MET C 173 -19.39 23.49 -4.68
C MET C 173 -18.85 24.70 -3.89
N VAL C 174 -19.40 25.88 -4.16
CA VAL C 174 -19.06 27.09 -3.44
C VAL C 174 -19.93 27.14 -2.19
N LYS C 175 -19.31 27.18 -1.03
CA LYS C 175 -20.08 27.28 0.24
C LYS C 175 -19.79 28.63 0.95
N ASP C 176 -20.53 28.89 2.02
CA ASP C 176 -20.31 30.08 2.84
C ASP C 176 -18.82 30.33 3.06
N ASN C 177 -18.06 29.28 3.42
CA ASN C 177 -16.63 29.44 3.66
C ASN C 177 -15.80 29.94 2.44
N HIS C 178 -16.15 29.46 1.23
CA HIS C 178 -15.53 29.93 -0.01
C HIS C 178 -15.88 31.38 -0.26
N VAL C 179 -17.16 31.71 -0.05
CA VAL C 179 -17.64 33.12 -0.11
C VAL C 179 -16.80 34.06 0.79
N VAL C 180 -16.68 33.71 2.07
CA VAL C 180 -15.85 34.51 2.98
C VAL C 180 -14.42 34.52 2.45
N ALA C 181 -13.84 33.38 2.08
CA ALA C 181 -12.46 33.42 1.68
C ALA C 181 -12.23 34.23 0.40
N ALA C 182 -13.21 34.27 -0.50
CA ALA C 182 -13.04 34.99 -1.76
C ALA C 182 -13.37 36.46 -1.60
N GLY C 183 -14.09 36.83 -0.56
CA GLY C 183 -14.49 38.22 -0.36
C GLY C 183 -15.87 38.55 -0.91
N GLY C 184 -16.71 37.59 -1.24
CA GLY C 184 -18.10 37.86 -1.64
C GLY C 184 -18.64 36.83 -2.64
N VAL C 185 -19.96 36.77 -2.74
CA VAL C 185 -20.63 35.79 -3.61
C VAL C 185 -20.17 35.83 -5.05
N GLU C 186 -20.19 37.01 -5.66
CA GLU C 186 -19.85 37.16 -7.04
C GLU C 186 -18.38 36.77 -7.33
N LYS C 187 -17.46 37.24 -6.51
CA LYS C 187 -16.05 36.89 -6.71
C LYS C 187 -15.85 35.38 -6.61
N ALA C 188 -16.53 34.73 -5.66
CA ALA C 188 -16.40 33.29 -5.45
C ALA C 188 -16.93 32.49 -6.65
N VAL C 189 -18.10 32.87 -7.14
CA VAL C 189 -18.70 32.15 -8.25
C VAL C 189 -17.90 32.40 -9.53
N ARG C 190 -17.46 33.64 -9.72
CA ARG C 190 -16.71 33.92 -10.94
C ARG C 190 -15.38 33.11 -10.89
N ALA C 191 -14.71 33.09 -9.73
CA ALA C 191 -13.49 32.28 -9.56
C ALA C 191 -13.77 30.77 -9.73
N ALA C 192 -14.85 30.25 -9.18
CA ALA C 192 -15.19 28.85 -9.34
C ALA C 192 -15.43 28.40 -10.75
N ARG C 193 -16.19 29.17 -11.50
CA ARG C 193 -16.45 28.94 -12.90
C ARG C 193 -15.21 29.04 -13.77
N GLN C 194 -14.33 29.96 -13.47
CA GLN C 194 -13.15 30.14 -14.26
C GLN C 194 -12.20 29.05 -14.00
N ALA C 195 -12.12 28.66 -12.75
CA ALA C 195 -11.23 27.59 -12.34
C ALA C 195 -11.74 26.20 -12.76
N ALA C 196 -13.01 25.91 -12.55
CA ALA C 196 -13.55 24.57 -12.90
C ALA C 196 -13.37 24.28 -14.39
N ASP C 197 -12.75 23.15 -14.71
CA ASP C 197 -12.86 22.56 -16.04
C ASP C 197 -14.31 22.71 -16.61
N PHE C 198 -14.44 23.04 -17.89
CA PHE C 198 -15.75 23.23 -18.54
C PHE C 198 -16.66 21.98 -18.39
N THR C 199 -16.07 20.82 -18.12
CA THR C 199 -16.90 19.62 -17.95
C THR C 199 -17.63 19.55 -16.60
N LEU C 200 -17.27 20.41 -15.66
CA LEU C 200 -17.88 20.36 -14.36
C LEU C 200 -18.97 21.39 -14.19
N LYS C 201 -19.92 21.13 -13.29
CA LYS C 201 -20.92 22.12 -12.95
C LYS C 201 -20.47 22.91 -11.72
N VAL C 202 -21.06 24.07 -11.50
CA VAL C 202 -20.79 24.86 -10.30
C VAL C 202 -22.08 24.99 -9.52
N GLU C 203 -22.07 24.58 -8.24
CA GLU C 203 -23.23 24.77 -7.35
C GLU C 203 -22.86 25.72 -6.23
N VAL C 204 -23.81 26.56 -5.82
CA VAL C 204 -23.53 27.62 -4.84
C VAL C 204 -24.50 27.58 -3.69
N GLU C 205 -23.98 27.34 -2.49
CA GLU C 205 -24.77 27.42 -1.26
C GLU C 205 -25.12 28.88 -0.97
N CYS C 206 -26.42 29.16 -0.92
CA CYS C 206 -26.95 30.51 -0.67
C CYS C 206 -27.90 30.54 0.51
N SER C 207 -27.70 31.48 1.44
CA SER C 207 -28.53 31.54 2.66
C SER C 207 -29.62 32.59 2.55
N SER C 208 -29.66 33.28 1.41
CA SER C 208 -30.74 34.25 1.14
C SER C 208 -31.08 34.35 -0.36
N LEU C 209 -32.21 34.95 -0.64
CA LEU C 209 -32.59 35.22 -2.04
C LEU C 209 -31.62 36.15 -2.78
N GLN C 210 -31.09 37.16 -2.10
CA GLN C 210 -30.15 38.11 -2.72
C GLN C 210 -28.93 37.31 -3.22
N GLU C 211 -28.35 36.44 -2.38
CA GLU C 211 -27.19 35.60 -2.76
C GLU C 211 -27.56 34.70 -3.93
N ALA C 212 -28.72 34.03 -3.83
CA ALA C 212 -29.15 33.13 -4.90
C ALA C 212 -29.16 33.90 -6.24
N VAL C 213 -29.70 35.14 -6.22
CA VAL C 213 -29.74 35.94 -7.47
C VAL C 213 -28.34 36.27 -7.96
N GLN C 214 -27.48 36.68 -7.04
CA GLN C 214 -26.09 36.97 -7.40
C GLN C 214 -25.37 35.73 -8.00
N ALA C 215 -25.58 34.57 -7.36
CA ALA C 215 -24.98 33.31 -7.81
C ALA C 215 -25.46 32.93 -9.19
N ALA C 216 -26.77 33.03 -9.42
CA ALA C 216 -27.33 32.73 -10.76
C ALA C 216 -26.76 33.68 -11.82
N GLU C 217 -26.73 34.97 -11.51
CA GLU C 217 -26.15 35.97 -12.43
C GLU C 217 -24.68 35.76 -12.72
N ALA C 218 -23.94 35.30 -11.73
CA ALA C 218 -22.54 35.03 -11.98
C ALA C 218 -22.28 33.69 -12.67
N GLY C 219 -23.33 32.91 -12.98
CA GLY C 219 -23.14 31.66 -13.76
C GLY C 219 -23.27 30.27 -13.12
N ALA C 220 -23.77 30.19 -11.88
CA ALA C 220 -24.06 28.95 -11.22
C ALA C 220 -25.00 28.04 -12.02
N ASP C 221 -24.68 26.75 -12.07
CA ASP C 221 -25.56 25.74 -12.67
C ASP C 221 -26.62 25.33 -11.68
N LEU C 222 -26.24 25.31 -10.39
CA LEU C 222 -27.18 24.94 -9.33
C LEU C 222 -27.05 25.90 -8.17
N VAL C 223 -28.19 26.18 -7.57
CA VAL C 223 -28.21 27.00 -6.38
C VAL C 223 -28.77 26.16 -5.27
N LEU C 224 -28.04 26.10 -4.16
CA LEU C 224 -28.48 25.33 -3.01
C LEU C 224 -28.91 26.29 -1.92
N LEU C 225 -30.21 26.29 -1.68
CA LEU C 225 -30.85 27.10 -0.64
C LEU C 225 -30.69 26.45 0.73
N ASP C 226 -29.83 27.02 1.56
CA ASP C 226 -29.34 26.36 2.75
C ASP C 226 -30.09 26.87 3.96
N ASN C 227 -30.62 25.97 4.77
CA ASN C 227 -31.23 26.35 6.06
C ASN C 227 -32.38 27.38 6.02
N PHE C 228 -33.19 27.34 4.97
CA PHE C 228 -34.38 28.13 4.89
C PHE C 228 -35.47 27.44 5.72
N LYS C 229 -36.34 28.22 6.34
CA LYS C 229 -37.60 27.67 6.85
C LYS C 229 -38.45 27.48 5.56
N PRO C 230 -39.30 26.44 5.50
CA PRO C 230 -40.10 26.20 4.26
C PRO C 230 -40.92 27.40 3.74
N GLU C 231 -41.44 28.22 4.66
CA GLU C 231 -42.22 29.43 4.34
C GLU C 231 -41.41 30.44 3.50
N GLU C 232 -40.11 30.65 3.84
CA GLU C 232 -39.20 31.48 3.01
C GLU C 232 -38.66 30.72 1.76
N LEU C 233 -38.55 29.41 1.84
CA LEU C 233 -38.01 28.64 0.75
C LEU C 233 -38.75 28.65 -0.58
N HIS C 234 -40.04 28.47 -0.56
CA HIS C 234 -40.71 28.25 -1.78
C HIS C 234 -40.88 29.49 -2.60
N PRO C 235 -41.08 30.59 -1.93
CA PRO C 235 -41.18 31.88 -2.59
C PRO C 235 -39.85 32.27 -3.13
N THR C 236 -38.79 31.98 -2.41
CA THR C 236 -37.44 32.18 -2.96
C THR C 236 -37.18 31.35 -4.23
N ALA C 237 -37.54 30.07 -4.18
CA ALA C 237 -37.34 29.17 -5.32
C ALA C 237 -38.16 29.63 -6.53
N THR C 238 -39.40 30.05 -6.24
CA THR C 238 -40.34 30.51 -7.26
C THR C 238 -39.76 31.68 -8.05
N VAL C 239 -39.23 32.65 -7.33
CA VAL C 239 -38.67 33.83 -7.96
C VAL C 239 -37.49 33.46 -8.83
N LEU C 240 -36.58 32.70 -8.20
CA LEU C 240 -35.39 32.17 -8.86
C LEU C 240 -35.70 31.40 -10.14
N LYS C 241 -36.62 30.43 -10.09
CA LYS C 241 -37.03 29.69 -11.32
C LYS C 241 -37.62 30.60 -12.43
N ALA C 242 -38.34 31.64 -12.01
CA ALA C 242 -38.99 32.57 -12.92
C ALA C 242 -37.95 33.43 -13.63
N GLN C 243 -36.95 33.92 -12.88
CA GLN C 243 -35.89 34.72 -13.48
C GLN C 243 -34.76 33.89 -14.12
N PHE C 244 -34.53 32.69 -13.59
CA PHE C 244 -33.44 31.83 -14.12
C PHE C 244 -33.90 30.40 -14.30
N PRO C 245 -34.68 30.11 -15.35
CA PRO C 245 -35.22 28.74 -15.46
C PRO C 245 -34.14 27.68 -15.74
N SER C 246 -32.94 28.10 -16.18
CA SER C 246 -31.83 27.19 -16.43
C SER C 246 -31.22 26.57 -15.18
N VAL C 247 -31.39 27.27 -14.06
CA VAL C 247 -30.70 27.00 -12.82
C VAL C 247 -31.50 25.98 -12.01
N ALA C 248 -30.86 24.86 -11.68
CA ALA C 248 -31.49 23.86 -10.83
C ALA C 248 -31.44 24.36 -9.38
N VAL C 249 -32.43 23.98 -8.60
CA VAL C 249 -32.55 24.44 -7.23
C VAL C 249 -32.57 23.26 -6.27
N GLU C 250 -31.71 23.38 -5.28
CA GLU C 250 -31.57 22.33 -4.28
C GLU C 250 -31.90 22.95 -2.95
N ALA C 251 -32.64 22.20 -2.13
CA ALA C 251 -32.88 22.62 -0.74
C ALA C 251 -32.10 21.70 0.19
N SER C 252 -31.56 22.28 1.26
CA SER C 252 -30.79 21.52 2.24
C SER C 252 -30.60 22.25 3.57
N GLY C 253 -30.47 21.48 4.66
CA GLY C 253 -30.23 22.03 6.01
C GLY C 253 -31.39 21.69 6.92
N GLY C 254 -31.16 20.78 7.86
CA GLY C 254 -32.14 20.39 8.86
C GLY C 254 -33.39 19.69 8.31
N ILE C 255 -33.27 19.10 7.12
CA ILE C 255 -34.38 18.38 6.52
C ILE C 255 -34.40 16.97 7.05
N THR C 256 -35.54 16.53 7.57
CA THR C 256 -35.64 15.22 8.21
C THR C 256 -36.74 14.46 7.50
N LEU C 257 -36.88 13.17 7.81
CA LEU C 257 -37.97 12.37 7.28
C LEU C 257 -39.33 13.01 7.65
N ASP C 258 -39.43 13.52 8.87
CA ASP C 258 -40.68 14.10 9.35
C ASP C 258 -41.06 15.40 8.61
N ASN C 259 -40.11 16.34 8.47
CA ASN C 259 -40.45 17.63 7.84
C ASN C 259 -40.30 17.65 6.32
N LEU C 260 -39.77 16.57 5.77
CA LEU C 260 -39.48 16.54 4.33
C LEU C 260 -40.64 17.01 3.41
N PRO C 261 -41.91 16.63 3.71
CA PRO C 261 -43.00 17.05 2.80
C PRO C 261 -43.21 18.57 2.70
N GLN C 262 -42.94 19.29 3.79
CA GLN C 262 -42.95 20.75 3.78
C GLN C 262 -41.87 21.36 2.88
N PHE C 263 -40.75 20.66 2.69
CA PHE C 263 -39.68 21.16 1.80
C PHE C 263 -39.91 20.85 0.34
N CYS C 264 -40.72 19.84 0.04
CA CYS C 264 -41.10 19.60 -1.36
C CYS C 264 -41.92 20.75 -1.91
N GLY C 265 -41.71 21.05 -3.19
CA GLY C 265 -42.39 22.14 -3.87
C GLY C 265 -42.09 22.06 -5.35
N PRO C 266 -42.81 22.75 -6.18
CA PRO C 266 -42.61 22.63 -7.61
C PRO C 266 -41.40 23.33 -8.16
N HIS C 267 -40.71 24.13 -7.39
CA HIS C 267 -39.56 24.81 -7.91
C HIS C 267 -38.31 24.35 -7.28
N ILE C 268 -38.41 23.31 -6.48
CA ILE C 268 -37.28 22.60 -5.96
C ILE C 268 -37.02 21.36 -6.76
N ASP C 269 -35.82 21.25 -7.36
CA ASP C 269 -35.36 20.07 -8.09
C ASP C 269 -34.71 18.96 -7.27
N VAL C 270 -34.03 19.32 -6.16
CA VAL C 270 -33.22 18.35 -5.38
C VAL C 270 -33.40 18.68 -3.91
N ILE C 271 -33.56 17.66 -3.07
CA ILE C 271 -33.57 17.83 -1.61
C ILE C 271 -32.51 16.88 -1.02
N SER C 272 -31.52 17.45 -0.34
CA SER C 272 -30.45 16.61 0.18
C SER C 272 -30.52 16.58 1.70
N MET C 273 -30.13 15.44 2.29
CA MET C 273 -30.35 15.19 3.69
C MET C 273 -29.15 14.49 4.31
N GLY C 274 -28.52 15.15 5.27
CA GLY C 274 -27.44 14.52 5.99
C GLY C 274 -27.91 13.32 6.80
N MET C 275 -29.13 13.37 7.30
CA MET C 275 -29.65 12.29 8.08
C MET C 275 -29.64 10.92 7.41
N LEU C 276 -29.76 10.90 6.07
CA LEU C 276 -29.75 9.65 5.35
C LEU C 276 -28.49 8.85 5.59
N THR C 277 -27.36 9.54 5.81
CA THR C 277 -26.10 8.85 6.15
C THR C 277 -25.64 9.04 7.60
N GLN C 278 -25.99 10.12 8.28
CA GLN C 278 -25.47 10.37 9.65
C GLN C 278 -26.38 9.80 10.75
N ALA C 279 -27.64 9.59 10.44
CA ALA C 279 -28.56 9.14 11.45
C ALA C 279 -29.39 7.95 10.94
N ALA C 280 -28.80 7.07 10.15
CA ALA C 280 -29.55 5.93 9.67
C ALA C 280 -29.11 4.72 10.51
N PRO C 281 -30.00 4.26 11.38
CA PRO C 281 -29.58 3.05 12.17
C PRO C 281 -29.38 1.83 11.25
N ALA C 282 -28.35 1.02 11.54
CA ALA C 282 -28.06 -0.23 10.86
C ALA C 282 -29.20 -1.23 11.00
N LEU C 283 -29.45 -2.06 10.00
CA LEU C 283 -30.43 -3.12 10.15
C LEU C 283 -29.82 -4.27 10.91
N ASP C 284 -30.71 -5.08 11.51
CA ASP C 284 -30.31 -6.26 12.24
C ASP C 284 -30.34 -7.49 11.32
N PHE C 285 -29.18 -8.08 11.08
CA PHE C 285 -29.07 -9.34 10.33
C PHE C 285 -28.30 -10.31 11.16
N SER C 286 -28.52 -11.60 10.98
CA SER C 286 -27.61 -12.58 11.56
C SER C 286 -27.26 -13.62 10.52
N LEU C 287 -26.24 -14.41 10.85
CA LEU C 287 -25.78 -15.48 9.97
C LEU C 287 -25.67 -16.73 10.84
N LYS C 288 -26.58 -17.69 10.67
CA LYS C 288 -26.68 -18.82 11.64
C LYS C 288 -26.27 -20.09 10.91
N LEU C 289 -25.15 -20.67 11.33
CA LEU C 289 -24.64 -21.93 10.77
C LEU C 289 -25.62 -23.07 11.04
N PHE C 290 -26.01 -23.82 10.00
CA PHE C 290 -27.02 -24.91 10.14
C PHE C 290 -26.64 -26.16 9.35
N ALA D 7 -10.08 11.08 30.18
CA ALA D 7 -10.35 11.14 28.69
C ALA D 7 -9.24 11.88 27.92
N GLU D 8 -8.66 12.93 28.55
CA GLU D 8 -7.53 13.64 27.95
C GLU D 8 -6.33 12.70 27.67
N GLY D 9 -6.18 11.65 28.48
CA GLY D 9 -5.05 10.73 28.28
C GLY D 9 -5.28 9.63 27.27
N LEU D 10 -6.53 9.45 26.81
CA LEU D 10 -6.89 8.33 25.96
C LEU D 10 -6.20 8.41 24.60
N ALA D 11 -5.76 9.61 24.20
CA ALA D 11 -5.08 9.79 22.93
C ALA D 11 -3.82 8.94 22.88
N LEU D 12 -3.24 8.65 24.05
CA LEU D 12 -1.98 7.91 24.05
C LEU D 12 -2.12 6.46 23.57
N LEU D 13 -3.34 5.94 23.65
CA LEU D 13 -3.67 4.58 23.20
C LEU D 13 -3.49 4.39 21.69
N LEU D 14 -3.53 5.46 20.93
CA LEU D 14 -3.64 5.38 19.46
C LEU D 14 -2.32 4.99 18.75
N PRO D 15 -2.32 3.89 17.96
CA PRO D 15 -1.10 3.48 17.20
C PRO D 15 -0.81 4.53 16.10
N PRO D 16 0.32 5.28 16.20
CA PRO D 16 0.52 6.45 15.30
C PRO D 16 0.69 6.09 13.83
N VAL D 17 1.17 4.89 13.55
CA VAL D 17 1.34 4.45 12.17
C VAL D 17 -0.01 4.19 11.56
N THR D 18 -0.87 3.44 12.25
CA THR D 18 -2.23 3.20 11.78
C THR D 18 -3.06 4.52 11.57
N LEU D 19 -2.84 5.50 12.45
CA LEU D 19 -3.51 6.77 12.43
C LEU D 19 -3.17 7.54 11.17
N ALA D 20 -1.89 7.73 10.92
CA ALA D 20 -1.43 8.44 9.73
C ALA D 20 -1.96 7.81 8.43
N ALA D 21 -1.97 6.49 8.36
CA ALA D 21 -2.42 5.80 7.15
C ALA D 21 -3.93 5.97 6.98
N LEU D 22 -4.65 5.93 8.09
CA LEU D 22 -6.10 6.17 8.12
C LEU D 22 -6.44 7.57 7.53
N VAL D 23 -5.77 8.60 8.04
CA VAL D 23 -5.94 9.99 7.63
C VAL D 23 -5.65 10.16 6.15
N ASP D 24 -4.56 9.58 5.69
CA ASP D 24 -4.24 9.60 4.29
C ASP D 24 -5.37 9.01 3.49
N SER D 25 -5.92 7.89 3.95
CA SER D 25 -6.84 7.20 3.06
C SER D 25 -8.15 7.95 3.07
N TRP D 26 -8.42 8.72 4.12
CA TRP D 26 -9.66 9.48 4.16
C TRP D 26 -9.59 10.64 3.24
N LEU D 27 -8.41 11.25 3.16
CA LEU D 27 -8.26 12.40 2.31
C LEU D 27 -8.24 11.97 0.85
N ARG D 28 -7.62 10.83 0.55
CA ARG D 28 -7.62 10.28 -0.80
C ARG D 28 -9.06 9.96 -1.26
N GLU D 29 -9.82 9.39 -0.35
CA GLU D 29 -11.20 9.08 -0.63
C GLU D 29 -12.00 10.33 -1.01
N ASP D 30 -11.86 11.41 -0.27
CA ASP D 30 -12.59 12.62 -0.53
C ASP D 30 -12.05 13.49 -1.69
N CYS D 31 -10.79 13.37 -2.03
CA CYS D 31 -10.24 14.06 -3.19
C CYS D 31 -9.11 13.36 -3.88
N PRO D 32 -9.39 12.50 -4.82
CA PRO D 32 -8.35 11.68 -5.40
C PRO D 32 -7.58 12.39 -6.48
N GLY D 33 -8.22 13.31 -7.15
CA GLY D 33 -7.60 14.02 -8.28
C GLY D 33 -7.50 15.53 -8.04
N LEU D 34 -7.68 16.34 -9.08
CA LEU D 34 -7.57 17.80 -8.96
C LEU D 34 -8.69 18.38 -8.09
N ASN D 35 -8.36 19.37 -7.27
CA ASN D 35 -9.34 20.10 -6.44
C ASN D 35 -9.52 21.56 -6.91
N TYR D 36 -10.44 21.75 -7.86
CA TYR D 36 -10.62 23.05 -8.50
C TYR D 36 -11.11 24.11 -7.51
N ALA D 37 -11.89 23.70 -6.52
CA ALA D 37 -12.30 24.65 -5.47
C ALA D 37 -11.12 25.39 -4.76
N ALA D 38 -9.95 24.77 -4.72
CA ALA D 38 -8.80 25.43 -4.10
C ALA D 38 -8.55 26.82 -4.69
N LEU D 39 -8.74 27.01 -6.00
CA LEU D 39 -8.53 28.33 -6.60
C LEU D 39 -9.56 29.35 -6.18
N VAL D 40 -10.70 28.89 -5.68
CA VAL D 40 -11.68 29.83 -5.21
C VAL D 40 -11.25 30.46 -3.88
N SER D 41 -10.68 29.66 -2.98
CA SER D 41 -10.28 30.18 -1.68
C SER D 41 -8.85 30.78 -1.68
N GLY D 42 -7.95 30.23 -2.48
CA GLY D 42 -6.58 30.68 -2.44
C GLY D 42 -5.79 30.13 -1.26
N ALA D 43 -4.57 30.62 -1.09
CA ALA D 43 -3.69 30.14 -0.04
C ALA D 43 -3.46 31.13 1.11
N GLY D 44 -4.19 32.26 1.11
CA GLY D 44 -4.08 33.20 2.20
C GLY D 44 -4.36 32.55 3.54
N PRO D 45 -3.71 33.03 4.61
CA PRO D 45 -3.92 32.51 5.96
C PRO D 45 -5.37 32.69 6.36
N SER D 46 -5.91 31.75 7.13
CA SER D 46 -7.26 31.87 7.55
C SER D 46 -7.63 31.15 8.83
N GLN D 47 -8.79 31.50 9.39
CA GLN D 47 -9.18 30.99 10.68
C GLN D 47 -10.61 30.67 10.69
N ALA D 48 -10.91 29.56 11.33
CA ALA D 48 -12.28 29.06 11.33
C ALA D 48 -12.66 28.66 12.74
N ALA D 49 -13.91 28.86 13.07
CA ALA D 49 -14.40 28.46 14.37
C ALA D 49 -15.19 27.15 14.31
N LEU D 50 -14.87 26.23 15.19
CA LEU D 50 -15.60 24.97 15.26
C LEU D 50 -16.80 25.06 16.26
N TRP D 51 -18.01 24.80 15.75
CA TRP D 51 -19.23 24.92 16.50
C TRP D 51 -19.89 23.60 16.80
N ALA D 52 -20.18 23.35 18.06
CA ALA D 52 -21.03 22.25 18.47
C ALA D 52 -22.50 22.66 18.53
N LYS D 53 -23.32 21.98 17.74
CA LYS D 53 -24.69 22.32 17.59
C LYS D 53 -25.58 21.24 18.20
N SER D 54 -24.97 20.23 18.81
CA SER D 54 -25.71 19.12 19.44
C SER D 54 -25.28 18.92 20.87
N PRO D 55 -26.22 18.50 21.73
CA PRO D 55 -25.79 18.08 23.08
C PRO D 55 -25.07 16.75 23.02
N GLY D 56 -24.23 16.46 24.01
CA GLY D 56 -23.62 15.15 24.13
C GLY D 56 -22.18 15.33 24.62
N VAL D 57 -21.28 14.44 24.15
CA VAL D 57 -19.88 14.39 24.62
C VAL D 57 -18.93 14.58 23.44
N LEU D 58 -17.94 15.43 23.60
CA LEU D 58 -16.96 15.70 22.58
C LEU D 58 -15.96 14.59 22.58
N ALA D 59 -15.69 14.02 21.40
CA ALA D 59 -14.69 12.96 21.23
C ALA D 59 -14.15 12.93 19.82
N GLY D 60 -12.86 12.62 19.66
CA GLY D 60 -12.21 12.55 18.36
C GLY D 60 -11.17 13.62 18.08
N GLN D 61 -10.89 14.50 19.05
CA GLN D 61 -9.81 15.48 18.86
C GLN D 61 -8.52 14.93 18.17
N PRO D 62 -8.02 13.75 18.60
CA PRO D 62 -6.72 13.30 17.97
C PRO D 62 -6.86 13.07 16.45
N PHE D 63 -8.03 12.62 16.02
CA PHE D 63 -8.27 12.38 14.62
C PHE D 63 -8.45 13.70 13.83
N PHE D 64 -9.22 14.61 14.40
CA PHE D 64 -9.47 15.92 13.86
C PHE D 64 -8.11 16.61 13.73
N ASP D 65 -7.26 16.55 14.77
CA ASP D 65 -5.91 17.16 14.70
C ASP D 65 -5.06 16.51 13.63
N ALA D 66 -5.06 15.18 13.54
CA ALA D 66 -4.18 14.53 12.55
C ALA D 66 -4.58 14.89 11.11
N ILE D 67 -5.89 15.08 10.90
CA ILE D 67 -6.34 15.45 9.58
C ILE D 67 -5.76 16.81 9.24
N PHE D 68 -5.92 17.77 10.13
CA PHE D 68 -5.46 19.11 9.86
C PHE D 68 -3.94 19.33 9.84
N THR D 69 -3.21 18.59 10.68
CA THR D 69 -1.77 18.61 10.70
C THR D 69 -1.24 18.18 9.33
N GLN D 70 -1.78 17.11 8.73
CA GLN D 70 -1.39 16.68 7.41
C GLN D 70 -1.59 17.80 6.43
N LEU D 71 -2.63 18.62 6.65
CA LEU D 71 -2.87 19.65 5.70
C LEU D 71 -2.24 20.96 6.12
N ASN D 72 -1.26 20.92 7.04
CA ASN D 72 -0.54 22.14 7.47
C ASN D 72 -1.42 23.17 8.14
N CYS D 73 -2.46 22.69 8.83
CA CYS D 73 -3.31 23.52 9.65
C CYS D 73 -3.08 23.20 11.12
N GLN D 74 -3.41 24.15 12.01
CA GLN D 74 -3.22 23.99 13.44
C GLN D 74 -4.61 24.12 14.05
N VAL D 75 -4.79 23.49 15.19
CA VAL D 75 -6.02 23.51 15.91
C VAL D 75 -5.79 23.93 17.36
N SER D 76 -6.66 24.79 17.89
CA SER D 76 -6.66 25.05 19.33
C SER D 76 -8.05 24.64 19.88
N TRP D 77 -8.03 23.80 20.91
CA TRP D 77 -9.24 23.39 21.64
C TRP D 77 -9.56 24.28 22.82
N PHE D 78 -10.84 24.62 22.95
CA PHE D 78 -11.35 25.40 24.08
C PHE D 78 -12.00 24.47 25.05
N LEU D 79 -12.21 23.22 24.67
CA LEU D 79 -12.76 22.24 25.61
C LEU D 79 -11.86 21.01 25.50
N PRO D 80 -11.58 20.37 26.62
CA PRO D 80 -10.81 19.13 26.57
C PRO D 80 -11.61 17.94 26.04
N GLU D 81 -10.90 16.95 25.52
CA GLU D 81 -11.53 15.75 25.03
C GLU D 81 -12.46 15.18 26.13
N GLY D 82 -13.68 14.75 25.76
CA GLY D 82 -14.61 14.20 26.77
C GLY D 82 -15.56 15.20 27.42
N SER D 83 -15.43 16.50 27.17
CA SER D 83 -16.34 17.49 27.78
C SER D 83 -17.79 17.30 27.35
N LYS D 84 -18.70 17.71 28.25
CA LYS D 84 -20.11 17.79 27.91
C LYS D 84 -20.22 18.94 26.90
N LEU D 85 -21.07 18.79 25.89
CA LEU D 85 -21.33 19.79 24.92
C LEU D 85 -22.75 20.31 25.16
N VAL D 86 -22.85 21.63 25.38
CA VAL D 86 -24.11 22.36 25.46
C VAL D 86 -24.14 23.32 24.29
N PRO D 87 -24.97 23.04 23.30
CA PRO D 87 -25.05 23.84 22.06
C PRO D 87 -25.64 25.25 22.34
N VAL D 88 -25.29 26.26 21.54
CA VAL D 88 -24.33 26.20 20.46
C VAL D 88 -23.05 26.66 21.12
N ALA D 89 -22.00 25.85 21.09
CA ALA D 89 -20.74 26.19 21.76
C ALA D 89 -19.56 26.24 20.78
N ARG D 90 -18.72 27.24 20.99
CA ARG D 90 -17.46 27.41 20.27
C ARG D 90 -16.49 26.45 20.96
N VAL D 91 -16.04 25.44 20.23
CA VAL D 91 -15.26 24.33 20.76
C VAL D 91 -13.81 24.49 20.40
N ALA D 92 -13.50 25.09 19.24
CA ALA D 92 -12.13 25.08 18.76
C ALA D 92 -11.97 26.10 17.71
N GLU D 93 -10.71 26.35 17.38
CA GLU D 93 -10.34 27.22 16.28
C GLU D 93 -9.36 26.46 15.42
N VAL D 94 -9.56 26.50 14.12
CA VAL D 94 -8.57 25.96 13.16
C VAL D 94 -7.92 27.06 12.34
N ARG D 95 -6.63 26.91 12.01
CA ARG D 95 -5.86 27.96 11.28
C ARG D 95 -5.08 27.30 10.19
N GLY D 96 -5.02 27.90 9.01
CA GLY D 96 -4.00 27.51 8.04
C GLY D 96 -4.40 28.15 6.74
N PRO D 97 -3.71 27.77 5.65
CA PRO D 97 -4.03 28.34 4.34
C PRO D 97 -5.46 28.01 4.00
N ALA D 98 -6.22 29.01 3.52
CA ALA D 98 -7.62 28.82 3.25
C ALA D 98 -7.97 27.51 2.52
N HIS D 99 -7.23 27.16 1.49
CA HIS D 99 -7.65 26.00 0.70
C HIS D 99 -7.36 24.72 1.44
N CYS D 100 -6.27 24.68 2.22
CA CYS D 100 -6.07 23.54 3.14
C CYS D 100 -7.20 23.39 4.19
N LEU D 101 -7.61 24.45 4.86
CA LEU D 101 -8.72 24.31 5.80
C LEU D 101 -9.93 23.73 5.06
N LEU D 102 -10.26 24.29 3.92
CA LEU D 102 -11.53 23.92 3.27
C LEU D 102 -11.48 22.50 2.72
N LEU D 103 -10.28 22.07 2.34
CA LEU D 103 -10.04 20.68 1.97
C LEU D 103 -10.28 19.70 3.12
N GLY D 104 -9.82 20.05 4.32
CA GLY D 104 -9.97 19.17 5.47
C GLY D 104 -11.33 19.15 6.12
N GLU D 105 -12.11 20.22 5.89
CA GLU D 105 -13.26 20.55 6.68
C GLU D 105 -14.24 19.40 6.83
N ARG D 106 -14.78 18.90 5.70
CA ARG D 106 -15.78 17.87 5.72
C ARG D 106 -15.30 16.60 6.39
N VAL D 107 -14.10 16.14 6.06
CA VAL D 107 -13.61 14.84 6.57
C VAL D 107 -13.37 14.97 8.08
N ALA D 108 -12.81 16.10 8.49
CA ALA D 108 -12.62 16.33 9.94
C ALA D 108 -13.95 16.34 10.69
N LEU D 109 -14.93 17.09 10.18
CA LEU D 109 -16.25 17.16 10.79
C LEU D 109 -16.92 15.79 10.81
N ASN D 110 -16.85 15.07 9.69
CA ASN D 110 -17.36 13.72 9.64
C ASN D 110 -16.81 12.82 10.74
N THR D 111 -15.52 12.88 10.95
CA THR D 111 -14.88 12.06 11.94
C THR D 111 -15.33 12.48 13.34
N LEU D 112 -15.39 13.79 13.60
CA LEU D 112 -15.64 14.23 14.98
C LEU D 112 -17.10 13.94 15.27
N ALA D 113 -17.94 14.13 14.26
CA ALA D 113 -19.36 13.96 14.40
C ALA D 113 -19.67 12.55 14.87
N ARG D 114 -19.01 11.56 14.27
CA ARG D 114 -19.29 10.15 14.53
C ARG D 114 -18.66 9.71 15.82
N CYS D 115 -17.40 10.07 16.03
CA CYS D 115 -16.74 9.77 17.26
C CYS D 115 -17.51 10.31 18.46
N SER D 116 -17.97 11.55 18.36
CA SER D 116 -18.74 12.20 19.36
C SER D 116 -20.12 11.56 19.52
N GLY D 117 -20.73 11.19 18.40
CA GLY D 117 -22.03 10.53 18.45
C GLY D 117 -21.93 9.28 19.30
N ILE D 118 -20.88 8.50 19.07
CA ILE D 118 -20.67 7.25 19.77
C ILE D 118 -20.37 7.48 21.22
N ALA D 119 -19.41 8.35 21.51
CA ALA D 119 -19.14 8.76 22.88
C ALA D 119 -20.38 9.26 23.66
N SER D 120 -21.22 10.06 23.01
CA SER D 120 -22.45 10.53 23.63
C SER D 120 -23.40 9.37 24.04
N ALA D 121 -23.61 8.41 23.13
CA ALA D 121 -24.48 7.27 23.40
C ALA D 121 -23.87 6.44 24.54
N ALA D 122 -22.54 6.28 24.50
CA ALA D 122 -21.89 5.54 25.56
C ALA D 122 -22.07 6.25 26.91
N ALA D 123 -21.89 7.58 26.95
CA ALA D 123 -22.05 8.33 28.20
C ALA D 123 -23.46 8.24 28.73
N ALA D 124 -24.43 8.24 27.82
CA ALA D 124 -25.85 8.14 28.20
C ALA D 124 -26.08 6.77 28.85
N ALA D 125 -25.48 5.74 28.27
CA ALA D 125 -25.63 4.39 28.77
C ALA D 125 -24.93 4.22 30.14
N VAL D 126 -23.71 4.75 30.28
CA VAL D 126 -23.01 4.72 31.58
C VAL D 126 -23.83 5.45 32.67
N GLU D 127 -24.41 6.59 32.31
CA GLU D 127 -25.20 7.38 33.23
C GLU D 127 -26.47 6.60 33.66
N ALA D 128 -27.19 6.03 32.72
CA ALA D 128 -28.35 5.26 33.11
C ALA D 128 -27.99 4.07 34.05
N ALA D 129 -26.91 3.35 33.78
CA ALA D 129 -26.45 2.29 34.63
C ALA D 129 -26.10 2.80 36.03
N ARG D 130 -25.29 3.85 36.10
CA ARG D 130 -24.88 4.45 37.38
C ARG D 130 -26.16 4.82 38.17
N GLY D 131 -27.13 5.39 37.49
CA GLY D 131 -28.40 5.76 38.10
C GLY D 131 -29.25 4.61 38.60
N ALA D 132 -28.99 3.42 38.10
CA ALA D 132 -29.68 2.24 38.59
C ALA D 132 -28.80 1.46 39.60
N GLY D 133 -27.76 2.11 40.16
CA GLY D 133 -26.88 1.48 41.15
C GLY D 133 -25.82 0.49 40.63
N TRP D 134 -25.68 0.38 39.32
CA TRP D 134 -24.77 -0.63 38.76
C TRP D 134 -23.37 -0.15 38.57
N THR D 135 -22.41 -0.96 39.05
CA THR D 135 -20.96 -0.62 39.01
C THR D 135 -20.16 -1.18 37.80
N GLY D 136 -20.68 -2.20 37.12
CA GLY D 136 -19.94 -2.87 36.05
C GLY D 136 -19.54 -2.03 34.83
N HIS D 137 -19.04 -2.70 33.80
CA HIS D 137 -18.61 -2.07 32.56
C HIS D 137 -19.70 -2.09 31.54
N VAL D 138 -20.05 -0.91 31.04
CA VAL D 138 -20.82 -0.86 29.80
C VAL D 138 -19.79 -1.01 28.67
N ALA D 139 -20.12 -1.79 27.65
CA ALA D 139 -19.16 -2.12 26.62
C ALA D 139 -19.74 -2.11 25.23
N GLY D 140 -18.86 -1.98 24.25
CA GLY D 140 -19.22 -2.12 22.84
C GLY D 140 -19.10 -3.55 22.35
N THR D 141 -19.08 -3.71 21.04
CA THR D 141 -19.10 -5.00 20.39
C THR D 141 -18.20 -4.85 19.16
N ARG D 142 -18.17 -5.87 18.33
CA ARG D 142 -17.51 -5.76 17.03
C ARG D 142 -18.43 -5.26 15.93
N LYS D 143 -19.60 -4.79 16.33
CA LYS D 143 -20.57 -4.18 15.39
C LYS D 143 -20.19 -2.74 15.01
N THR D 144 -19.08 -2.64 14.27
CA THR D 144 -18.50 -1.34 13.94
C THR D 144 -18.49 -1.11 12.42
N THR D 145 -18.35 0.14 11.98
CA THR D 145 -18.26 0.38 10.57
C THR D 145 -16.90 -0.16 10.06
N PRO D 146 -16.91 -1.05 9.06
CA PRO D 146 -15.64 -1.60 8.58
C PRO D 146 -14.72 -0.46 8.19
N GLY D 147 -13.43 -0.60 8.49
CA GLY D 147 -12.45 0.43 8.21
C GLY D 147 -12.36 1.55 9.24
N PHE D 148 -13.36 1.67 10.09
CA PHE D 148 -13.45 2.81 10.98
C PHE D 148 -13.47 2.35 12.46
N ARG D 149 -13.04 1.11 12.72
CA ARG D 149 -13.03 0.62 14.07
C ARG D 149 -12.25 1.48 15.13
N LEU D 150 -11.10 1.99 14.71
CA LEU D 150 -10.27 2.71 15.63
C LEU D 150 -11.00 3.94 16.20
N VAL D 151 -11.76 4.63 15.38
CA VAL D 151 -12.38 5.84 15.82
C VAL D 151 -13.55 5.46 16.70
N GLU D 152 -14.29 4.41 16.29
CA GLU D 152 -15.49 3.97 16.97
C GLU D 152 -15.15 3.40 18.37
N LYS D 153 -14.11 2.57 18.46
CA LYS D 153 -13.72 2.03 19.75
C LYS D 153 -13.17 3.15 20.67
N TYR D 154 -12.46 4.09 20.08
CA TYR D 154 -11.91 5.18 20.84
C TYR D 154 -13.05 6.06 21.37
N GLY D 155 -14.09 6.26 20.57
CA GLY D 155 -15.24 7.05 21.00
C GLY D 155 -15.97 6.43 22.18
N LEU D 156 -16.09 5.10 22.16
CA LEU D 156 -16.63 4.37 23.26
C LEU D 156 -15.89 4.68 24.56
N LEU D 157 -14.55 4.61 24.50
CA LEU D 157 -13.72 4.90 25.64
C LEU D 157 -13.92 6.33 26.16
N VAL D 158 -13.96 7.30 25.26
CA VAL D 158 -14.13 8.68 25.67
C VAL D 158 -15.44 8.82 26.42
N GLY D 159 -16.48 8.09 26.01
CA GLY D 159 -17.80 8.15 26.65
C GLY D 159 -17.85 7.40 27.98
N GLY D 160 -16.78 6.70 28.34
CA GLY D 160 -16.76 5.95 29.57
C GLY D 160 -17.17 4.48 29.46
N ALA D 161 -17.45 3.98 28.25
CA ALA D 161 -17.72 2.55 28.06
C ALA D 161 -16.42 1.81 27.79
N ALA D 162 -16.40 0.54 28.06
CA ALA D 162 -15.25 -0.27 27.65
C ALA D 162 -15.42 -0.60 26.17
N SER D 163 -14.30 -0.80 25.50
CA SER D 163 -14.38 -1.06 24.13
C SER D 163 -14.79 -2.50 23.79
N HIS D 164 -14.55 -3.39 24.76
CA HIS D 164 -14.57 -4.86 24.51
C HIS D 164 -13.40 -5.20 23.63
N ARG D 165 -13.24 -6.48 23.27
CA ARG D 165 -12.09 -6.89 22.47
C ARG D 165 -12.02 -6.04 21.23
N TYR D 166 -10.81 -5.58 20.93
CA TYR D 166 -10.62 -4.70 19.77
C TYR D 166 -10.86 -5.46 18.43
N ASP D 167 -10.43 -6.72 18.36
CA ASP D 167 -10.50 -7.51 17.15
C ASP D 167 -10.43 -8.99 17.52
N LEU D 168 -10.39 -9.87 16.52
CA LEU D 168 -10.40 -11.33 16.76
C LEU D 168 -9.19 -11.88 17.50
N GLY D 169 -8.12 -11.07 17.59
CA GLY D 169 -6.87 -11.47 18.22
C GLY D 169 -6.81 -11.18 19.75
N GLY D 170 -7.79 -10.45 20.29
CA GLY D 170 -7.76 -9.92 21.66
C GLY D 170 -8.34 -10.89 22.71
N LEU D 171 -9.14 -11.84 22.24
CA LEU D 171 -9.91 -12.67 23.10
C LEU D 171 -10.38 -13.72 22.15
N VAL D 172 -10.69 -14.90 22.67
CA VAL D 172 -11.30 -15.96 21.88
C VAL D 172 -12.74 -15.97 22.38
N MET D 173 -13.66 -15.83 21.41
CA MET D 173 -15.08 -15.76 21.72
C MET D 173 -15.75 -16.93 21.03
N VAL D 174 -16.28 -17.87 21.83
CA VAL D 174 -17.06 -18.95 21.29
C VAL D 174 -18.53 -18.51 21.16
N LYS D 175 -19.06 -18.58 19.93
CA LYS D 175 -20.45 -18.22 19.66
C LYS D 175 -21.28 -19.41 19.23
N ASP D 176 -22.57 -19.16 19.14
CA ASP D 176 -23.53 -20.08 18.64
C ASP D 176 -22.99 -20.88 17.53
N ASN D 177 -22.33 -20.21 16.60
CA ASN D 177 -21.87 -20.80 15.38
C ASN D 177 -20.66 -21.67 15.57
N HIS D 178 -19.81 -21.36 16.55
CA HIS D 178 -18.71 -22.25 16.95
C HIS D 178 -19.25 -23.48 17.62
N VAL D 179 -20.26 -23.28 18.47
CA VAL D 179 -20.90 -24.41 19.14
C VAL D 179 -21.44 -25.42 18.16
N VAL D 180 -22.22 -24.95 17.18
CA VAL D 180 -22.72 -25.81 16.11
C VAL D 180 -21.57 -26.47 15.39
N ALA D 181 -20.53 -25.74 15.01
CA ALA D 181 -19.47 -26.32 14.18
C ALA D 181 -18.65 -27.37 14.94
N ALA D 182 -18.57 -27.25 16.25
CA ALA D 182 -17.69 -28.10 17.04
C ALA D 182 -18.47 -29.32 17.51
N GLY D 183 -19.79 -29.22 17.40
CA GLY D 183 -20.64 -30.30 17.82
C GLY D 183 -21.16 -30.19 19.23
N GLY D 184 -21.00 -29.04 19.85
CA GLY D 184 -21.59 -28.82 21.18
C GLY D 184 -20.73 -27.94 22.08
N VAL D 185 -21.36 -27.37 23.08
CA VAL D 185 -20.72 -26.41 24.00
C VAL D 185 -19.41 -26.88 24.62
N GLU D 186 -19.40 -28.07 25.20
CA GLU D 186 -18.20 -28.57 25.83
C GLU D 186 -17.03 -28.84 24.83
N LYS D 187 -17.31 -29.44 23.67
CA LYS D 187 -16.26 -29.64 22.69
C LYS D 187 -15.69 -28.28 22.24
N ALA D 188 -16.58 -27.31 22.06
CA ALA D 188 -16.23 -25.97 21.58
C ALA D 188 -15.30 -25.27 22.60
N VAL D 189 -15.69 -25.33 23.87
CA VAL D 189 -14.93 -24.65 24.90
C VAL D 189 -13.60 -25.33 25.18
N ARG D 190 -13.60 -26.66 25.16
CA ARG D 190 -12.35 -27.42 25.34
C ARG D 190 -11.42 -27.09 24.14
N ALA D 191 -11.96 -27.08 22.90
CA ALA D 191 -11.16 -26.70 21.71
C ALA D 191 -10.64 -25.25 21.78
N ALA D 192 -11.51 -24.34 22.21
CA ALA D 192 -11.11 -22.95 22.38
C ALA D 192 -9.96 -22.84 23.36
N ARG D 193 -10.08 -23.56 24.48
CA ARG D 193 -9.10 -23.41 25.57
C ARG D 193 -7.77 -23.98 25.14
N GLN D 194 -7.80 -25.06 24.36
CA GLN D 194 -6.61 -25.84 24.00
C GLN D 194 -5.90 -25.04 22.95
N ALA D 195 -6.68 -24.42 22.08
CA ALA D 195 -6.16 -23.64 20.97
C ALA D 195 -5.63 -22.25 21.39
N ALA D 196 -6.41 -21.50 22.16
CA ALA D 196 -6.03 -20.18 22.61
C ALA D 196 -4.67 -20.17 23.32
N ASP D 197 -3.74 -19.32 22.88
CA ASP D 197 -2.56 -19.04 23.69
C ASP D 197 -2.96 -18.81 25.18
N PHE D 198 -2.09 -19.23 26.11
CA PHE D 198 -2.36 -19.08 27.56
C PHE D 198 -2.55 -17.61 27.97
N THR D 199 -2.01 -16.68 27.17
CA THR D 199 -2.20 -15.27 27.48
C THR D 199 -3.62 -14.77 27.21
N LEU D 200 -4.44 -15.51 26.45
CA LEU D 200 -5.79 -15.05 26.07
C LEU D 200 -6.88 -15.61 26.98
N LYS D 201 -7.98 -14.89 27.15
CA LYS D 201 -9.14 -15.39 27.82
C LYS D 201 -10.02 -16.04 26.77
N VAL D 202 -10.99 -16.84 27.24
CA VAL D 202 -12.04 -17.45 26.42
C VAL D 202 -13.37 -17.03 26.98
N GLU D 203 -14.21 -16.46 26.11
CA GLU D 203 -15.54 -16.09 26.48
C GLU D 203 -16.47 -16.91 25.62
N VAL D 204 -17.62 -17.27 26.18
CA VAL D 204 -18.59 -18.14 25.52
C VAL D 204 -19.99 -17.52 25.53
N GLU D 205 -20.54 -17.35 24.34
CA GLU D 205 -21.94 -16.90 24.18
C GLU D 205 -22.95 -18.00 24.41
N CYS D 206 -23.85 -17.78 25.36
CA CYS D 206 -24.72 -18.82 25.85
C CYS D 206 -26.12 -18.28 25.78
N SER D 207 -27.02 -19.09 25.24
CA SER D 207 -28.40 -18.70 25.22
C SER D 207 -29.27 -19.38 26.30
N SER D 208 -28.69 -20.14 27.24
CA SER D 208 -29.47 -20.76 28.33
C SER D 208 -28.57 -20.98 29.51
N LEU D 209 -29.16 -21.22 30.71
CA LEU D 209 -28.40 -21.53 31.92
C LEU D 209 -27.58 -22.80 31.69
N GLN D 210 -28.18 -23.75 30.97
CA GLN D 210 -27.57 -25.08 30.77
C GLN D 210 -26.19 -24.88 30.13
N GLU D 211 -26.21 -24.15 29.05
CA GLU D 211 -24.98 -23.79 28.34
C GLU D 211 -23.97 -23.00 29.13
N ALA D 212 -24.45 -21.95 29.80
CA ALA D 212 -23.61 -21.25 30.78
C ALA D 212 -22.88 -22.16 31.75
N VAL D 213 -23.58 -23.15 32.34
CA VAL D 213 -22.94 -24.02 33.34
C VAL D 213 -21.88 -24.86 32.64
N GLN D 214 -22.25 -25.32 31.45
CA GLN D 214 -21.36 -26.24 30.72
C GLN D 214 -20.10 -25.51 30.37
N ALA D 215 -20.28 -24.26 29.97
CA ALA D 215 -19.20 -23.36 29.58
C ALA D 215 -18.27 -23.01 30.75
N ALA D 216 -18.85 -22.62 31.87
CA ALA D 216 -18.08 -22.52 33.11
C ALA D 216 -17.28 -23.78 33.47
N GLU D 217 -17.94 -24.94 33.46
CA GLU D 217 -17.27 -26.21 33.78
C GLU D 217 -16.12 -26.53 32.86
N ALA D 218 -16.25 -26.16 31.59
CA ALA D 218 -15.18 -26.45 30.62
C ALA D 218 -14.02 -25.44 30.65
N GLY D 219 -14.16 -24.41 31.51
CA GLY D 219 -13.05 -23.45 31.77
C GLY D 219 -13.13 -22.03 31.16
N ALA D 220 -14.31 -21.62 30.72
CA ALA D 220 -14.53 -20.26 30.26
C ALA D 220 -14.15 -19.19 31.29
N ASP D 221 -13.49 -18.13 30.83
CA ASP D 221 -13.18 -17.02 31.72
C ASP D 221 -14.37 -16.09 31.81
N LEU D 222 -15.16 -16.08 30.75
CA LEU D 222 -16.31 -15.20 30.72
C LEU D 222 -17.44 -15.92 30.07
N VAL D 223 -18.64 -15.60 30.55
CA VAL D 223 -19.82 -16.20 29.99
C VAL D 223 -20.73 -15.07 29.59
N LEU D 224 -21.15 -15.09 28.33
CA LEU D 224 -22.00 -14.04 27.84
C LEU D 224 -23.42 -14.56 27.66
N LEU D 225 -24.31 -14.00 28.45
CA LEU D 225 -25.70 -14.40 28.41
C LEU D 225 -26.41 -13.61 27.32
N ASP D 226 -26.67 -14.29 26.23
CA ASP D 226 -27.18 -13.67 25.02
C ASP D 226 -28.71 -13.71 24.90
N ASN D 227 -29.33 -12.55 24.72
CA ASN D 227 -30.78 -12.44 24.46
C ASN D 227 -31.71 -13.00 25.51
N PHE D 228 -31.32 -12.90 26.78
CA PHE D 228 -32.17 -13.33 27.87
C PHE D 228 -33.14 -12.19 28.13
N LYS D 229 -34.38 -12.49 28.47
CA LYS D 229 -35.27 -11.49 29.12
C LYS D 229 -34.71 -11.25 30.54
N PRO D 230 -34.79 -10.01 31.04
CA PRO D 230 -34.20 -9.71 32.37
C PRO D 230 -34.66 -10.62 33.51
N GLU D 231 -35.92 -11.07 33.45
CA GLU D 231 -36.51 -11.96 34.50
C GLU D 231 -35.74 -13.32 34.55
N GLU D 232 -35.29 -13.82 33.39
CA GLU D 232 -34.53 -15.11 33.32
C GLU D 232 -33.04 -14.82 33.50
N LEU D 233 -32.61 -13.61 33.14
CA LEU D 233 -31.20 -13.26 33.23
C LEU D 233 -30.64 -13.25 34.64
N HIS D 234 -31.28 -12.54 35.55
CA HIS D 234 -30.71 -12.39 36.90
C HIS D 234 -30.64 -13.66 37.70
N PRO D 235 -31.72 -14.51 37.63
CA PRO D 235 -31.61 -15.82 38.33
C PRO D 235 -30.44 -16.65 37.75
N THR D 236 -30.27 -16.61 36.43
CA THR D 236 -29.15 -17.33 35.81
C THR D 236 -27.79 -16.80 36.25
N ALA D 237 -27.60 -15.50 36.17
CA ALA D 237 -26.34 -14.91 36.64
C ALA D 237 -26.04 -15.20 38.14
N THR D 238 -27.09 -15.18 38.96
CA THR D 238 -26.98 -15.43 40.40
C THR D 238 -26.38 -16.81 40.67
N VAL D 239 -26.95 -17.83 40.01
CA VAL D 239 -26.54 -19.21 40.24
C VAL D 239 -25.07 -19.35 39.75
N LEU D 240 -24.81 -18.80 38.57
CA LEU D 240 -23.49 -18.83 37.96
C LEU D 240 -22.39 -18.21 38.83
N LYS D 241 -22.70 -17.08 39.41
CA LYS D 241 -21.77 -16.48 40.36
C LYS D 241 -21.59 -17.25 41.66
N ALA D 242 -22.65 -17.90 42.12
CA ALA D 242 -22.60 -18.69 43.33
C ALA D 242 -21.68 -19.89 43.13
N GLN D 243 -21.90 -20.71 42.09
CA GLN D 243 -21.07 -21.92 41.88
C GLN D 243 -19.70 -21.57 41.21
N PHE D 244 -19.62 -20.47 40.45
CA PHE D 244 -18.39 -20.18 39.68
C PHE D 244 -17.95 -18.75 39.87
N PRO D 245 -17.47 -18.39 41.07
CA PRO D 245 -17.23 -16.97 41.35
C PRO D 245 -16.12 -16.37 40.47
N SER D 246 -15.27 -17.23 39.92
CA SER D 246 -14.15 -16.81 39.04
C SER D 246 -14.54 -16.28 37.69
N VAL D 247 -15.75 -16.63 37.27
CA VAL D 247 -16.17 -16.40 35.92
C VAL D 247 -16.88 -15.05 35.85
N ALA D 248 -16.49 -14.23 34.90
CA ALA D 248 -17.19 -12.96 34.70
C ALA D 248 -18.42 -13.18 33.90
N VAL D 249 -19.42 -12.35 34.14
CA VAL D 249 -20.70 -12.54 33.46
C VAL D 249 -21.05 -11.26 32.69
N GLU D 250 -21.37 -11.47 31.41
CA GLU D 250 -21.69 -10.40 30.54
C GLU D 250 -23.07 -10.63 30.02
N ALA D 251 -23.86 -9.57 29.93
CA ALA D 251 -25.16 -9.65 29.30
C ALA D 251 -25.13 -8.90 27.96
N SER D 252 -25.81 -9.46 26.95
CA SER D 252 -25.89 -8.82 25.65
C SER D 252 -27.06 -9.27 24.83
N GLY D 253 -27.51 -8.43 23.91
CA GLY D 253 -28.63 -8.79 23.02
C GLY D 253 -29.86 -7.99 23.33
N GLY D 254 -30.28 -7.17 22.37
CA GLY D 254 -31.46 -6.33 22.51
C GLY D 254 -31.42 -5.34 23.68
N ILE D 255 -30.22 -4.98 24.13
CA ILE D 255 -30.14 -4.04 25.22
C ILE D 255 -30.12 -2.62 24.68
N THR D 256 -31.05 -1.79 25.15
CA THR D 256 -31.15 -0.41 24.64
C THR D 256 -30.97 0.54 25.77
N LEU D 257 -30.80 1.82 25.46
CA LEU D 257 -30.71 2.86 26.50
C LEU D 257 -31.95 2.81 27.39
N ASP D 258 -33.10 2.60 26.77
CA ASP D 258 -34.32 2.51 27.54
C ASP D 258 -34.41 1.29 28.52
N ASN D 259 -34.10 0.10 28.04
CA ASN D 259 -34.27 -1.10 28.89
C ASN D 259 -33.03 -1.44 29.75
N LEU D 260 -31.97 -0.67 29.54
CA LEU D 260 -30.71 -0.97 30.20
C LEU D 260 -30.81 -1.18 31.71
N PRO D 261 -31.61 -0.37 32.43
CA PRO D 261 -31.62 -0.52 33.91
C PRO D 261 -32.18 -1.88 34.36
N GLN D 262 -33.05 -2.46 33.55
CA GLN D 262 -33.58 -3.78 33.86
C GLN D 262 -32.53 -4.89 33.68
N PHE D 263 -31.47 -4.64 32.90
CA PHE D 263 -30.43 -5.63 32.70
C PHE D 263 -29.33 -5.49 33.75
N CYS D 264 -29.20 -4.32 34.37
CA CYS D 264 -28.26 -4.19 35.48
C CYS D 264 -28.70 -5.03 36.65
N GLY D 265 -27.75 -5.71 37.29
CA GLY D 265 -27.97 -6.55 38.44
C GLY D 265 -26.63 -6.81 39.12
N PRO D 266 -26.67 -7.24 40.40
CA PRO D 266 -25.41 -7.34 41.15
C PRO D 266 -24.51 -8.46 40.65
N HIS D 267 -25.05 -9.38 39.85
CA HIS D 267 -24.25 -10.47 39.32
C HIS D 267 -23.89 -10.39 37.86
N ILE D 268 -24.15 -9.21 37.27
CA ILE D 268 -23.71 -8.90 35.92
C ILE D 268 -22.45 -8.03 35.98
N ASP D 269 -21.37 -8.43 35.30
CA ASP D 269 -20.11 -7.68 35.33
C ASP D 269 -20.00 -6.69 34.14
N VAL D 270 -20.58 -7.09 33.00
CA VAL D 270 -20.44 -6.37 31.78
C VAL D 270 -21.77 -6.37 31.06
N ILE D 271 -22.13 -5.24 30.47
CA ILE D 271 -23.28 -5.14 29.59
C ILE D 271 -22.85 -4.51 28.27
N SER D 272 -23.03 -5.24 27.17
CA SER D 272 -22.55 -4.78 25.86
C SER D 272 -23.71 -4.47 24.97
N MET D 273 -23.57 -3.41 24.20
CA MET D 273 -24.67 -2.90 23.41
C MET D 273 -24.23 -2.55 22.00
N GLY D 274 -24.79 -3.28 21.03
CA GLY D 274 -24.59 -2.99 19.61
C GLY D 274 -24.98 -1.57 19.24
N MET D 275 -26.08 -1.09 19.87
CA MET D 275 -26.62 0.23 19.60
C MET D 275 -25.66 1.41 19.77
N LEU D 276 -24.64 1.24 20.62
CA LEU D 276 -23.70 2.28 20.90
C LEU D 276 -22.90 2.63 19.69
N THR D 277 -22.74 1.66 18.78
CA THR D 277 -22.08 1.88 17.50
C THR D 277 -23.02 1.73 16.30
N GLN D 278 -24.06 0.93 16.38
CA GLN D 278 -24.92 0.76 15.19
C GLN D 278 -25.97 1.81 15.01
N ALA D 279 -26.34 2.46 16.09
CA ALA D 279 -27.49 3.33 16.08
C ALA D 279 -27.19 4.61 16.89
N ALA D 280 -25.93 5.02 16.94
CA ALA D 280 -25.60 6.33 17.50
C ALA D 280 -25.64 7.43 16.42
N PRO D 281 -26.65 8.29 16.45
CA PRO D 281 -26.60 9.42 15.46
C PRO D 281 -25.34 10.28 15.69
N ALA D 282 -24.69 10.71 14.60
CA ALA D 282 -23.61 11.67 14.60
C ALA D 282 -24.01 13.03 15.23
N LEU D 283 -23.10 13.74 15.90
CA LEU D 283 -23.47 15.08 16.36
C LEU D 283 -23.36 16.06 15.21
N ASP D 284 -24.00 17.21 15.35
CA ASP D 284 -23.93 18.25 14.37
C ASP D 284 -22.81 19.25 14.77
N PHE D 285 -21.78 19.37 13.94
CA PHE D 285 -20.74 20.37 14.10
C PHE D 285 -20.59 21.17 12.79
N SER D 286 -20.14 22.41 12.87
CA SER D 286 -19.78 23.10 11.63
C SER D 286 -18.47 23.80 11.89
N LEU D 287 -17.80 24.19 10.80
CA LEU D 287 -16.54 24.86 10.86
C LEU D 287 -16.70 26.10 10.02
N LYS D 288 -16.88 27.28 10.66
CA LYS D 288 -17.25 28.49 9.92
C LYS D 288 -15.97 29.38 9.83
N LEU D 289 -15.49 29.63 8.61
CA LEU D 289 -14.38 30.57 8.38
C LEU D 289 -14.80 31.98 8.84
N PHE D 290 -13.99 32.63 9.70
CA PHE D 290 -14.33 34.05 10.15
C PHE D 290 -13.32 35.24 9.90
N ALA E 7 -0.75 -30.44 14.39
CA ALA E 7 0.09 -29.54 13.52
C ALA E 7 -0.48 -29.33 12.10
N GLU E 8 -1.06 -30.35 11.50
CA GLU E 8 -1.75 -30.19 10.20
C GLU E 8 -2.93 -29.13 10.26
N GLY E 9 -3.57 -28.98 11.42
CA GLY E 9 -4.66 -28.01 11.60
C GLY E 9 -4.21 -26.56 11.82
N LEU E 10 -2.92 -26.35 12.11
CA LEU E 10 -2.45 -25.05 12.51
C LEU E 10 -2.55 -24.01 11.39
N ALA E 11 -2.53 -24.46 10.13
CA ALA E 11 -2.63 -23.56 8.98
C ALA E 11 -3.91 -22.77 9.04
N LEU E 12 -4.95 -23.30 9.69
CA LEU E 12 -6.22 -22.59 9.76
C LEU E 12 -6.13 -21.23 10.49
N LEU E 13 -5.17 -21.12 11.42
CA LEU E 13 -4.95 -19.93 12.25
C LEU E 13 -4.58 -18.72 11.43
N LEU E 14 -4.05 -18.94 10.23
CA LEU E 14 -3.42 -17.86 9.47
C LEU E 14 -4.44 -16.89 8.82
N PRO E 15 -4.30 -15.57 9.09
CA PRO E 15 -5.12 -14.53 8.41
C PRO E 15 -4.78 -14.51 6.91
N PRO E 16 -5.72 -14.89 6.03
CA PRO E 16 -5.36 -15.02 4.59
C PRO E 16 -4.96 -13.67 3.92
N VAL E 17 -5.57 -12.56 4.33
CA VAL E 17 -5.22 -11.25 3.76
C VAL E 17 -3.78 -10.88 4.09
N THR E 18 -3.39 -11.06 5.34
CA THR E 18 -2.00 -10.81 5.76
C THR E 18 -0.97 -11.75 5.06
N LEU E 19 -1.33 -13.02 4.89
CA LEU E 19 -0.53 -13.98 4.16
C LEU E 19 -0.23 -13.57 2.73
N ALA E 20 -1.29 -13.29 1.97
CA ALA E 20 -1.13 -12.87 0.57
C ALA E 20 -0.20 -11.64 0.39
N ALA E 21 -0.33 -10.67 1.29
CA ALA E 21 0.43 -9.41 1.17
C ALA E 21 1.90 -9.68 1.50
N LEU E 22 2.11 -10.55 2.49
CA LEU E 22 3.43 -11.03 2.89
C LEU E 22 4.16 -11.63 1.69
N VAL E 23 3.54 -12.64 1.09
CA VAL E 23 4.04 -13.31 -0.08
C VAL E 23 4.38 -12.33 -1.21
N ASP E 24 3.46 -11.43 -1.52
CA ASP E 24 3.75 -10.41 -2.53
C ASP E 24 5.01 -9.66 -2.16
N SER E 25 5.11 -9.23 -0.91
CA SER E 25 6.21 -8.30 -0.61
C SER E 25 7.54 -9.08 -0.61
N TRP E 26 7.48 -10.38 -0.34
CA TRP E 26 8.71 -11.16 -0.41
C TRP E 26 9.20 -11.31 -1.81
N LEU E 27 8.26 -11.53 -2.74
CA LEU E 27 8.61 -11.69 -4.13
C LEU E 27 9.11 -10.35 -4.70
N ARG E 28 8.45 -9.26 -4.34
CA ARG E 28 8.88 -7.92 -4.74
C ARG E 28 10.30 -7.61 -4.24
N GLU E 29 10.57 -7.98 -3.00
CA GLU E 29 11.91 -7.83 -2.45
C GLU E 29 12.99 -8.57 -3.26
N ASP E 30 12.71 -9.81 -3.65
CA ASP E 30 13.67 -10.62 -4.35
C ASP E 30 13.83 -10.31 -5.86
N CYS E 31 12.78 -9.78 -6.48
CA CYS E 31 12.85 -9.36 -7.86
C CYS E 31 11.93 -8.16 -8.14
N PRO E 32 12.42 -6.97 -7.86
CA PRO E 32 11.59 -5.80 -8.16
C PRO E 32 11.44 -5.45 -9.66
N GLY E 33 12.45 -5.73 -10.49
CA GLY E 33 12.43 -5.34 -11.92
C GLY E 33 12.50 -6.56 -12.84
N LEU E 34 13.23 -6.41 -13.94
CA LEU E 34 13.30 -7.44 -15.00
C LEU E 34 14.05 -8.66 -14.49
N ASN E 35 13.58 -9.86 -14.81
CA ASN E 35 14.27 -11.10 -14.39
C ASN E 35 14.92 -11.82 -15.57
N TYR E 36 16.16 -11.45 -15.89
CA TYR E 36 16.77 -11.98 -17.14
C TYR E 36 16.97 -13.48 -17.16
N ALA E 37 17.24 -14.05 -16.00
CA ALA E 37 17.36 -15.48 -15.82
C ALA E 37 16.16 -16.29 -16.33
N ALA E 38 14.98 -15.69 -16.36
CA ALA E 38 13.80 -16.42 -16.81
C ALA E 38 14.03 -16.95 -18.25
N LEU E 39 14.74 -16.17 -19.08
CA LEU E 39 14.95 -16.56 -20.48
C LEU E 39 15.82 -17.81 -20.57
N VAL E 40 16.64 -18.03 -19.55
CA VAL E 40 17.51 -19.18 -19.53
C VAL E 40 16.73 -20.47 -19.32
N SER E 41 15.71 -20.42 -18.46
CA SER E 41 14.91 -21.59 -18.17
C SER E 41 13.74 -21.79 -19.11
N GLY E 42 13.10 -20.72 -19.56
CA GLY E 42 11.90 -20.90 -20.39
C GLY E 42 10.67 -21.18 -19.54
N ALA E 43 9.57 -21.51 -20.20
CA ALA E 43 8.24 -21.63 -19.60
C ALA E 43 7.76 -23.07 -19.63
N GLY E 44 8.63 -23.97 -20.09
CA GLY E 44 8.24 -25.39 -20.20
C GLY E 44 7.82 -25.97 -18.84
N PRO E 45 6.72 -26.73 -18.82
CA PRO E 45 6.34 -27.41 -17.55
C PRO E 45 7.49 -28.24 -16.97
N SER E 46 7.62 -28.21 -15.66
CA SER E 46 8.77 -28.82 -15.02
C SER E 46 8.41 -29.35 -13.66
N GLN E 47 9.34 -30.06 -13.04
CA GLN E 47 9.14 -30.66 -11.72
C GLN E 47 10.41 -30.57 -10.97
N ALA E 48 10.29 -30.34 -9.68
CA ALA E 48 11.45 -30.17 -8.82
C ALA E 48 11.16 -30.91 -7.55
N ALA E 49 12.19 -31.52 -6.98
CA ALA E 49 12.04 -32.25 -5.73
C ALA E 49 12.57 -31.38 -4.59
N LEU E 50 11.84 -31.32 -3.50
CA LEU E 50 12.24 -30.71 -2.27
C LEU E 50 12.95 -31.65 -1.37
N TRP E 51 14.16 -31.29 -1.01
CA TRP E 51 14.98 -32.08 -0.15
C TRP E 51 15.26 -31.47 1.16
N ALA E 52 15.06 -32.25 2.19
CA ALA E 52 15.49 -31.92 3.53
C ALA E 52 16.86 -32.48 3.82
N LYS E 53 17.82 -31.62 4.07
CA LYS E 53 19.16 -32.00 4.42
C LYS E 53 19.54 -31.75 5.90
N SER E 54 18.59 -31.33 6.74
CA SER E 54 18.88 -31.17 8.19
C SER E 54 17.93 -32.01 9.05
N PRO E 55 18.39 -32.49 10.21
CA PRO E 55 17.37 -33.07 11.11
C PRO E 55 16.53 -31.93 11.70
N GLY E 56 15.32 -32.24 12.16
CA GLY E 56 14.54 -31.36 12.97
C GLY E 56 13.06 -31.57 12.64
N VAL E 57 12.29 -30.48 12.63
CA VAL E 57 10.83 -30.55 12.43
C VAL E 57 10.46 -29.71 11.22
N LEU E 58 9.66 -30.28 10.34
CA LEU E 58 9.15 -29.56 9.16
C LEU E 58 8.03 -28.59 9.51
N ALA E 59 8.21 -27.30 9.13
CA ALA E 59 7.19 -26.28 9.37
C ALA E 59 7.24 -25.21 8.34
N GLY E 60 6.07 -24.74 7.90
CA GLY E 60 5.99 -23.63 6.96
C GLY E 60 5.31 -24.00 5.63
N GLN E 61 4.81 -25.22 5.52
CA GLN E 61 4.02 -25.59 4.34
C GLN E 61 3.08 -24.49 3.81
N PRO E 62 2.24 -23.87 4.67
CA PRO E 62 1.28 -22.88 4.11
C PRO E 62 1.98 -21.67 3.44
N PHE E 63 3.16 -21.34 3.91
CA PHE E 63 3.87 -20.22 3.31
C PHE E 63 4.44 -20.64 1.95
N PHE E 64 5.12 -21.77 1.97
CA PHE E 64 5.73 -22.37 0.80
C PHE E 64 4.62 -22.51 -0.25
N ASP E 65 3.44 -23.01 0.13
CA ASP E 65 2.33 -23.16 -0.82
C ASP E 65 1.90 -21.83 -1.35
N ALA E 66 1.72 -20.86 -0.45
CA ALA E 66 1.22 -19.58 -0.92
C ALA E 66 2.20 -18.94 -1.92
N ILE E 67 3.51 -19.12 -1.70
CA ILE E 67 4.52 -18.54 -2.62
C ILE E 67 4.33 -19.18 -4.03
N PHE E 68 4.22 -20.51 -4.05
CA PHE E 68 4.14 -21.19 -5.31
C PHE E 68 2.82 -21.07 -6.04
N THR E 69 1.71 -21.02 -5.30
CA THR E 69 0.41 -20.73 -5.92
C THR E 69 0.39 -19.35 -6.63
N GLN E 70 0.99 -18.31 -6.05
CA GLN E 70 1.07 -17.00 -6.68
C GLN E 70 1.77 -17.17 -8.01
N LEU E 71 2.76 -18.05 -8.05
CA LEU E 71 3.56 -18.16 -9.25
C LEU E 71 3.04 -19.31 -10.10
N ASN E 72 1.75 -19.66 -9.93
CA ASN E 72 1.08 -20.69 -10.75
C ASN E 72 1.77 -22.05 -10.75
N CYS E 73 2.37 -22.41 -9.62
CA CYS E 73 2.93 -23.72 -9.42
C CYS E 73 2.11 -24.51 -8.38
N GLN E 74 2.22 -25.85 -8.43
CA GLN E 74 1.55 -26.71 -7.45
C GLN E 74 2.54 -27.47 -6.62
N VAL E 75 2.12 -27.81 -5.41
CA VAL E 75 3.00 -28.54 -4.50
C VAL E 75 2.29 -29.82 -4.02
N SER E 76 3.00 -30.93 -4.00
CA SER E 76 2.53 -32.15 -3.30
C SER E 76 3.49 -32.50 -2.19
N TRP E 77 2.96 -32.63 -0.99
CA TRP E 77 3.76 -32.94 0.17
C TRP E 77 3.80 -34.43 0.37
N PHE E 78 4.98 -34.97 0.62
CA PHE E 78 5.11 -36.37 1.08
C PHE E 78 5.19 -36.50 2.61
N LEU E 79 5.40 -35.39 3.30
CA LEU E 79 5.41 -35.39 4.77
C LEU E 79 4.42 -34.36 5.28
N PRO E 80 3.64 -34.70 6.31
CA PRO E 80 2.71 -33.68 6.81
C PRO E 80 3.47 -32.60 7.61
N GLU E 81 2.87 -31.41 7.71
CA GLU E 81 3.39 -30.33 8.56
C GLU E 81 3.72 -30.85 9.93
N GLY E 82 4.87 -30.54 10.46
CA GLY E 82 5.17 -31.02 11.80
C GLY E 82 5.95 -32.33 11.90
N SER E 83 6.15 -33.04 10.78
CA SER E 83 6.93 -34.30 10.75
C SER E 83 8.36 -34.11 11.22
N LYS E 84 8.92 -35.16 11.80
CA LYS E 84 10.34 -35.20 12.12
C LYS E 84 11.05 -35.36 10.76
N LEU E 85 12.15 -34.64 10.59
CA LEU E 85 12.95 -34.73 9.39
C LEU E 85 14.19 -35.57 9.68
N VAL E 86 14.35 -36.65 8.92
CA VAL E 86 15.56 -37.45 8.92
C VAL E 86 16.23 -37.27 7.55
N PRO E 87 17.30 -36.45 7.49
CA PRO E 87 18.02 -36.19 6.24
C PRO E 87 18.68 -37.49 5.68
N VAL E 88 18.86 -37.64 4.37
CA VAL E 88 18.38 -36.73 3.35
C VAL E 88 17.00 -37.25 2.94
N ALA E 89 15.96 -36.43 3.13
CA ALA E 89 14.57 -36.85 2.81
C ALA E 89 13.89 -36.06 1.70
N ARG E 90 13.11 -36.79 0.89
CA ARG E 90 12.32 -36.23 -0.16
C ARG E 90 11.00 -35.81 0.48
N VAL E 91 10.80 -34.51 0.54
CA VAL E 91 9.75 -33.90 1.31
C VAL E 91 8.56 -33.56 0.42
N ALA E 92 8.82 -33.22 -0.82
CA ALA E 92 7.75 -32.65 -1.63
C ALA E 92 8.15 -32.63 -3.08
N GLU E 93 7.15 -32.38 -3.92
CA GLU E 93 7.35 -32.15 -5.33
C GLU E 93 6.62 -30.90 -5.72
N VAL E 94 7.28 -30.05 -6.54
CA VAL E 94 6.76 -28.78 -7.00
C VAL E 94 6.69 -28.85 -8.52
N ARG E 95 5.60 -28.37 -9.09
CA ARG E 95 5.39 -28.42 -10.55
C ARG E 95 4.90 -27.12 -11.11
N GLY E 96 5.43 -26.72 -12.26
CA GLY E 96 4.89 -25.52 -12.92
C GLY E 96 5.85 -25.12 -14.01
N PRO E 97 5.61 -23.97 -14.66
CA PRO E 97 6.54 -23.46 -15.65
C PRO E 97 7.94 -23.31 -15.05
N ALA E 98 8.96 -23.79 -15.74
CA ALA E 98 10.32 -23.72 -15.25
C ALA E 98 10.72 -22.37 -14.64
N HIS E 99 10.45 -21.25 -15.30
CA HIS E 99 10.93 -20.00 -14.78
C HIS E 99 10.19 -19.62 -13.49
N CYS E 100 8.91 -19.92 -13.39
CA CYS E 100 8.14 -19.76 -12.17
C CYS E 100 8.75 -20.58 -10.99
N LEU E 101 9.14 -21.84 -11.26
CA LEU E 101 9.72 -22.61 -10.18
C LEU E 101 10.97 -21.93 -9.71
N LEU E 102 11.79 -21.49 -10.64
CA LEU E 102 13.10 -20.99 -10.27
C LEU E 102 13.00 -19.62 -9.64
N LEU E 103 11.97 -18.84 -10.00
CA LEU E 103 11.73 -17.54 -9.44
C LEU E 103 11.34 -17.66 -7.97
N GLY E 104 10.57 -18.69 -7.62
CA GLY E 104 10.06 -18.82 -6.26
C GLY E 104 11.04 -19.57 -5.36
N GLU E 105 11.97 -20.26 -5.99
CA GLU E 105 12.79 -21.19 -5.27
C GLU E 105 13.36 -20.63 -3.95
N ARG E 106 14.18 -19.58 -4.09
CA ARG E 106 14.98 -19.10 -3.00
C ARG E 106 14.13 -18.52 -1.84
N VAL E 107 13.06 -17.79 -2.17
CA VAL E 107 12.20 -17.20 -1.16
C VAL E 107 11.42 -18.30 -0.43
N ALA E 108 10.90 -19.25 -1.20
CA ALA E 108 10.24 -20.41 -0.61
C ALA E 108 11.16 -21.24 0.30
N LEU E 109 12.41 -21.48 -0.16
CA LEU E 109 13.38 -22.22 0.71
C LEU E 109 13.73 -21.41 1.93
N ASN E 110 13.93 -20.11 1.77
CA ASN E 110 14.28 -19.25 2.87
C ASN E 110 13.18 -19.31 3.93
N THR E 111 11.92 -19.31 3.50
CA THR E 111 10.84 -19.26 4.45
C THR E 111 10.74 -20.60 5.18
N LEU E 112 10.84 -21.70 4.44
CA LEU E 112 10.68 -23.01 5.03
C LEU E 112 11.85 -23.32 5.97
N ALA E 113 13.05 -22.84 5.60
CA ALA E 113 14.26 -22.99 6.40
C ALA E 113 14.11 -22.34 7.76
N ARG E 114 13.60 -21.12 7.77
CA ARG E 114 13.54 -20.40 9.05
C ARG E 114 12.39 -20.88 9.94
N CYS E 115 11.24 -21.09 9.32
CA CYS E 115 10.07 -21.62 10.00
C CYS E 115 10.38 -22.97 10.66
N SER E 116 11.08 -23.82 9.93
CA SER E 116 11.46 -25.14 10.33
C SER E 116 12.53 -25.07 11.40
N GLY E 117 13.50 -24.17 11.19
CA GLY E 117 14.55 -23.92 12.20
C GLY E 117 13.94 -23.67 13.58
N ILE E 118 12.94 -22.80 13.61
CA ILE E 118 12.30 -22.35 14.84
C ILE E 118 11.44 -23.45 15.44
N ALA E 119 10.64 -24.08 14.60
CA ALA E 119 9.94 -25.28 15.03
C ALA E 119 10.88 -26.37 15.63
N SER E 120 12.07 -26.53 15.05
CA SER E 120 12.99 -27.57 15.53
C SER E 120 13.50 -27.20 16.92
N ALA E 121 13.93 -25.95 17.10
CA ALA E 121 14.36 -25.50 18.43
C ALA E 121 13.17 -25.60 19.42
N ALA E 122 11.98 -25.25 18.98
CA ALA E 122 10.86 -25.34 19.92
C ALA E 122 10.61 -26.79 20.34
N ALA E 123 10.66 -27.75 19.38
CA ALA E 123 10.41 -29.17 19.71
C ALA E 123 11.52 -29.73 20.63
N ALA E 124 12.76 -29.31 20.41
CA ALA E 124 13.85 -29.72 21.29
C ALA E 124 13.55 -29.25 22.69
N ALA E 125 13.15 -27.98 22.83
CA ALA E 125 12.85 -27.43 24.16
C ALA E 125 11.67 -28.14 24.81
N VAL E 126 10.60 -28.40 24.07
CA VAL E 126 9.43 -29.16 24.57
C VAL E 126 9.81 -30.57 25.03
N GLU E 127 10.69 -31.23 24.28
CA GLU E 127 11.20 -32.54 24.58
C GLU E 127 12.02 -32.53 25.91
N ALA E 128 12.95 -31.58 26.03
CA ALA E 128 13.76 -31.50 27.24
C ALA E 128 12.91 -31.26 28.49
N ALA E 129 11.89 -30.41 28.37
CA ALA E 129 10.95 -30.15 29.46
C ALA E 129 10.17 -31.40 29.83
N ARG E 130 9.64 -32.10 28.84
CA ARG E 130 8.82 -33.28 29.06
C ARG E 130 9.71 -34.32 29.76
N GLY E 131 10.97 -34.44 29.28
CA GLY E 131 11.97 -35.33 29.83
C GLY E 131 12.25 -35.04 31.27
N ALA E 132 12.08 -33.79 31.69
CA ALA E 132 12.35 -33.44 33.07
C ALA E 132 11.06 -33.42 33.86
N GLY E 133 10.02 -34.11 33.40
CA GLY E 133 8.73 -34.22 34.14
C GLY E 133 7.76 -33.02 34.16
N TRP E 134 8.05 -31.99 33.37
CA TRP E 134 7.30 -30.76 33.40
C TRP E 134 6.16 -30.73 32.41
N THR E 135 5.00 -30.30 32.89
CA THR E 135 3.78 -30.26 32.06
C THR E 135 3.43 -28.90 31.42
N GLY E 136 4.13 -27.85 31.83
CA GLY E 136 3.83 -26.48 31.42
C GLY E 136 3.95 -26.11 29.98
N HIS E 137 3.88 -24.81 29.73
CA HIS E 137 3.93 -24.23 28.42
C HIS E 137 5.26 -23.63 28.13
N VAL E 138 5.95 -24.17 27.15
CA VAL E 138 7.13 -23.54 26.62
C VAL E 138 6.72 -22.48 25.62
N ALA E 139 7.21 -21.30 25.80
CA ALA E 139 6.71 -20.21 25.00
C ALA E 139 7.82 -19.36 24.38
N GLY E 140 7.46 -18.67 23.31
CA GLY E 140 8.31 -17.68 22.65
C GLY E 140 8.08 -16.31 23.26
N THR E 141 8.61 -15.29 22.60
CA THR E 141 8.65 -13.95 23.10
C THR E 141 8.30 -13.03 21.95
N ARG E 142 8.53 -11.74 22.15
CA ARG E 142 8.36 -10.79 21.02
C ARG E 142 9.67 -10.57 20.33
N LYS E 143 10.67 -11.38 20.66
CA LYS E 143 12.01 -11.22 20.04
C LYS E 143 12.07 -11.89 18.67
N THR E 144 11.36 -11.29 17.74
CA THR E 144 11.12 -11.91 16.43
C THR E 144 11.76 -11.02 15.36
N THR E 145 12.00 -11.53 14.16
CA THR E 145 12.51 -10.67 13.13
C THR E 145 11.38 -9.72 12.66
N PRO E 146 11.64 -8.42 12.72
CA PRO E 146 10.58 -7.50 12.29
C PRO E 146 10.10 -7.84 10.88
N GLY E 147 8.78 -7.78 10.69
CA GLY E 147 8.16 -8.09 9.41
C GLY E 147 7.88 -9.57 9.19
N PHE E 148 8.45 -10.43 10.02
CA PHE E 148 8.37 -11.86 9.83
C PHE E 148 7.74 -12.57 11.07
N ARG E 149 7.08 -11.83 11.93
CA ARG E 149 6.55 -12.44 13.09
C ARG E 149 5.59 -13.60 12.75
N LEU E 150 4.79 -13.42 11.67
CA LEU E 150 3.75 -14.38 11.39
C LEU E 150 4.33 -15.78 11.16
N VAL E 151 5.44 -15.85 10.44
CA VAL E 151 6.11 -17.10 10.18
C VAL E 151 6.76 -17.67 11.42
N GLU E 152 7.36 -16.79 12.22
CA GLU E 152 8.08 -17.17 13.44
C GLU E 152 7.17 -17.71 14.54
N LYS E 153 6.08 -17.01 14.82
CA LYS E 153 5.13 -17.48 15.84
C LYS E 153 4.49 -18.80 15.36
N TYR E 154 4.19 -18.89 14.06
CA TYR E 154 3.59 -20.10 13.54
C TYR E 154 4.57 -21.28 13.71
N GLY E 155 5.83 -21.05 13.35
CA GLY E 155 6.88 -22.04 13.60
C GLY E 155 6.94 -22.56 15.04
N LEU E 156 6.91 -21.66 16.02
CA LEU E 156 6.83 -22.07 17.39
C LEU E 156 5.68 -23.06 17.62
N LEU E 157 4.52 -22.74 17.06
CA LEU E 157 3.33 -23.57 17.34
C LEU E 157 3.53 -24.94 16.74
N VAL E 158 4.14 -24.99 15.54
CA VAL E 158 4.35 -26.31 14.89
C VAL E 158 5.30 -27.16 15.73
N GLY E 159 6.27 -26.51 16.37
CA GLY E 159 7.17 -27.18 17.32
C GLY E 159 6.58 -27.64 18.64
N GLY E 160 5.30 -27.29 18.88
CA GLY E 160 4.62 -27.55 20.14
C GLY E 160 4.82 -26.48 21.23
N ALA E 161 5.53 -25.40 20.94
CA ALA E 161 5.64 -24.31 21.93
C ALA E 161 4.45 -23.38 21.81
N ALA E 162 4.12 -22.67 22.88
CA ALA E 162 3.10 -21.61 22.79
C ALA E 162 3.72 -20.38 22.19
N SER E 163 2.94 -19.62 21.43
CA SER E 163 3.51 -18.42 20.83
C SER E 163 3.76 -17.24 21.79
N HIS E 164 3.05 -17.24 22.92
CA HIS E 164 2.94 -16.07 23.78
C HIS E 164 2.14 -15.00 23.06
N ARG E 165 1.88 -13.85 23.70
CA ARG E 165 1.09 -12.81 23.02
C ARG E 165 1.67 -12.57 21.61
N TYR E 166 0.78 -12.51 20.63
CA TYR E 166 1.18 -12.26 19.27
C TYR E 166 1.76 -10.83 19.05
N ASP E 167 1.20 -9.81 19.72
CA ASP E 167 1.67 -8.44 19.59
C ASP E 167 1.26 -7.64 20.83
N LEU E 168 1.52 -6.33 20.86
CA LEU E 168 1.16 -5.46 21.99
C LEU E 168 -0.33 -5.42 22.37
N GLY E 169 -1.22 -5.83 21.44
CA GLY E 169 -2.67 -5.76 21.63
C GLY E 169 -3.33 -6.99 22.28
N GLY E 170 -2.58 -8.10 22.44
CA GLY E 170 -3.10 -9.38 22.96
C GLY E 170 -3.07 -9.56 24.49
N LEU E 171 -2.26 -8.77 25.16
CA LEU E 171 -2.02 -8.89 26.59
C LEU E 171 -1.28 -7.64 27.02
N VAL E 172 -1.64 -7.05 28.15
CA VAL E 172 -0.86 -5.98 28.74
C VAL E 172 0.27 -6.51 29.65
N MET E 173 1.50 -6.20 29.26
CA MET E 173 2.67 -6.69 29.95
C MET E 173 3.38 -5.50 30.58
N VAL E 174 3.46 -5.48 31.90
CA VAL E 174 4.17 -4.42 32.62
C VAL E 174 5.59 -4.88 32.85
N LYS E 175 6.51 -4.11 32.34
CA LYS E 175 7.93 -4.46 32.45
C LYS E 175 8.68 -3.47 33.38
N ASP E 176 9.95 -3.76 33.65
CA ASP E 176 10.82 -2.90 34.44
C ASP E 176 10.66 -1.41 34.00
N ASN E 177 10.58 -1.20 32.69
CA ASN E 177 10.49 0.16 32.17
C ASN E 177 9.20 0.83 32.53
N HIS E 178 8.12 0.07 32.49
CA HIS E 178 6.83 0.58 32.88
C HIS E 178 6.81 0.90 34.35
N VAL E 179 7.39 0.01 35.16
CA VAL E 179 7.52 0.24 36.60
C VAL E 179 8.28 1.55 36.87
N VAL E 180 9.41 1.77 36.20
CA VAL E 180 10.15 3.00 36.40
C VAL E 180 9.26 4.19 36.00
N ALA E 181 8.65 4.14 34.83
CA ALA E 181 7.88 5.31 34.35
C ALA E 181 6.67 5.64 35.22
N ALA E 182 6.04 4.62 35.81
CA ALA E 182 4.84 4.82 36.63
C ALA E 182 5.23 5.23 38.08
N GLY E 183 6.51 5.01 38.44
CA GLY E 183 6.98 5.33 39.78
C GLY E 183 6.84 4.21 40.80
N GLY E 184 6.61 2.97 40.36
CA GLY E 184 6.62 1.81 41.27
C GLY E 184 5.69 0.71 40.81
N VAL E 185 5.94 -0.49 41.31
CA VAL E 185 5.17 -1.69 40.93
C VAL E 185 3.65 -1.54 41.10
N GLU E 186 3.24 -1.14 42.29
CA GLU E 186 1.83 -1.04 42.60
C GLU E 186 1.11 -0.01 41.69
N LYS E 187 1.72 1.15 41.49
CA LYS E 187 1.17 2.15 40.59
C LYS E 187 1.07 1.63 39.14
N ALA E 188 2.11 0.93 38.70
CA ALA E 188 2.16 0.36 37.36
C ALA E 188 1.05 -0.65 37.11
N VAL E 189 0.88 -1.57 38.06
CA VAL E 189 -0.09 -2.64 37.95
C VAL E 189 -1.51 -2.10 38.08
N ARG E 190 -1.73 -1.20 39.02
CA ARG E 190 -3.08 -0.61 39.17
C ARG E 190 -3.41 0.15 37.87
N ALA E 191 -2.45 0.92 37.32
CA ALA E 191 -2.67 1.66 36.06
C ALA E 191 -2.93 0.68 34.87
N ALA E 192 -2.19 -0.43 34.84
CA ALA E 192 -2.33 -1.40 33.79
C ALA E 192 -3.71 -2.03 33.83
N ARG E 193 -4.13 -2.40 35.03
CA ARG E 193 -5.41 -3.04 35.27
C ARG E 193 -6.55 -2.07 34.93
N GLN E 194 -6.40 -0.79 35.26
CA GLN E 194 -7.49 0.17 35.05
C GLN E 194 -7.62 0.48 33.57
N ALA E 195 -6.47 0.56 32.90
CA ALA E 195 -6.39 0.91 31.49
C ALA E 195 -6.80 -0.24 30.59
N ALA E 196 -6.31 -1.45 30.85
CA ALA E 196 -6.63 -2.61 30.01
C ALA E 196 -8.12 -2.89 29.96
N ASP E 197 -8.65 -3.04 28.76
CA ASP E 197 -9.97 -3.57 28.61
C ASP E 197 -10.15 -4.85 29.50
N PHE E 198 -11.35 -5.05 30.05
CA PHE E 198 -11.64 -6.19 30.93
C PHE E 198 -11.36 -7.54 30.23
N THR E 199 -11.35 -7.53 28.90
CA THR E 199 -11.10 -8.79 28.15
C THR E 199 -9.64 -9.22 28.19
N LEU E 200 -8.75 -8.31 28.55
CA LEU E 200 -7.32 -8.59 28.49
C LEU E 200 -6.74 -9.04 29.84
N LYS E 201 -5.70 -9.84 29.82
CA LYS E 201 -4.98 -10.17 31.03
C LYS E 201 -3.87 -9.13 31.23
N VAL E 202 -3.41 -9.02 32.48
CA VAL E 202 -2.22 -8.21 32.82
C VAL E 202 -1.12 -9.15 33.34
N GLU E 203 0.07 -9.04 32.75
CA GLU E 203 1.23 -9.77 33.20
C GLU E 203 2.28 -8.78 33.67
N VAL E 204 3.02 -9.13 34.73
CA VAL E 204 4.01 -8.23 35.31
C VAL E 204 5.38 -8.89 35.45
N GLU E 205 6.38 -8.28 34.81
CA GLU E 205 7.76 -8.74 34.94
C GLU E 205 8.30 -8.31 36.30
N CYS E 206 8.73 -9.28 37.10
CA CYS E 206 9.21 -9.05 38.47
C CYS E 206 10.60 -9.65 38.65
N SER E 207 11.54 -8.85 39.17
CA SER E 207 12.92 -9.31 39.36
C SER E 207 13.20 -9.79 40.82
N SER E 208 12.17 -9.79 41.69
CA SER E 208 12.34 -10.26 43.05
C SER E 208 11.01 -10.77 43.57
N LEU E 209 11.03 -11.51 44.67
CA LEU E 209 9.80 -12.00 45.33
C LEU E 209 8.91 -10.87 45.87
N GLN E 210 9.53 -9.81 46.41
CA GLN E 210 8.79 -8.63 46.93
C GLN E 210 7.90 -8.05 45.81
N GLU E 211 8.51 -7.83 44.63
CA GLU E 211 7.80 -7.35 43.46
C GLU E 211 6.65 -8.30 43.10
N ALA E 212 6.95 -9.58 43.04
CA ALA E 212 5.92 -10.54 42.64
C ALA E 212 4.73 -10.50 43.59
N VAL E 213 5.01 -10.33 44.89
CA VAL E 213 3.93 -10.25 45.86
C VAL E 213 3.14 -8.98 45.64
N GLN E 214 3.82 -7.87 45.45
CA GLN E 214 3.15 -6.59 45.15
C GLN E 214 2.26 -6.65 43.88
N ALA E 215 2.78 -7.28 42.83
CA ALA E 215 2.05 -7.41 41.56
C ALA E 215 0.79 -8.26 41.70
N ALA E 216 0.93 -9.40 42.39
CA ALA E 216 -0.18 -10.29 42.66
C ALA E 216 -1.25 -9.57 43.44
N GLU E 217 -0.83 -8.89 44.52
CA GLU E 217 -1.75 -8.13 45.38
C GLU E 217 -2.47 -7.04 44.59
N ALA E 218 -1.79 -6.44 43.61
CA ALA E 218 -2.42 -5.36 42.80
C ALA E 218 -3.32 -5.88 41.65
N GLY E 219 -3.42 -7.21 41.51
CA GLY E 219 -4.36 -7.85 40.57
C GLY E 219 -3.80 -8.46 39.27
N ALA E 220 -2.47 -8.70 39.22
CA ALA E 220 -1.85 -9.34 38.07
C ALA E 220 -2.44 -10.71 37.82
N ASP E 221 -2.64 -11.08 36.55
CA ASP E 221 -3.13 -12.44 36.20
C ASP E 221 -1.91 -13.37 36.09
N LEU E 222 -0.76 -12.83 35.69
CA LEU E 222 0.43 -13.59 35.53
C LEU E 222 1.54 -12.76 36.09
N VAL E 223 2.50 -13.48 36.67
CA VAL E 223 3.72 -12.88 37.14
C VAL E 223 4.88 -13.57 36.44
N LEU E 224 5.74 -12.77 35.82
CA LEU E 224 6.86 -13.30 35.11
C LEU E 224 8.07 -13.00 35.94
N LEU E 225 8.66 -14.08 36.46
CA LEU E 225 9.93 -14.02 37.21
C LEU E 225 11.12 -13.92 36.28
N ASP E 226 11.68 -12.74 36.19
CA ASP E 226 12.68 -12.42 35.19
C ASP E 226 14.12 -12.57 35.69
N ASN E 227 14.94 -13.36 35.00
CA ASN E 227 16.39 -13.50 35.29
C ASN E 227 16.77 -14.03 36.68
N PHE E 228 15.95 -14.89 37.24
CA PHE E 228 16.27 -15.56 38.47
C PHE E 228 17.23 -16.70 38.15
N LYS E 229 18.19 -16.94 39.05
CA LYS E 229 18.93 -18.18 39.04
C LYS E 229 17.92 -19.23 39.55
N PRO E 230 17.96 -20.47 39.04
CA PRO E 230 16.94 -21.49 39.41
C PRO E 230 16.76 -21.73 40.94
N GLU E 231 17.86 -21.65 41.72
CA GLU E 231 17.82 -21.82 43.19
C GLU E 231 16.94 -20.76 43.92
N GLU E 232 16.94 -19.52 43.43
CA GLU E 232 16.00 -18.51 43.95
C GLU E 232 14.58 -18.62 43.27
N LEU E 233 14.56 -19.11 42.02
CA LEU E 233 13.33 -19.18 41.26
C LEU E 233 12.28 -20.06 41.93
N HIS E 234 12.63 -21.29 42.23
CA HIS E 234 11.62 -22.25 42.75
C HIS E 234 11.05 -21.97 44.13
N PRO E 235 11.90 -21.55 45.08
CA PRO E 235 11.32 -21.05 46.36
C PRO E 235 10.35 -19.88 46.16
N THR E 236 10.73 -18.94 45.28
CA THR E 236 9.89 -17.78 44.95
C THR E 236 8.55 -18.19 44.36
N ALA E 237 8.58 -19.06 43.36
CA ALA E 237 7.35 -19.56 42.74
C ALA E 237 6.46 -20.30 43.74
N THR E 238 7.10 -21.05 44.65
CA THR E 238 6.41 -21.86 45.66
C THR E 238 5.56 -21.00 46.61
N VAL E 239 6.21 -19.97 47.14
CA VAL E 239 5.52 -19.02 48.02
C VAL E 239 4.36 -18.33 47.31
N LEU E 240 4.64 -17.77 46.13
CA LEU E 240 3.63 -17.15 45.28
C LEU E 240 2.41 -18.05 45.07
N LYS E 241 2.64 -19.28 44.58
CA LYS E 241 1.53 -20.23 44.34
C LYS E 241 0.74 -20.57 45.60
N ALA E 242 1.43 -20.57 46.74
CA ALA E 242 0.80 -20.82 48.04
C ALA E 242 -0.12 -19.67 48.49
N GLN E 243 0.38 -18.43 48.43
CA GLN E 243 -0.42 -17.23 48.71
C GLN E 243 -1.42 -16.82 47.63
N PHE E 244 -1.10 -17.06 46.35
CA PHE E 244 -1.93 -16.61 45.24
C PHE E 244 -2.08 -17.70 44.20
N PRO E 245 -2.94 -18.70 44.50
CA PRO E 245 -3.05 -19.82 43.57
C PRO E 245 -3.70 -19.46 42.20
N SER E 246 -4.41 -18.34 42.15
CA SER E 246 -4.99 -17.79 40.93
C SER E 246 -3.98 -17.32 39.89
N VAL E 247 -2.78 -17.01 40.35
CA VAL E 247 -1.82 -16.29 39.55
C VAL E 247 -0.94 -17.28 38.80
N ALA E 248 -0.91 -17.19 37.47
CA ALA E 248 -0.01 -18.04 36.69
C ALA E 248 1.42 -17.51 36.86
N VAL E 249 2.38 -18.43 36.78
CA VAL E 249 3.77 -18.01 36.93
C VAL E 249 4.58 -18.41 35.73
N GLU E 250 5.31 -17.42 35.21
CA GLU E 250 6.13 -17.60 34.04
C GLU E 250 7.58 -17.31 34.43
N ALA E 251 8.53 -18.13 33.95
CA ALA E 251 9.96 -17.87 34.15
C ALA E 251 10.55 -17.48 32.82
N SER E 252 11.47 -16.52 32.84
CA SER E 252 12.11 -16.10 31.59
C SER E 252 13.40 -15.38 31.92
N GLY E 253 14.34 -15.34 30.96
CA GLY E 253 15.63 -14.64 31.11
C GLY E 253 16.78 -15.62 31.13
N GLY E 254 17.57 -15.64 30.06
CA GLY E 254 18.76 -16.49 29.98
C GLY E 254 18.48 -17.96 30.01
N ILE E 255 17.26 -18.35 29.63
CA ILE E 255 16.90 -19.77 29.59
C ILE E 255 17.33 -20.36 28.25
N THR E 256 18.04 -21.50 28.28
CA THR E 256 18.60 -22.13 27.08
C THR E 256 18.17 -23.58 27.04
N LEU E 257 18.38 -24.21 25.90
CA LEU E 257 18.05 -25.64 25.76
C LEU E 257 18.83 -26.45 26.81
N ASP E 258 20.08 -26.08 27.02
CA ASP E 258 20.92 -26.72 28.01
C ASP E 258 20.45 -26.55 29.48
N ASN E 259 20.16 -25.33 29.92
CA ASN E 259 19.77 -25.13 31.31
C ASN E 259 18.26 -25.27 31.58
N LEU E 260 17.47 -25.43 30.53
CA LEU E 260 16.02 -25.46 30.66
C LEU E 260 15.47 -26.43 31.75
N PRO E 261 16.07 -27.65 31.91
CA PRO E 261 15.51 -28.57 32.94
C PRO E 261 15.60 -28.03 34.38
N GLN E 262 16.66 -27.27 34.65
CA GLN E 262 16.77 -26.57 35.92
C GLN E 262 15.64 -25.57 36.18
N PHE E 263 15.17 -24.87 35.15
CA PHE E 263 14.05 -23.95 35.33
C PHE E 263 12.67 -24.60 35.44
N CYS E 264 12.52 -25.86 35.00
CA CYS E 264 11.25 -26.56 35.22
C CYS E 264 11.02 -26.80 36.71
N GLY E 265 9.76 -26.74 37.13
CA GLY E 265 9.38 -26.90 38.51
C GLY E 265 7.88 -27.00 38.57
N PRO E 266 7.34 -27.46 39.66
CA PRO E 266 5.91 -27.65 39.73
C PRO E 266 5.13 -26.37 39.89
N HIS E 267 5.83 -25.26 40.05
CA HIS E 267 5.18 -24.01 40.29
C HIS E 267 5.41 -23.01 39.19
N ILE E 268 6.11 -23.43 38.17
CA ILE E 268 6.18 -22.69 36.95
C ILE E 268 5.10 -23.21 36.04
N ASP E 269 4.29 -22.30 35.50
CA ASP E 269 3.31 -22.64 34.47
C ASP E 269 3.84 -22.47 33.03
N VAL E 270 4.80 -21.54 32.86
CA VAL E 270 5.22 -21.06 31.53
C VAL E 270 6.69 -20.76 31.54
N ILE E 271 7.42 -21.27 30.55
CA ILE E 271 8.83 -20.92 30.41
C ILE E 271 9.03 -20.39 28.99
N SER E 272 9.50 -19.15 28.89
CA SER E 272 9.67 -18.47 27.62
C SER E 272 11.14 -18.24 27.31
N MET E 273 11.48 -18.36 26.03
CA MET E 273 12.85 -18.42 25.62
C MET E 273 13.08 -17.60 24.33
N GLY E 274 13.83 -16.52 24.46
CA GLY E 274 14.25 -15.71 23.32
C GLY E 274 14.97 -16.52 22.27
N MET E 275 15.76 -17.51 22.73
CA MET E 275 16.61 -18.30 21.84
C MET E 275 15.85 -19.07 20.73
N LEU E 276 14.63 -19.52 21.03
CA LEU E 276 13.77 -20.21 20.08
C LEU E 276 13.54 -19.41 18.80
N THR E 277 13.59 -18.07 18.86
CA THR E 277 13.49 -17.24 17.67
C THR E 277 14.77 -16.43 17.40
N GLN E 278 15.60 -16.13 18.40
CA GLN E 278 16.81 -15.35 18.09
C GLN E 278 18.05 -16.16 17.71
N ALA E 279 18.07 -17.42 18.13
CA ALA E 279 19.24 -18.23 17.89
C ALA E 279 18.85 -19.63 17.39
N ALA E 280 17.76 -19.71 16.63
CA ALA E 280 17.45 -20.96 15.95
C ALA E 280 18.09 -20.99 14.56
N PRO E 281 19.08 -21.84 14.33
CA PRO E 281 19.63 -21.85 12.94
C PRO E 281 18.59 -22.45 11.97
N ALA E 282 18.60 -21.95 10.73
CA ALA E 282 17.72 -22.36 9.63
C ALA E 282 18.09 -23.76 9.19
N LEU E 283 17.09 -24.57 8.85
CA LEU E 283 17.38 -25.89 8.32
C LEU E 283 17.84 -25.77 6.87
N ASP E 284 18.51 -26.83 6.41
CA ASP E 284 19.04 -26.84 5.07
C ASP E 284 18.03 -27.59 4.22
N PHE E 285 17.47 -26.90 3.23
CA PHE E 285 16.59 -27.51 2.21
C PHE E 285 17.13 -27.17 0.84
N SER E 286 16.88 -28.00 -0.16
CA SER E 286 17.17 -27.56 -1.54
C SER E 286 16.00 -27.94 -2.40
N LEU E 287 15.97 -27.35 -3.59
CA LEU E 287 14.93 -27.65 -4.57
C LEU E 287 15.61 -28.02 -5.91
N LYS E 288 15.58 -29.31 -6.26
CA LYS E 288 16.35 -29.76 -7.42
C LYS E 288 15.43 -30.10 -8.59
N LEU E 289 15.56 -29.34 -9.67
CA LEU E 289 14.76 -29.60 -10.88
C LEU E 289 15.15 -30.96 -11.53
N PHE E 290 14.17 -31.77 -11.86
CA PHE E 290 14.47 -33.13 -12.35
C PHE E 290 13.54 -33.48 -13.48
N ASP F 6 34.66 2.32 5.09
CA ASP F 6 34.52 2.62 6.54
C ASP F 6 33.03 2.73 6.88
N ALA F 7 32.67 2.18 8.04
CA ALA F 7 31.30 1.86 8.41
C ALA F 7 30.31 3.04 8.69
N GLU F 8 30.83 4.17 9.15
CA GLU F 8 29.97 5.33 9.44
C GLU F 8 29.32 5.85 8.14
N GLY F 9 29.98 5.65 6.99
CA GLY F 9 29.48 6.13 5.69
C GLY F 9 28.47 5.20 5.04
N LEU F 10 28.38 3.96 5.51
CA LEU F 10 27.51 2.98 4.88
C LEU F 10 26.03 3.37 4.85
N ALA F 11 25.61 4.21 5.81
CA ALA F 11 24.19 4.62 5.91
C ALA F 11 23.70 5.28 4.61
N LEU F 12 24.63 5.92 3.91
CA LEU F 12 24.32 6.62 2.69
C LEU F 12 23.79 5.70 1.57
N LEU F 13 24.15 4.43 1.63
CA LEU F 13 23.66 3.44 0.69
C LEU F 13 22.16 3.16 0.75
N LEU F 14 21.53 3.48 1.88
CA LEU F 14 20.14 3.06 2.11
C LEU F 14 19.12 3.89 1.32
N PRO F 15 18.22 3.23 0.55
CA PRO F 15 17.14 3.92 -0.15
C PRO F 15 16.11 4.48 0.85
N PRO F 16 15.96 5.82 0.94
CA PRO F 16 15.14 6.37 2.06
C PRO F 16 13.63 6.03 2.00
N VAL F 17 13.08 5.87 0.80
CA VAL F 17 11.67 5.55 0.66
C VAL F 17 11.43 4.13 1.13
N THR F 18 12.33 3.20 0.74
CA THR F 18 12.21 1.81 1.18
C THR F 18 12.38 1.68 2.73
N LEU F 19 13.30 2.45 3.30
CA LEU F 19 13.53 2.51 4.73
C LEU F 19 12.30 2.96 5.55
N ALA F 20 11.69 4.09 5.14
CA ALA F 20 10.48 4.62 5.78
C ALA F 20 9.31 3.61 5.79
N ALA F 21 9.09 2.90 4.68
CA ALA F 21 7.98 1.96 4.57
C ALA F 21 8.26 0.73 5.39
N LEU F 22 9.52 0.32 5.43
CA LEU F 22 9.95 -0.81 6.28
C LEU F 22 9.57 -0.57 7.75
N VAL F 23 10.03 0.57 8.26
CA VAL F 23 9.78 1.00 9.64
C VAL F 23 8.29 1.08 9.97
N ASP F 24 7.50 1.73 9.08
CA ASP F 24 6.06 1.73 9.23
C ASP F 24 5.55 0.32 9.36
N SER F 25 5.95 -0.57 8.47
CA SER F 25 5.36 -1.88 8.48
C SER F 25 5.76 -2.67 9.70
N TRP F 26 6.93 -2.39 10.28
CA TRP F 26 7.33 -3.09 11.54
C TRP F 26 6.53 -2.62 12.73
N LEU F 27 6.33 -1.32 12.81
CA LEU F 27 5.48 -0.81 13.90
C LEU F 27 4.00 -1.24 13.77
N ARG F 28 3.47 -1.23 12.53
CA ARG F 28 2.15 -1.84 12.29
C ARG F 28 2.08 -3.30 12.78
N GLU F 29 3.10 -4.08 12.49
CA GLU F 29 3.11 -5.49 12.86
C GLU F 29 3.07 -5.66 14.36
N ASP F 30 3.79 -4.80 15.08
CA ASP F 30 3.88 -4.92 16.54
C ASP F 30 2.66 -4.35 17.31
N CYS F 31 2.02 -3.33 16.76
CA CYS F 31 0.83 -2.82 17.40
C CYS F 31 -0.20 -2.31 16.38
N PRO F 32 -1.05 -3.19 15.84
CA PRO F 32 -1.97 -2.76 14.78
C PRO F 32 -3.11 -1.91 15.28
N GLY F 33 -3.58 -2.15 16.52
CA GLY F 33 -4.71 -1.41 17.13
C GLY F 33 -4.36 -0.63 18.41
N LEU F 34 -5.27 -0.61 19.38
CA LEU F 34 -5.08 0.16 20.61
C LEU F 34 -3.90 -0.33 21.45
N ASN F 35 -3.16 0.60 22.03
CA ASN F 35 -2.00 0.26 22.85
C ASN F 35 -2.23 0.64 24.30
N TYR F 36 -2.87 -0.25 25.06
CA TYR F 36 -3.34 0.13 26.42
C TYR F 36 -2.18 0.41 27.37
N ALA F 37 -1.04 -0.22 27.11
CA ALA F 37 0.15 0.02 27.93
C ALA F 37 0.64 1.46 27.92
N ALA F 38 0.33 2.22 26.86
CA ALA F 38 0.69 3.62 26.83
C ALA F 38 0.19 4.33 28.07
N LEU F 39 -1.02 3.99 28.53
CA LEU F 39 -1.61 4.72 29.68
C LEU F 39 -0.83 4.46 30.96
N VAL F 40 -0.08 3.36 30.98
CA VAL F 40 0.72 3.06 32.14
C VAL F 40 1.94 3.96 32.24
N SER F 41 2.57 4.25 31.10
CA SER F 41 3.76 5.08 31.08
C SER F 41 3.51 6.61 31.00
N GLY F 42 2.45 7.04 30.29
CA GLY F 42 2.16 8.47 30.13
C GLY F 42 3.03 9.10 29.07
N ALA F 43 2.92 10.41 28.93
CA ALA F 43 3.59 11.08 27.83
C ALA F 43 4.75 11.94 28.33
N GLY F 44 5.07 11.76 29.62
CA GLY F 44 6.18 12.51 30.23
C GLY F 44 7.49 12.31 29.46
N PRO F 45 8.24 13.39 29.20
CA PRO F 45 9.54 13.22 28.55
C PRO F 45 10.38 12.25 29.37
N SER F 46 11.15 11.38 28.70
CA SER F 46 11.95 10.39 29.39
C SER F 46 13.25 10.13 28.65
N GLN F 47 14.07 9.24 29.21
CA GLN F 47 15.38 8.93 28.70
C GLN F 47 15.61 7.49 29.00
N ALA F 48 16.23 6.80 28.05
CA ALA F 48 16.59 5.43 28.25
C ALA F 48 18.00 5.23 27.78
N ALA F 49 18.68 4.34 28.45
CA ALA F 49 20.02 3.96 28.04
C ALA F 49 19.97 2.63 27.23
N LEU F 50 20.73 2.60 26.15
CA LEU F 50 20.92 1.37 25.37
C LEU F 50 22.18 0.62 25.78
N TRP F 51 21.98 -0.63 26.20
CA TRP F 51 23.06 -1.48 26.69
C TRP F 51 23.39 -2.60 25.76
N ALA F 52 24.66 -2.71 25.43
CA ALA F 52 25.17 -3.90 24.77
C ALA F 52 25.63 -4.96 25.79
N LYS F 53 24.97 -6.11 25.79
CA LYS F 53 25.32 -7.19 26.67
C LYS F 53 26.05 -8.35 25.97
N SER F 54 26.37 -8.21 24.68
CA SER F 54 27.08 -9.26 23.93
C SER F 54 28.33 -8.69 23.30
N PRO F 55 29.39 -9.52 23.15
CA PRO F 55 30.53 -9.04 22.37
C PRO F 55 30.13 -9.10 20.91
N GLY F 56 30.77 -8.28 20.09
CA GLY F 56 30.63 -8.41 18.65
C GLY F 56 30.76 -7.04 18.01
N VAL F 57 30.07 -6.83 16.90
CA VAL F 57 30.16 -5.56 16.17
C VAL F 57 28.81 -4.88 16.15
N LEU F 58 28.79 -3.58 16.47
CA LEU F 58 27.54 -2.81 16.49
C LEU F 58 27.14 -2.46 15.06
N ALA F 59 25.93 -2.86 14.65
CA ALA F 59 25.38 -2.47 13.32
C ALA F 59 23.88 -2.26 13.33
N GLY F 60 23.40 -1.30 12.53
CA GLY F 60 21.97 -1.00 12.44
C GLY F 60 21.47 0.36 12.95
N GLN F 61 22.39 1.25 13.36
CA GLN F 61 22.04 2.57 13.81
C GLN F 61 20.99 3.28 12.92
N PRO F 62 21.18 3.25 11.57
CA PRO F 62 20.17 4.00 10.76
C PRO F 62 18.74 3.43 10.87
N PHE F 63 18.61 2.13 11.12
CA PHE F 63 17.26 1.54 11.29
C PHE F 63 16.68 1.89 12.67
N PHE F 64 17.51 1.75 13.70
CA PHE F 64 17.19 2.13 15.06
C PHE F 64 16.75 3.61 15.09
N ASP F 65 17.55 4.47 14.47
CA ASP F 65 17.19 5.87 14.37
C ASP F 65 15.85 6.06 13.65
N ALA F 66 15.67 5.43 12.49
CA ALA F 66 14.42 5.67 11.74
C ALA F 66 13.20 5.25 12.56
N ILE F 67 13.32 4.17 13.36
CA ILE F 67 12.18 3.71 14.17
C ILE F 67 11.81 4.78 15.19
N PHE F 68 12.82 5.30 15.87
CA PHE F 68 12.57 6.27 16.89
C PHE F 68 12.14 7.64 16.38
N THR F 69 12.65 8.05 15.24
CA THR F 69 12.30 9.34 14.63
C THR F 69 10.79 9.32 14.29
N GLN F 70 10.32 8.22 13.73
CA GLN F 70 8.92 8.04 13.47
C GLN F 70 8.09 8.24 14.71
N LEU F 71 8.63 7.87 15.85
CA LEU F 71 7.90 7.93 17.10
C LEU F 71 8.26 9.19 17.92
N ASN F 72 8.84 10.21 17.27
CA ASN F 72 9.21 11.47 17.91
C ASN F 72 10.25 11.37 19.04
N CYS F 73 11.17 10.43 18.90
CA CYS F 73 12.24 10.30 19.87
C CYS F 73 13.57 10.61 19.18
N GLN F 74 14.59 10.92 19.97
CA GLN F 74 15.88 11.25 19.42
C GLN F 74 16.83 10.23 20.04
N VAL F 75 17.91 9.95 19.32
CA VAL F 75 18.95 9.04 19.77
C VAL F 75 20.29 9.73 19.74
N SER F 76 21.12 9.54 20.78
CA SER F 76 22.57 9.91 20.73
C SER F 76 23.46 8.71 20.94
N TRP F 77 24.34 8.48 19.97
CA TRP F 77 25.24 7.33 19.96
C TRP F 77 26.53 7.65 20.67
N PHE F 78 26.88 6.82 21.64
CA PHE F 78 28.17 6.93 22.30
C PHE F 78 29.27 6.15 21.50
N LEU F 79 28.87 5.27 20.57
CA LEU F 79 29.79 4.47 19.75
C LEU F 79 29.40 4.60 18.27
N PRO F 80 30.37 4.82 17.39
CA PRO F 80 30.03 4.83 15.94
C PRO F 80 29.61 3.45 15.38
N GLU F 81 28.83 3.49 14.31
CA GLU F 81 28.46 2.30 13.60
C GLU F 81 29.69 1.46 13.29
N GLY F 82 29.68 0.20 13.67
CA GLY F 82 30.80 -0.66 13.32
C GLY F 82 31.75 -0.95 14.47
N SER F 83 31.60 -0.24 15.60
CA SER F 83 32.48 -0.41 16.75
C SER F 83 32.46 -1.85 17.27
N LYS F 84 33.59 -2.29 17.82
CA LYS F 84 33.65 -3.55 18.55
C LYS F 84 32.88 -3.28 19.87
N LEU F 85 32.11 -4.28 20.32
CA LEU F 85 31.29 -4.19 21.48
C LEU F 85 31.91 -5.08 22.51
N VAL F 86 32.20 -4.48 23.68
CA VAL F 86 32.71 -5.19 24.86
C VAL F 86 31.69 -4.99 25.93
N PRO F 87 30.91 -6.05 26.25
CA PRO F 87 29.84 -5.98 27.24
C PRO F 87 30.41 -5.74 28.63
N VAL F 88 29.68 -5.10 29.55
CA VAL F 88 28.37 -4.48 29.33
C VAL F 88 28.63 -3.00 29.00
N ALA F 89 28.27 -2.54 27.81
CA ALA F 89 28.61 -1.17 27.37
C ALA F 89 27.38 -0.24 27.15
N ARG F 90 27.51 1.02 27.56
CA ARG F 90 26.48 2.03 27.29
C ARG F 90 26.71 2.46 25.87
N VAL F 91 25.76 2.13 25.00
CA VAL F 91 25.91 2.36 23.55
C VAL F 91 25.22 3.62 23.08
N ALA F 92 24.11 3.97 23.73
CA ALA F 92 23.30 5.10 23.26
C ALA F 92 22.34 5.60 24.30
N GLU F 93 21.83 6.81 24.08
CA GLU F 93 20.71 7.36 24.89
C GLU F 93 19.58 7.69 23.93
N VAL F 94 18.37 7.30 24.33
CA VAL F 94 17.17 7.66 23.59
C VAL F 94 16.28 8.59 24.44
N ARG F 95 15.70 9.60 23.81
CA ARG F 95 14.86 10.53 24.51
C ARG F 95 13.54 10.77 23.80
N GLY F 96 12.43 10.90 24.54
CA GLY F 96 11.18 11.29 23.96
C GLY F 96 10.11 11.01 24.97
N PRO F 97 8.84 11.16 24.58
CA PRO F 97 7.74 10.82 25.47
C PRO F 97 7.84 9.35 25.91
N ALA F 98 7.59 9.09 27.18
CA ALA F 98 7.71 7.75 27.72
C ALA F 98 7.00 6.68 26.88
N HIS F 99 5.77 6.93 26.42
CA HIS F 99 5.01 5.88 25.79
C HIS F 99 5.57 5.65 24.42
N CYS F 100 6.07 6.71 23.76
CA CYS F 100 6.77 6.54 22.48
C CYS F 100 8.05 5.68 22.59
N LEU F 101 8.84 5.91 23.63
CA LEU F 101 10.04 5.09 23.83
C LEU F 101 9.65 3.64 23.98
N LEU F 102 8.63 3.40 24.77
CA LEU F 102 8.28 2.02 25.13
C LEU F 102 7.58 1.29 23.95
N LEU F 103 6.96 2.07 23.08
CA LEU F 103 6.33 1.52 21.94
C LEU F 103 7.42 1.06 20.93
N GLY F 104 8.51 1.82 20.81
CA GLY F 104 9.49 1.49 19.81
C GLY F 104 10.53 0.51 20.28
N GLU F 105 10.59 0.33 21.61
CA GLU F 105 11.68 -0.43 22.25
C GLU F 105 11.99 -1.80 21.59
N ARG F 106 11.00 -2.70 21.64
CA ARG F 106 11.18 -4.07 21.18
C ARG F 106 11.58 -4.18 19.67
N VAL F 107 10.92 -3.43 18.82
CA VAL F 107 11.21 -3.44 17.39
C VAL F 107 12.62 -2.92 17.13
N ALA F 108 12.96 -1.80 17.79
CA ALA F 108 14.29 -1.21 17.63
C ALA F 108 15.34 -2.17 18.13
N LEU F 109 15.10 -2.85 19.26
CA LEU F 109 16.09 -3.79 19.77
C LEU F 109 16.19 -5.02 18.88
N ASN F 110 15.04 -5.49 18.40
CA ASN F 110 15.02 -6.61 17.51
C ASN F 110 15.83 -6.33 16.26
N THR F 111 15.71 -5.12 15.72
CA THR F 111 16.36 -4.81 14.48
C THR F 111 17.87 -4.73 14.79
N LEU F 112 18.24 -4.04 15.86
CA LEU F 112 19.67 -3.79 16.14
C LEU F 112 20.35 -5.13 16.48
N ALA F 113 19.65 -5.97 17.23
CA ALA F 113 20.17 -7.30 17.56
C ALA F 113 20.55 -8.15 16.34
N ARG F 114 19.67 -8.21 15.36
CA ARG F 114 19.90 -9.09 14.22
C ARG F 114 20.92 -8.47 13.30
N CYS F 115 20.81 -7.16 13.08
CA CYS F 115 21.78 -6.48 12.20
C CYS F 115 23.20 -6.67 12.77
N SER F 116 23.33 -6.45 14.09
CA SER F 116 24.56 -6.60 14.83
C SER F 116 25.01 -8.07 14.86
N GLY F 117 24.07 -9.00 15.06
CA GLY F 117 24.40 -10.43 14.97
C GLY F 117 25.10 -10.80 13.67
N ILE F 118 24.55 -10.30 12.55
CA ILE F 118 25.08 -10.58 11.24
C ILE F 118 26.41 -9.90 11.03
N ALA F 119 26.49 -8.62 11.36
CA ALA F 119 27.74 -7.92 11.25
C ALA F 119 28.86 -8.62 12.06
N SER F 120 28.54 -9.13 13.26
CA SER F 120 29.51 -9.82 14.09
C SER F 120 30.02 -11.09 13.40
N ALA F 121 29.10 -11.89 12.82
CA ALA F 121 29.50 -13.13 12.13
C ALA F 121 30.36 -12.80 10.92
N ALA F 122 29.96 -11.77 10.21
CA ALA F 122 30.74 -11.28 9.08
C ALA F 122 32.16 -10.88 9.50
N ALA F 123 32.28 -10.13 10.61
CA ALA F 123 33.60 -9.62 11.03
C ALA F 123 34.49 -10.78 11.49
N ALA F 124 33.88 -11.77 12.15
CA ALA F 124 34.61 -12.93 12.58
C ALA F 124 35.14 -13.67 11.33
N ALA F 125 34.30 -13.83 10.32
CA ALA F 125 34.74 -14.45 9.09
C ALA F 125 35.85 -13.64 8.40
N VAL F 126 35.69 -12.32 8.30
CA VAL F 126 36.73 -11.49 7.71
C VAL F 126 38.07 -11.68 8.44
N GLU F 127 37.99 -11.74 9.78
CA GLU F 127 39.15 -11.87 10.68
C GLU F 127 39.88 -13.20 10.44
N ALA F 128 39.12 -14.28 10.40
CA ALA F 128 39.68 -15.59 10.17
C ALA F 128 40.35 -15.70 8.79
N ALA F 129 39.81 -15.00 7.78
CA ALA F 129 40.41 -14.98 6.45
C ALA F 129 41.68 -14.17 6.45
N ARG F 130 41.64 -12.98 7.07
CA ARG F 130 42.83 -12.11 7.10
C ARG F 130 43.98 -12.88 7.79
N GLY F 131 43.67 -13.55 8.91
CA GLY F 131 44.62 -14.34 9.66
C GLY F 131 45.18 -15.54 8.88
N ALA F 132 44.49 -15.97 7.84
CA ALA F 132 45.02 -17.05 7.02
C ALA F 132 45.67 -16.49 5.78
N GLY F 133 45.96 -15.20 5.78
CA GLY F 133 46.66 -14.52 4.67
C GLY F 133 45.85 -14.18 3.43
N TRP F 134 44.55 -14.33 3.48
CA TRP F 134 43.69 -14.17 2.29
C TRP F 134 43.17 -12.74 2.10
N THR F 135 43.25 -12.22 0.88
CA THR F 135 42.88 -10.82 0.57
C THR F 135 41.46 -10.63 -0.04
N GLY F 136 40.84 -11.70 -0.52
CA GLY F 136 39.58 -11.56 -1.24
C GLY F 136 38.36 -11.13 -0.44
N HIS F 137 37.19 -11.21 -1.08
CA HIS F 137 35.93 -10.80 -0.46
C HIS F 137 35.20 -11.94 0.23
N VAL F 138 34.97 -11.80 1.52
CA VAL F 138 33.99 -12.62 2.18
C VAL F 138 32.61 -12.05 1.83
N ALA F 139 31.67 -12.91 1.41
CA ALA F 139 30.39 -12.43 0.92
C ALA F 139 29.19 -13.22 1.44
N GLY F 140 28.03 -12.58 1.38
CA GLY F 140 26.80 -13.22 1.83
C GLY F 140 26.14 -13.87 0.63
N THR F 141 24.84 -14.14 0.74
CA THR F 141 24.14 -14.85 -0.31
C THR F 141 22.75 -14.25 -0.36
N ARG F 142 21.83 -14.93 -1.03
CA ARG F 142 20.41 -14.52 -0.97
C ARG F 142 19.63 -15.31 0.09
N LYS F 143 20.36 -15.99 0.96
CA LYS F 143 19.74 -16.76 2.00
C LYS F 143 19.43 -15.85 3.18
N THR F 144 18.48 -14.96 2.95
CA THR F 144 18.15 -13.90 3.89
C THR F 144 16.72 -14.08 4.40
N THR F 145 16.36 -13.49 5.55
CA THR F 145 14.98 -13.59 6.01
C THR F 145 14.09 -12.76 5.08
N PRO F 146 13.06 -13.37 4.49
CA PRO F 146 12.20 -12.60 3.54
C PRO F 146 11.63 -11.34 4.19
N GLY F 147 11.65 -10.23 3.45
CA GLY F 147 11.15 -8.96 3.95
C GLY F 147 12.17 -8.15 4.76
N PHE F 148 13.30 -8.78 5.05
CA PHE F 148 14.28 -8.18 5.91
C PHE F 148 15.63 -8.08 5.24
N ARG F 149 15.67 -8.30 3.93
CA ARG F 149 16.95 -8.33 3.25
C ARG F 149 17.80 -7.06 3.48
N LEU F 150 17.13 -5.92 3.56
CA LEU F 150 17.87 -4.63 3.56
C LEU F 150 18.73 -4.52 4.81
N VAL F 151 18.19 -4.98 5.93
CA VAL F 151 18.89 -4.94 7.20
C VAL F 151 20.02 -5.97 7.25
N GLU F 152 19.80 -7.14 6.65
CA GLU F 152 20.75 -8.24 6.64
C GLU F 152 21.92 -7.97 5.72
N LYS F 153 21.67 -7.49 4.49
CA LYS F 153 22.77 -7.12 3.59
C LYS F 153 23.57 -5.95 4.17
N TYR F 154 22.87 -4.98 4.77
CA TYR F 154 23.57 -3.85 5.38
C TYR F 154 24.48 -4.31 6.56
N GLY F 155 23.99 -5.27 7.36
CA GLY F 155 24.76 -5.89 8.45
C GLY F 155 26.07 -6.49 7.95
N LEU F 156 25.96 -7.22 6.85
CA LEU F 156 27.13 -7.80 6.19
C LEU F 156 28.17 -6.75 5.92
N LEU F 157 27.72 -5.66 5.33
CA LEU F 157 28.64 -4.62 4.93
C LEU F 157 29.34 -4.02 6.14
N VAL F 158 28.60 -3.76 7.21
CA VAL F 158 29.16 -3.15 8.40
C VAL F 158 30.24 -4.08 8.96
N GLY F 159 30.01 -5.40 8.91
CA GLY F 159 31.02 -6.36 9.37
C GLY F 159 32.23 -6.55 8.44
N GLY F 160 32.28 -5.82 7.33
CA GLY F 160 33.34 -5.91 6.33
C GLY F 160 33.16 -6.98 5.24
N ALA F 161 32.03 -7.66 5.20
CA ALA F 161 31.82 -8.60 4.14
C ALA F 161 31.16 -7.90 2.96
N ALA F 162 31.34 -8.44 1.77
CA ALA F 162 30.54 -7.98 0.65
C ALA F 162 29.15 -8.58 0.76
N SER F 163 28.16 -7.88 0.21
CA SER F 163 26.80 -8.33 0.31
C SER F 163 26.46 -9.40 -0.72
N HIS F 164 27.22 -9.41 -1.82
CA HIS F 164 26.91 -10.18 -3.03
C HIS F 164 25.75 -9.50 -3.70
N ARG F 165 25.25 -10.01 -4.81
CA ARG F 165 24.12 -9.39 -5.47
C ARG F 165 22.99 -9.16 -4.48
N TYR F 166 22.40 -7.96 -4.55
CA TYR F 166 21.30 -7.59 -3.68
C TYR F 166 20.01 -8.39 -3.96
N ASP F 167 19.74 -8.69 -5.22
CA ASP F 167 18.53 -9.37 -5.61
C ASP F 167 18.73 -9.91 -7.03
N LEU F 168 17.68 -10.50 -7.61
CA LEU F 168 17.79 -11.15 -8.93
C LEU F 168 18.07 -10.23 -10.07
N GLY F 169 17.91 -8.93 -9.83
CA GLY F 169 18.21 -7.88 -10.82
C GLY F 169 19.66 -7.43 -10.95
N GLY F 170 20.53 -7.80 -9.99
CA GLY F 170 21.87 -7.25 -9.93
C GLY F 170 22.97 -8.00 -10.68
N LEU F 171 22.67 -9.24 -11.08
CA LEU F 171 23.66 -10.16 -11.63
C LEU F 171 22.72 -11.21 -12.21
N VAL F 172 23.20 -11.95 -13.20
CA VAL F 172 22.57 -13.15 -13.65
C VAL F 172 23.40 -14.31 -13.15
N MET F 173 22.76 -15.19 -12.39
CA MET F 173 23.45 -16.31 -11.80
C MET F 173 22.84 -17.60 -12.33
N VAL F 174 23.65 -18.38 -13.06
CA VAL F 174 23.23 -19.66 -13.61
C VAL F 174 23.56 -20.70 -12.57
N LYS F 175 22.57 -21.46 -12.16
CA LYS F 175 22.76 -22.52 -11.14
C LYS F 175 22.44 -23.88 -11.75
N ASP F 176 22.66 -24.93 -10.96
CA ASP F 176 22.42 -26.31 -11.39
C ASP F 176 21.00 -26.43 -12.00
N ASN F 177 20.02 -25.77 -11.41
CA ASN F 177 18.66 -25.82 -11.94
C ASN F 177 18.53 -25.15 -13.32
N HIS F 178 19.26 -24.08 -13.55
CA HIS F 178 19.24 -23.45 -14.88
C HIS F 178 19.91 -24.34 -15.90
N VAL F 179 21.02 -24.96 -15.50
CA VAL F 179 21.74 -25.93 -16.35
C VAL F 179 20.78 -27.08 -16.74
N VAL F 180 20.13 -27.70 -15.77
CA VAL F 180 19.13 -28.70 -16.10
C VAL F 180 18.05 -28.17 -17.07
N ALA F 181 17.49 -27.00 -16.78
CA ALA F 181 16.36 -26.56 -17.58
C ALA F 181 16.79 -26.19 -19.01
N ALA F 182 18.04 -25.76 -19.19
CA ALA F 182 18.49 -25.33 -20.50
C ALA F 182 19.02 -26.49 -21.30
N GLY F 183 19.26 -27.62 -20.62
CA GLY F 183 19.80 -28.80 -21.26
C GLY F 183 21.32 -28.97 -21.28
N GLY F 184 22.05 -28.18 -20.49
CA GLY F 184 23.52 -28.29 -20.44
C GLY F 184 24.23 -26.98 -20.17
N VAL F 185 25.44 -27.08 -19.62
CA VAL F 185 26.18 -25.91 -19.21
C VAL F 185 26.36 -24.84 -20.29
N GLU F 186 26.82 -25.25 -21.47
CA GLU F 186 27.08 -24.29 -22.56
C GLU F 186 25.78 -23.58 -23.03
N LYS F 187 24.70 -24.33 -23.21
CA LYS F 187 23.42 -23.72 -23.60
C LYS F 187 22.89 -22.72 -22.56
N ALA F 188 23.02 -23.04 -21.27
CA ALA F 188 22.63 -22.15 -20.17
C ALA F 188 23.43 -20.87 -20.19
N VAL F 189 24.76 -21.00 -20.26
CA VAL F 189 25.61 -19.81 -20.25
C VAL F 189 25.43 -18.96 -21.50
N ARG F 190 25.34 -19.59 -22.66
CA ARG F 190 25.15 -18.80 -23.87
C ARG F 190 23.79 -18.07 -23.77
N ALA F 191 22.75 -18.77 -23.30
CA ALA F 191 21.44 -18.14 -23.12
C ALA F 191 21.49 -16.99 -22.10
N ALA F 192 22.24 -17.21 -21.00
CA ALA F 192 22.39 -16.18 -19.95
C ALA F 192 23.05 -14.94 -20.49
N ARG F 193 24.13 -15.13 -21.27
CA ARG F 193 24.89 -14.05 -21.82
C ARG F 193 24.04 -13.28 -22.85
N GLN F 194 23.29 -14.00 -23.70
CA GLN F 194 22.48 -13.37 -24.78
C GLN F 194 21.32 -12.61 -24.15
N ALA F 195 20.70 -13.22 -23.14
CA ALA F 195 19.60 -12.58 -22.41
C ALA F 195 20.00 -11.36 -21.54
N ALA F 196 21.00 -11.51 -20.68
CA ALA F 196 21.41 -10.43 -19.80
C ALA F 196 21.78 -9.16 -20.57
N ASP F 197 21.24 -8.04 -20.13
CA ASP F 197 21.76 -6.73 -20.55
C ASP F 197 23.30 -6.68 -20.43
N PHE F 198 23.94 -5.96 -21.36
CA PHE F 198 25.40 -5.88 -21.42
C PHE F 198 25.99 -5.31 -20.12
N THR F 199 25.19 -4.57 -19.36
CA THR F 199 25.66 -3.97 -18.12
C THR F 199 25.81 -4.99 -16.99
N LEU F 200 25.18 -6.14 -17.13
CA LEU F 200 25.25 -7.17 -16.11
C LEU F 200 26.35 -8.24 -16.33
N LYS F 201 26.87 -8.78 -15.23
CA LYS F 201 27.79 -9.88 -15.26
C LYS F 201 26.95 -11.13 -15.19
N VAL F 202 27.56 -12.25 -15.65
CA VAL F 202 27.02 -13.59 -15.56
C VAL F 202 27.96 -14.45 -14.70
N GLU F 203 27.40 -15.14 -13.70
CA GLU F 203 28.13 -16.03 -12.84
C GLU F 203 27.50 -17.39 -12.95
N VAL F 204 28.30 -18.44 -12.91
CA VAL F 204 27.83 -19.78 -13.16
C VAL F 204 28.27 -20.73 -12.03
N GLU F 205 27.30 -21.27 -11.32
CA GLU F 205 27.55 -22.31 -10.31
C GLU F 205 28.06 -23.61 -10.98
N CYS F 206 29.24 -24.08 -10.60
CA CYS F 206 29.84 -25.27 -11.23
C CYS F 206 30.23 -26.30 -10.17
N SER F 207 29.87 -27.55 -10.37
CA SER F 207 30.19 -28.58 -9.37
C SER F 207 31.43 -29.40 -9.74
N SER F 208 32.05 -29.11 -10.89
CA SER F 208 33.29 -29.79 -11.27
C SER F 208 34.19 -28.87 -12.11
N LEU F 209 35.45 -29.26 -12.26
CA LEU F 209 36.35 -28.54 -13.15
C LEU F 209 35.97 -28.54 -14.65
N GLN F 210 35.39 -29.63 -15.16
CA GLN F 210 34.90 -29.67 -16.53
C GLN F 210 33.83 -28.58 -16.70
N GLU F 211 32.82 -28.52 -15.81
CA GLU F 211 31.80 -27.44 -15.89
C GLU F 211 32.46 -26.06 -15.89
N ALA F 212 33.36 -25.82 -14.93
CA ALA F 212 33.99 -24.52 -14.85
C ALA F 212 34.67 -24.10 -16.16
N VAL F 213 35.37 -25.04 -16.80
CA VAL F 213 36.01 -24.74 -18.07
C VAL F 213 34.97 -24.42 -19.16
N GLN F 214 33.91 -25.22 -19.24
CA GLN F 214 32.84 -24.95 -20.20
C GLN F 214 32.20 -23.57 -19.96
N ALA F 215 31.96 -23.23 -18.68
CA ALA F 215 31.37 -21.92 -18.33
C ALA F 215 32.29 -20.75 -18.70
N ALA F 216 33.58 -20.91 -18.43
CA ALA F 216 34.55 -19.86 -18.76
C ALA F 216 34.68 -19.67 -20.26
N GLU F 217 34.67 -20.79 -20.99
CA GLU F 217 34.67 -20.78 -22.46
C GLU F 217 33.43 -20.14 -23.06
N ALA F 218 32.28 -20.36 -22.44
CA ALA F 218 31.05 -19.79 -22.98
C ALA F 218 30.83 -18.33 -22.57
N GLY F 219 31.77 -17.76 -21.80
CA GLY F 219 31.72 -16.32 -21.51
C GLY F 219 31.36 -15.85 -20.10
N ALA F 220 31.31 -16.74 -19.11
CA ALA F 220 31.11 -16.37 -17.70
C ALA F 220 32.11 -15.32 -17.23
N ASP F 221 31.64 -14.37 -16.44
CA ASP F 221 32.51 -13.41 -15.79
C ASP F 221 33.01 -14.02 -14.49
N LEU F 222 32.17 -14.84 -13.85
CA LEU F 222 32.50 -15.42 -12.57
C LEU F 222 32.12 -16.85 -12.63
N VAL F 223 32.93 -17.67 -11.99
CA VAL F 223 32.60 -19.05 -11.81
C VAL F 223 32.54 -19.33 -10.32
N LEU F 224 31.45 -19.94 -9.89
CA LEU F 224 31.30 -20.28 -8.49
C LEU F 224 31.46 -21.77 -8.35
N LEU F 225 32.51 -22.17 -7.66
CA LEU F 225 32.80 -23.58 -7.41
C LEU F 225 32.03 -23.99 -6.18
N ASP F 226 31.00 -24.80 -6.41
CA ASP F 226 30.01 -25.13 -5.42
C ASP F 226 30.31 -26.46 -4.76
N ASN F 227 30.40 -26.47 -3.45
CA ASN F 227 30.47 -27.73 -2.65
C ASN F 227 31.67 -28.63 -2.91
N PHE F 228 32.80 -28.01 -3.19
CA PHE F 228 34.05 -28.70 -3.33
C PHE F 228 34.62 -28.95 -1.95
N LYS F 229 35.28 -30.09 -1.76
CA LYS F 229 36.13 -30.25 -0.59
C LYS F 229 37.39 -29.39 -0.91
N PRO F 230 37.95 -28.70 0.10
CA PRO F 230 39.12 -27.83 -0.17
C PRO F 230 40.24 -28.46 -1.01
N GLU F 231 40.52 -29.77 -0.78
CA GLU F 231 41.57 -30.51 -1.52
C GLU F 231 41.33 -30.52 -3.03
N GLU F 232 40.07 -30.63 -3.46
CA GLU F 232 39.70 -30.51 -4.90
C GLU F 232 39.56 -29.04 -5.36
N LEU F 233 39.14 -28.18 -4.43
CA LEU F 233 38.89 -26.77 -4.74
C LEU F 233 40.10 -26.02 -5.28
N HIS F 234 41.20 -26.11 -4.55
CA HIS F 234 42.39 -25.31 -4.92
C HIS F 234 43.07 -25.67 -6.23
N PRO F 235 43.22 -26.98 -6.51
CA PRO F 235 43.76 -27.34 -7.84
C PRO F 235 42.82 -26.84 -8.94
N THR F 236 41.51 -27.00 -8.73
CA THR F 236 40.53 -26.57 -9.71
C THR F 236 40.68 -25.06 -9.98
N ALA F 237 40.72 -24.27 -8.90
CA ALA F 237 40.85 -22.82 -9.06
C ALA F 237 42.13 -22.43 -9.78
N THR F 238 43.21 -23.14 -9.46
CA THR F 238 44.54 -22.90 -10.03
C THR F 238 44.58 -23.09 -11.53
N VAL F 239 44.04 -24.21 -11.98
CA VAL F 239 43.91 -24.45 -13.41
C VAL F 239 43.14 -23.38 -14.10
N LEU F 240 41.95 -23.12 -13.56
CA LEU F 240 41.02 -22.14 -14.09
C LEU F 240 41.70 -20.79 -14.25
N LYS F 241 42.37 -20.33 -13.19
CA LYS F 241 43.02 -19.02 -13.26
C LYS F 241 44.13 -18.98 -14.30
N ALA F 242 44.77 -20.13 -14.49
CA ALA F 242 45.88 -20.24 -15.40
C ALA F 242 45.43 -20.16 -16.85
N GLN F 243 44.36 -20.88 -17.19
CA GLN F 243 43.73 -20.79 -18.50
C GLN F 243 42.85 -19.53 -18.75
N PHE F 244 42.24 -19.00 -17.68
CA PHE F 244 41.22 -17.93 -17.81
C PHE F 244 41.44 -16.90 -16.73
N PRO F 245 42.49 -16.09 -16.89
CA PRO F 245 42.80 -15.18 -15.80
C PRO F 245 41.76 -14.03 -15.69
N SER F 246 40.94 -13.82 -16.72
CA SER F 246 39.81 -12.84 -16.67
C SER F 246 38.65 -13.19 -15.72
N VAL F 247 38.50 -14.48 -15.46
CA VAL F 247 37.36 -15.02 -14.78
C VAL F 247 37.55 -15.01 -13.26
N ALA F 248 36.61 -14.39 -12.54
CA ALA F 248 36.76 -14.35 -11.11
C ALA F 248 36.25 -15.66 -10.54
N VAL F 249 36.82 -16.10 -9.42
CA VAL F 249 36.46 -17.38 -8.87
C VAL F 249 35.92 -17.23 -7.46
N GLU F 250 34.75 -17.82 -7.25
CA GLU F 250 34.06 -17.76 -5.99
C GLU F 250 33.89 -19.16 -5.47
N ALA F 251 34.13 -19.34 -4.18
CA ALA F 251 33.86 -20.64 -3.54
C ALA F 251 32.66 -20.52 -2.63
N SER F 252 31.85 -21.57 -2.57
CA SER F 252 30.68 -21.59 -1.74
C SER F 252 30.16 -23.00 -1.51
N GLY F 253 29.52 -23.20 -0.36
CA GLY F 253 28.84 -24.46 -0.02
C GLY F 253 29.47 -25.09 1.21
N GLY F 254 28.74 -25.05 2.33
CA GLY F 254 29.16 -25.67 3.57
C GLY F 254 30.36 -25.00 4.18
N ILE F 255 30.62 -23.73 3.82
CA ILE F 255 31.73 -22.99 4.39
C ILE F 255 31.29 -22.40 5.72
N THR F 256 32.06 -22.66 6.77
CA THR F 256 31.76 -22.22 8.13
C THR F 256 32.92 -21.37 8.67
N LEU F 257 32.71 -20.78 9.84
CA LEU F 257 33.75 -19.96 10.43
C LEU F 257 34.94 -20.86 10.77
N ASP F 258 34.63 -22.07 11.24
CA ASP F 258 35.64 -23.05 11.55
C ASP F 258 36.49 -23.53 10.35
N ASN F 259 35.86 -23.97 9.26
CA ASN F 259 36.61 -24.45 8.09
C ASN F 259 37.06 -23.35 7.10
N LEU F 260 36.67 -22.10 7.32
CA LEU F 260 36.94 -21.07 6.33
C LEU F 260 38.42 -20.93 5.89
N PRO F 261 39.39 -21.10 6.84
CA PRO F 261 40.80 -20.95 6.42
C PRO F 261 41.25 -21.99 5.38
N GLN F 262 40.68 -23.18 5.45
CA GLN F 262 40.94 -24.19 4.42
C GLN F 262 40.42 -23.81 3.01
N PHE F 263 39.37 -22.99 2.96
CA PHE F 263 38.81 -22.55 1.69
C PHE F 263 39.53 -21.36 1.09
N CYS F 264 40.25 -20.59 1.89
CA CYS F 264 41.08 -19.49 1.37
C CYS F 264 42.28 -20.02 0.55
N GLY F 265 42.57 -19.36 -0.55
CA GLY F 265 43.63 -19.77 -1.44
C GLY F 265 43.93 -18.61 -2.35
N PRO F 266 45.14 -18.61 -2.96
CA PRO F 266 45.52 -17.46 -3.81
C PRO F 266 44.66 -17.34 -5.07
N HIS F 267 43.95 -18.40 -5.46
CA HIS F 267 43.17 -18.32 -6.69
C HIS F 267 41.66 -18.25 -6.48
N ILE F 268 41.27 -18.04 -5.22
CA ILE F 268 39.88 -17.77 -4.88
C ILE F 268 39.70 -16.26 -4.67
N ASP F 269 38.79 -15.65 -5.39
CA ASP F 269 38.55 -14.21 -5.24
C ASP F 269 37.46 -13.87 -4.22
N VAL F 270 36.48 -14.77 -4.05
CA VAL F 270 35.30 -14.52 -3.24
C VAL F 270 34.91 -15.77 -2.53
N ILE F 271 34.59 -15.65 -1.25
CA ILE F 271 34.07 -16.78 -0.48
C ILE F 271 32.72 -16.37 0.13
N SER F 272 31.67 -17.11 -0.18
CA SER F 272 30.35 -16.69 0.25
C SER F 272 29.79 -17.74 1.19
N MET F 273 29.13 -17.26 2.24
CA MET F 273 28.68 -18.10 3.33
C MET F 273 27.21 -17.87 3.72
N GLY F 274 26.41 -18.90 3.51
CA GLY F 274 25.02 -18.93 4.01
C GLY F 274 24.90 -18.65 5.50
N MET F 275 25.87 -19.13 6.26
CA MET F 275 25.81 -19.03 7.72
C MET F 275 25.80 -17.62 8.26
N LEU F 276 26.42 -16.71 7.53
CA LEU F 276 26.51 -15.30 7.94
C LEU F 276 25.15 -14.64 8.12
N THR F 277 24.15 -15.09 7.35
CA THR F 277 22.75 -14.68 7.53
C THR F 277 21.82 -15.78 8.10
N GLN F 278 22.04 -17.07 7.84
CA GLN F 278 21.11 -18.09 8.33
C GLN F 278 21.35 -18.56 9.73
N ALA F 279 22.58 -18.39 10.22
CA ALA F 279 22.94 -18.93 11.52
C ALA F 279 23.77 -17.92 12.36
N ALA F 280 23.51 -16.63 12.19
CA ALA F 280 24.14 -15.65 13.06
C ALA F 280 23.18 -15.36 14.23
N PRO F 281 23.52 -15.78 15.45
CA PRO F 281 22.63 -15.42 16.60
C PRO F 281 22.59 -13.90 16.84
N ALA F 282 21.42 -13.42 17.22
CA ALA F 282 21.22 -12.02 17.52
C ALA F 282 22.03 -11.63 18.76
N LEU F 283 22.57 -10.42 18.81
CA LEU F 283 23.22 -9.94 20.01
C LEU F 283 22.18 -9.52 21.02
N ASP F 284 22.58 -9.47 22.28
CA ASP F 284 21.71 -9.12 23.40
C ASP F 284 21.86 -7.62 23.71
N PHE F 285 20.78 -6.87 23.46
CA PHE F 285 20.73 -5.47 23.83
C PHE F 285 19.56 -5.20 24.77
N SER F 286 19.68 -4.18 25.62
CA SER F 286 18.49 -3.79 26.35
C SER F 286 18.35 -2.28 26.28
N LEU F 287 17.15 -1.78 26.58
CA LEU F 287 16.90 -0.34 26.64
C LEU F 287 16.21 -0.02 27.98
N LYS F 288 16.99 0.53 28.93
CA LYS F 288 16.50 0.68 30.31
C LYS F 288 16.19 2.17 30.54
N LEU F 289 14.93 2.46 30.79
CA LEU F 289 14.47 3.81 31.17
C LEU F 289 15.10 4.23 32.51
N PHE F 290 15.64 5.45 32.59
CA PHE F 290 16.31 5.94 33.83
C PHE F 290 16.03 7.43 33.88
#